data_8ZWB
#
_entry.id   8ZWB
#
_cell.length_a   1.00
_cell.length_b   1.00
_cell.length_c   1.00
_cell.angle_alpha   90.00
_cell.angle_beta   90.00
_cell.angle_gamma   90.00
#
_symmetry.space_group_name_H-M   'P 1'
#
loop_
_entity.id
_entity.type
_entity.pdbx_description
1 polymer 'Photosystem I P700 chlorophyll a apoprotein A1'
2 polymer 'Photosystem I P700 chlorophyll a apoprotein A2'
3 polymer 'Photosystem I reaction center subunit III'
4 polymer 'Photosystem I reaction center subunit VIII'
5 polymer 'Photosystem I reaction center subunit IX'
6 polymer 'Photosystem I reaction center subunit PsaK 1'
7 polymer 'Photosystem I reaction center subunit XII'
8 non-polymer 1,2-DIPALMITOYL-PHOSPHATIDYL-GLYCEROLE
9 non-polymer 'CHLOROPHYLL A ISOMER'
10 non-polymer 'CHLOROPHYLL A'
11 non-polymer PHYLLOQUINONE
12 non-polymer BETA-CAROTENE
13 non-polymer beta,beta-caroten-4-one
14 non-polymer 1,2-DISTEAROYL-MONOGALACTOSYL-DIGLYCERIDE
15 non-polymer DODECYL-BETA-D-MALTOSIDE
16 non-polymer 'CHLORIDE ION'
17 non-polymer 'IRON/SULFUR CLUSTER'
18 non-polymer Zeaxanthin
19 water water
#
loop_
_entity_poly.entity_id
_entity_poly.type
_entity_poly.pdbx_seq_one_letter_code
_entity_poly.pdbx_strand_id
1 'polypeptide(L)'
;MTISPPEREAKAKVSVDNNPVPTSFEKWGKPGHFDRTLARGPKTTTWIWNLHANAHDFDSQTSDLEDVSRKIFSAHFGHL
AVVFVWLSGMYFHGAKFSNYEGWLADPTHIKPSAQVVWPIVGQGILNGDVGGGFHGIQITSGLFYLWRASGFTDSYQLYC
TAIGGLVMAALMLFAGWFHYHVKAPKLEWFQNVESMMNHHLAGLLGLGSLGWAGHQIHVSMPINKLLDAGVAPKDIPLPH
EFILEPSKMAELYPSFAQGLTPFFTLNWGVYSDFLTFKGGLNPVTGGLWLSDTAHHHLAIAVLFIIAGHMYRTNWGIGHS
MKEILEAHKGPFTGEGHKGLYEILTTSWHAQLAINLALLGSLTIIVAQHMYAMPPYPYQAIDYATQLSLFTHHMWIGGFL
IVGAGAHGAIFMVRDYDPAKNVNNLLDRMLRHRDAIISHLNWVCIFLGFHSFGLYIHNDTMRALGRPQDMFSDTAIQLQP
IFAQWVQHLHTLAPGATAPNALATASYAFGGETIAVAGKVAMMPITLGTADFMVHHIHAFTIHVTALILLKGVLYARSSR
LVPDKANLGFRFPCDGPGRGGTCQVSGWDHVFLGLFWMYNSLSIVIFHFSWKMQSDVWGTVSPDGSVTHVTLGNFAQSAI
TINGWLRDFLWAQAANVINSYGSALSAYGIMFLAGHFVFAFSLMFLFSGRGYWQELIESIVWAHNKLNVAPAIQPRALSI
IQGRAVGVAHYLLGGIVTTWAFFLARSLSIG
;
A
2 'polypeptide(L)'
;MATKFPKFSQDLAQDPTTRRIWYGIATAHDFETHDGMTEENLYQKIFASHFGHIAIIFLWTSGTLFHVAWQGNFEQWIKD
PLNIRPIAHAIWDPHFGEGAVNAFTQAGASNPVNIAYSGVYHWFYTIGMTTNQELYSGAVFLLVLASLFLFAGWLHLQPK
FRPSLAWFKNAESRLNHHLAGLFGVSSLAWAGHLVHVAIPEARGQHVGWDNFLSTPPHPAGLMPFFTGNWGVYAADPDTA
GHIFGTSEGAGTAILTFLGGFHPQTESLWLTDIAHHHLAIAVIFIIAGHMYRTNWGIGHSIKEILNAHKGPLTGAGHTNL
YDTINNSLHFQLGLALASLGVITSLVAQHMYSLPSYAFIAQDHTTQAALYTHHQYIAGFLMVGAFAHGAIFFVRDYDPVA
NKDNVLARMLEHKEALISHLSWVSLFLGFHTLGLYVHNDVVVAFGTPEKQILIEPVFAQWIQATSGKALYGFDVLLSNPD
SIASTTGAAWLPGWLDAINSGTNSLFLTIGPGDFLVHHAIALGLHTTALILIKGALDARGSKLMPDKKDFGYSFPCDGPG
RGGTCDISAWDAFYLAMFWMLNTLGWLTFYWHWKHLGVWSGNVAQFNENSTYLMGWFRDYLWANSAQLINGYNPYGVNNL
SVWAWMFLFGHLVWATGFMFLISWRGYWQELIETIVWAHERTPLANLVRWKDKPVALSIVQARLVGLAHFTVGYVLTYAA
FLIASTAGKFG
;
B
3 'polypeptide(L)'
;MKHLLALLLAFTLWFNFAPSASADDFANLTPCSENPAYLAKSKNFLNTTNDPNSGKIRAERYASALCGPEGYPHLIVDGR
FTHAGDFLIPSILFLYIAGWIGWVGRSYLIEIRESKNPEMQEVVINVPLAIKKMLGGFLWPLAAVGEYTSGKLVMKDSEI
PTSPR
;
F
4 'polypeptide(L)' MDGSYAASYLPWILIPMVGWLFPAVTMGLLFIHIESEGEG I
5 'polypeptide(L)' MDGLKSFLSTAPVMIMALLTFTAGILIEFNRFYPDLLFHP J
6 'polypeptide(L)'
;MHSFLLATAVPATLSWSPKVAGVMIACNILAIAFGKLTIKQQNVGTPMPSSNFFGGFGLGAVLGTASFGHILGAGVILGL
ANMGVL
;
K
7 'polypeptide(L)' MALSDTQILAALVVALLPAFLAFRLSTELYK M
#
# COMPACT_ATOMS: atom_id res chain seq x y z
N LYS A 13 5.32 -27.67 48.46
CA LYS A 13 4.96 -27.32 47.10
C LYS A 13 4.23 -25.98 47.06
N VAL A 14 3.02 -25.97 47.62
CA VAL A 14 2.20 -24.76 47.63
C VAL A 14 2.75 -23.81 48.69
N SER A 15 3.01 -22.57 48.27
CA SER A 15 3.50 -21.54 49.19
C SER A 15 3.07 -20.19 48.64
N VAL A 16 2.35 -19.41 49.45
CA VAL A 16 1.80 -18.13 49.04
C VAL A 16 2.09 -17.10 50.13
N ASP A 17 1.90 -15.84 49.78
CA ASP A 17 1.96 -14.73 50.72
C ASP A 17 0.57 -14.12 50.85
N ASN A 18 0.18 -13.81 52.08
CA ASN A 18 -1.18 -13.35 52.37
C ASN A 18 -1.28 -11.84 52.24
N ASN A 19 -2.27 -11.39 51.48
CA ASN A 19 -2.58 -9.97 51.33
C ASN A 19 -1.34 -9.12 51.06
N PRO A 20 -0.62 -9.38 49.97
CA PRO A 20 0.58 -8.58 49.68
C PRO A 20 0.25 -7.21 49.11
N VAL A 21 -0.86 -7.10 48.38
CA VAL A 21 -1.22 -5.85 47.71
C VAL A 21 -2.63 -5.45 48.12
N PRO A 22 -2.79 -4.36 48.89
CA PRO A 22 -4.14 -3.90 49.23
C PRO A 22 -4.95 -3.56 47.99
N THR A 23 -6.25 -3.83 48.05
CA THR A 23 -7.17 -3.51 46.97
C THR A 23 -7.69 -2.09 47.20
N SER A 24 -7.32 -1.17 46.30
CA SER A 24 -7.67 0.22 46.45
C SER A 24 -7.73 0.88 45.07
N PHE A 25 -8.68 1.80 44.91
CA PHE A 25 -8.85 2.53 43.67
C PHE A 25 -7.92 3.73 43.54
N GLU A 26 -7.06 3.97 44.53
CA GLU A 26 -6.26 5.19 44.53
C GLU A 26 -5.39 5.30 43.28
N LYS A 27 -4.73 4.19 42.91
CA LYS A 27 -3.83 4.21 41.75
C LYS A 27 -4.58 4.20 40.42
N TRP A 28 -5.88 3.92 40.42
CA TRP A 28 -6.62 3.95 39.16
C TRP A 28 -6.64 5.35 38.57
N GLY A 29 -6.76 6.37 39.40
CA GLY A 29 -6.84 7.73 38.94
C GLY A 29 -5.48 8.41 38.84
N LYS A 30 -4.41 7.61 38.85
CA LYS A 30 -3.05 8.12 38.74
C LYS A 30 -2.35 7.37 37.61
N PRO A 31 -2.65 7.72 36.36
CA PRO A 31 -2.06 7.00 35.23
C PRO A 31 -0.54 7.06 35.26
N GLY A 32 0.09 5.96 34.84
CA GLY A 32 1.54 5.87 34.86
C GLY A 32 2.14 5.53 36.20
N HIS A 33 1.32 5.12 37.18
CA HIS A 33 1.84 4.80 38.50
C HIS A 33 2.88 3.69 38.43
N PHE A 34 2.73 2.75 37.50
CA PHE A 34 3.57 1.56 37.46
C PHE A 34 5.02 1.88 37.14
N ASP A 35 5.31 3.04 36.55
CA ASP A 35 6.66 3.42 36.17
C ASP A 35 7.07 4.67 36.93
N ARG A 36 8.28 4.66 37.47
CA ARG A 36 8.74 5.79 38.28
C ARG A 36 8.77 7.08 37.45
N THR A 37 9.29 7.01 36.23
CA THR A 37 9.37 8.21 35.40
C THR A 37 7.98 8.72 35.04
N LEU A 38 7.10 7.82 34.59
CA LEU A 38 5.76 8.24 34.19
C LEU A 38 4.91 8.69 35.38
N ALA A 39 5.21 8.17 36.57
CA ALA A 39 4.39 8.50 37.74
C ALA A 39 4.44 9.98 38.08
N ARG A 40 5.43 10.72 37.57
CA ARG A 40 5.56 12.14 37.87
C ARG A 40 4.63 13.02 37.05
N GLY A 41 3.92 12.46 36.08
CA GLY A 41 2.98 13.21 35.27
C GLY A 41 3.58 13.65 33.96
N PRO A 42 2.73 14.04 33.02
CA PRO A 42 3.21 14.40 31.68
C PRO A 42 3.81 15.80 31.62
N LYS A 43 4.89 15.92 30.88
CA LYS A 43 5.41 17.21 30.42
C LYS A 43 5.26 17.41 28.92
N THR A 44 5.20 16.32 28.16
CA THR A 44 5.02 16.36 26.72
C THR A 44 4.09 15.23 26.32
N THR A 45 3.58 15.30 25.09
CA THR A 45 2.68 14.26 24.62
C THR A 45 3.36 12.90 24.54
N THR A 46 4.69 12.86 24.53
CA THR A 46 5.39 11.58 24.54
C THR A 46 5.02 10.75 25.76
N TRP A 47 4.68 11.41 26.88
CA TRP A 47 4.28 10.70 28.07
C TRP A 47 3.06 9.81 27.82
N ILE A 48 2.11 10.31 27.02
CA ILE A 48 0.89 9.56 26.77
C ILE A 48 1.22 8.25 26.04
N TRP A 49 2.06 8.32 25.01
CA TRP A 49 2.41 7.12 24.27
C TRP A 49 3.20 6.14 25.13
N ASN A 50 4.11 6.65 25.95
CA ASN A 50 4.92 5.77 26.80
C ASN A 50 4.06 5.02 27.80
N LEU A 51 2.98 5.64 28.27
CA LEU A 51 2.13 4.97 29.26
C LEU A 51 1.52 3.69 28.69
N HIS A 52 1.01 3.76 27.46
CA HIS A 52 0.42 2.57 26.87
C HIS A 52 1.48 1.56 26.45
N ALA A 53 2.64 2.03 25.99
CA ALA A 53 3.69 1.13 25.52
C ALA A 53 4.27 0.30 26.66
N ASN A 54 4.42 0.90 27.84
CA ASN A 54 5.08 0.25 28.96
C ASN A 54 4.10 -0.32 29.98
N ALA A 55 2.82 -0.36 29.67
CA ALA A 55 1.83 -0.76 30.66
C ALA A 55 2.08 -2.19 31.15
N HIS A 56 2.35 -3.10 30.22
CA HIS A 56 2.44 -4.52 30.54
C HIS A 56 3.85 -5.06 30.41
N ASP A 57 4.87 -4.19 30.42
CA ASP A 57 6.26 -4.60 30.49
C ASP A 57 6.62 -4.73 31.98
N PHE A 58 6.17 -5.83 32.58
CA PHE A 58 6.25 -5.96 34.03
C PHE A 58 7.70 -5.97 34.52
N ASP A 59 8.59 -6.68 33.82
CA ASP A 59 9.95 -6.82 34.32
C ASP A 59 10.68 -5.48 34.38
N SER A 60 10.25 -4.49 33.60
CA SER A 60 10.81 -3.15 33.71
C SER A 60 10.19 -2.33 34.83
N GLN A 61 9.07 -2.80 35.38
CA GLN A 61 8.40 -2.10 36.47
C GLN A 61 8.92 -2.52 37.84
N THR A 62 9.46 -3.74 37.95
CA THR A 62 10.00 -4.24 39.20
C THR A 62 11.14 -5.21 38.88
N SER A 63 12.18 -5.17 39.70
CA SER A 63 13.35 -6.01 39.49
C SER A 63 13.23 -7.39 40.14
N ASP A 64 12.18 -7.64 40.92
CA ASP A 64 12.02 -8.89 41.63
C ASP A 64 11.29 -9.90 40.75
N LEU A 65 11.91 -11.06 40.53
CA LEU A 65 11.31 -12.09 39.69
C LEU A 65 10.00 -12.58 40.28
N GLU A 66 9.93 -12.72 41.60
CA GLU A 66 8.70 -13.19 42.22
C GLU A 66 7.55 -12.23 41.96
N ASP A 67 7.79 -10.92 42.06
CA ASP A 67 6.75 -9.95 41.79
C ASP A 67 6.34 -9.98 40.33
N VAL A 68 7.30 -10.13 39.42
CA VAL A 68 6.97 -10.21 38.00
C VAL A 68 6.09 -11.42 37.73
N SER A 69 6.44 -12.57 38.31
CA SER A 69 5.66 -13.77 38.08
C SER A 69 4.23 -13.61 38.56
N ARG A 70 4.04 -12.98 39.72
CA ARG A 70 2.70 -12.81 40.27
C ARG A 70 1.84 -11.95 39.35
N LYS A 71 2.39 -10.87 38.80
CA LYS A 71 1.64 -10.07 37.85
C LYS A 71 1.26 -10.87 36.62
N ILE A 72 2.19 -11.68 36.11
CA ILE A 72 1.92 -12.48 34.92
C ILE A 72 0.81 -13.48 35.19
N PHE A 73 0.89 -14.16 36.34
CA PHE A 73 -0.09 -15.21 36.63
C PHE A 73 -1.50 -14.64 36.71
N SER A 74 -1.67 -13.51 37.40
CA SER A 74 -2.98 -12.89 37.48
C SER A 74 -3.37 -12.20 36.19
N ALA A 75 -2.39 -11.64 35.46
CA ALA A 75 -2.69 -11.07 34.15
C ALA A 75 -3.24 -12.13 33.22
N HIS A 76 -2.65 -13.32 33.21
CA HIS A 76 -3.16 -14.39 32.37
C HIS A 76 -4.59 -14.78 32.77
N PHE A 77 -4.93 -14.66 34.06
CA PHE A 77 -6.32 -14.86 34.47
C PHE A 77 -7.24 -13.83 33.81
N GLY A 78 -6.80 -12.58 33.75
CA GLY A 78 -7.61 -11.56 33.09
C GLY A 78 -7.85 -11.86 31.63
N HIS A 79 -6.83 -12.35 30.93
CA HIS A 79 -7.00 -12.69 29.52
C HIS A 79 -8.03 -13.80 29.34
N LEU A 80 -7.99 -14.81 30.21
CA LEU A 80 -8.97 -15.88 30.13
C LEU A 80 -10.39 -15.35 30.32
N ALA A 81 -10.56 -14.40 31.24
CA ALA A 81 -11.88 -13.79 31.42
C ALA A 81 -12.33 -13.09 30.14
N VAL A 82 -11.42 -12.39 29.47
CA VAL A 82 -11.75 -11.74 28.21
C VAL A 82 -12.19 -12.78 27.18
N VAL A 83 -11.46 -13.89 27.09
CA VAL A 83 -11.79 -14.92 26.10
C VAL A 83 -13.15 -15.53 26.40
N PHE A 84 -13.45 -15.77 27.69
CA PHE A 84 -14.74 -16.35 28.05
C PHE A 84 -15.89 -15.40 27.68
N VAL A 85 -15.71 -14.10 27.90
CA VAL A 85 -16.74 -13.14 27.52
C VAL A 85 -16.95 -13.19 26.01
N TRP A 86 -15.86 -13.28 25.24
CA TRP A 86 -15.98 -13.38 23.79
C TRP A 86 -16.71 -14.66 23.39
N LEU A 87 -16.36 -15.78 24.02
CA LEU A 87 -17.07 -17.03 23.74
C LEU A 87 -18.53 -16.93 24.14
N SER A 88 -18.81 -16.34 25.31
CA SER A 88 -20.19 -16.19 25.73
C SER A 88 -20.99 -15.41 24.70
N GLY A 89 -20.41 -14.36 24.13
CA GLY A 89 -21.10 -13.61 23.11
C GLY A 89 -21.47 -14.48 21.92
N MET A 90 -20.51 -15.25 21.41
CA MET A 90 -20.78 -16.07 20.24
C MET A 90 -21.96 -17.00 20.48
N TYR A 91 -22.00 -17.65 21.63
CA TYR A 91 -23.11 -18.53 21.95
C TYR A 91 -24.41 -17.74 22.13
N PHE A 92 -24.32 -16.56 22.76
CA PHE A 92 -25.53 -15.77 22.98
C PHE A 92 -26.15 -15.31 21.67
N HIS A 93 -25.35 -14.70 20.80
CA HIS A 93 -25.89 -14.26 19.51
C HIS A 93 -26.32 -15.44 18.66
N GLY A 94 -25.70 -16.60 18.84
CA GLY A 94 -26.20 -17.81 18.22
C GLY A 94 -27.55 -18.21 18.76
N ALA A 95 -27.78 -18.00 20.06
CA ALA A 95 -29.05 -18.36 20.68
C ALA A 95 -30.15 -17.38 20.37
N LYS A 96 -29.84 -16.09 20.22
CA LYS A 96 -30.85 -15.04 20.16
C LYS A 96 -30.93 -14.33 18.81
N PHE A 97 -29.81 -14.16 18.10
CA PHE A 97 -29.76 -13.38 16.88
C PHE A 97 -29.28 -14.22 15.70
N SER A 98 -29.67 -15.49 15.66
CA SER A 98 -29.21 -16.39 14.62
C SER A 98 -30.35 -17.25 14.10
N ASN A 99 -30.11 -17.86 12.94
CA ASN A 99 -31.03 -18.82 12.34
C ASN A 99 -30.54 -20.24 12.51
N TYR A 100 -29.90 -20.55 13.64
CA TYR A 100 -29.33 -21.87 13.83
C TYR A 100 -30.38 -22.96 13.77
N GLU A 101 -31.53 -22.76 14.43
CA GLU A 101 -32.58 -23.77 14.40
C GLU A 101 -33.10 -23.98 12.99
N GLY A 102 -33.31 -22.89 12.25
CA GLY A 102 -33.73 -23.03 10.86
C GLY A 102 -32.68 -23.72 10.02
N TRP A 103 -31.42 -23.34 10.18
CA TRP A 103 -30.34 -23.98 9.42
C TRP A 103 -30.22 -25.45 9.77
N LEU A 104 -30.35 -25.78 11.06
CA LEU A 104 -30.19 -27.16 11.49
C LEU A 104 -31.19 -28.08 10.80
N ALA A 105 -32.38 -27.59 10.51
CA ALA A 105 -33.40 -28.40 9.86
C ALA A 105 -33.20 -28.52 8.35
N ASP A 106 -32.34 -27.69 7.76
CA ASP A 106 -32.12 -27.71 6.32
C ASP A 106 -30.74 -27.13 6.00
N PRO A 107 -29.66 -27.83 6.38
CA PRO A 107 -28.32 -27.25 6.23
C PRO A 107 -27.89 -27.01 4.79
N THR A 108 -28.49 -27.68 3.81
CA THR A 108 -28.04 -27.59 2.43
C THR A 108 -28.73 -26.47 1.65
N HIS A 109 -29.70 -25.77 2.24
CA HIS A 109 -30.42 -24.71 1.55
C HIS A 109 -30.49 -23.42 2.36
N ILE A 110 -29.84 -23.36 3.52
CA ILE A 110 -29.86 -22.19 4.37
C ILE A 110 -28.42 -21.83 4.72
N LYS A 111 -28.12 -20.54 4.71
CA LYS A 111 -26.77 -20.10 5.01
C LYS A 111 -26.69 -19.57 6.44
N PRO A 112 -25.64 -19.94 7.19
CA PRO A 112 -25.58 -19.51 8.60
C PRO A 112 -25.51 -18.00 8.74
N SER A 113 -26.23 -17.48 9.72
CA SER A 113 -26.23 -16.05 10.03
C SER A 113 -26.45 -15.87 11.52
N ALA A 114 -25.61 -15.07 12.16
CA ALA A 114 -25.71 -14.84 13.60
C ALA A 114 -25.49 -13.39 13.99
N GLN A 115 -25.54 -12.46 13.04
CA GLN A 115 -25.43 -11.03 13.34
C GLN A 115 -26.49 -10.30 12.55
N VAL A 116 -27.33 -9.53 13.23
CA VAL A 116 -28.39 -8.74 12.62
C VAL A 116 -28.17 -7.28 12.98
N VAL A 117 -28.12 -6.43 11.97
CA VAL A 117 -27.83 -5.01 12.17
C VAL A 117 -29.13 -4.25 12.34
N TRP A 118 -29.07 -3.13 13.06
CA TRP A 118 -30.22 -2.28 13.22
C TRP A 118 -30.49 -1.49 11.93
N PRO A 119 -31.75 -1.30 11.54
CA PRO A 119 -32.03 -0.53 10.32
C PRO A 119 -31.87 0.97 10.55
N ILE A 120 -30.66 1.48 10.42
CA ILE A 120 -30.36 2.89 10.61
C ILE A 120 -29.50 3.37 9.44
N VAL A 121 -29.75 4.61 9.00
CA VAL A 121 -29.05 5.23 7.88
C VAL A 121 -28.87 4.25 6.72
N GLY A 122 -29.84 3.36 6.54
CA GLY A 122 -29.82 2.46 5.40
C GLY A 122 -28.89 1.28 5.51
N GLN A 123 -28.24 1.08 6.66
CA GLN A 123 -27.36 -0.07 6.80
C GLN A 123 -28.12 -1.38 6.90
N GLY A 124 -29.44 -1.34 7.02
CA GLY A 124 -30.23 -2.56 7.08
C GLY A 124 -30.09 -3.42 5.83
N ILE A 125 -29.60 -2.85 4.73
CA ILE A 125 -29.36 -3.62 3.52
C ILE A 125 -28.39 -4.77 3.79
N LEU A 126 -27.54 -4.64 4.80
CA LEU A 126 -26.60 -5.71 5.14
C LEU A 126 -27.30 -6.94 5.69
N ASN A 127 -28.58 -6.85 6.05
CA ASN A 127 -29.36 -8.01 6.49
C ASN A 127 -29.87 -8.74 5.25
N GLY A 128 -28.95 -9.44 4.59
CA GLY A 128 -29.29 -10.16 3.39
C GLY A 128 -30.12 -11.40 3.68
N ASP A 129 -30.83 -11.86 2.65
CA ASP A 129 -31.67 -13.04 2.77
C ASP A 129 -30.77 -14.27 2.73
N VAL A 130 -30.66 -14.97 3.85
CA VAL A 130 -29.84 -16.16 3.95
C VAL A 130 -30.67 -17.44 3.84
N GLY A 131 -31.95 -17.32 3.53
CA GLY A 131 -32.81 -18.47 3.39
C GLY A 131 -33.75 -18.64 4.57
N GLY A 132 -34.88 -19.29 4.32
CA GLY A 132 -35.85 -19.52 5.38
C GLY A 132 -36.50 -18.27 5.92
N GLY A 133 -36.44 -17.17 5.19
CA GLY A 133 -37.06 -15.93 5.62
C GLY A 133 -36.24 -15.11 6.59
N PHE A 134 -35.07 -15.59 7.00
CA PHE A 134 -34.22 -14.88 7.95
C PHE A 134 -33.31 -13.90 7.22
N HIS A 135 -33.12 -12.73 7.82
CA HIS A 135 -32.28 -11.69 7.25
C HIS A 135 -31.18 -11.33 8.25
N GLY A 136 -29.94 -11.37 7.79
CA GLY A 136 -28.82 -11.06 8.66
C GLY A 136 -27.52 -11.25 7.91
N ILE A 137 -26.43 -10.92 8.60
CA ILE A 137 -25.09 -11.07 8.04
C ILE A 137 -24.70 -12.54 8.07
N GLN A 138 -24.22 -13.05 6.93
CA GLN A 138 -23.76 -14.43 6.85
C GLN A 138 -22.40 -14.56 7.52
N ILE A 139 -22.28 -15.49 8.44
CA ILE A 139 -21.04 -15.68 9.20
C ILE A 139 -20.18 -16.72 8.51
N THR A 140 -18.86 -16.52 8.61
CA THR A 140 -17.89 -17.45 8.05
C THR A 140 -17.03 -18.11 9.11
N SER A 141 -17.40 -17.97 10.39
CA SER A 141 -16.61 -18.55 11.47
C SER A 141 -16.83 -20.05 11.62
N GLY A 142 -17.87 -20.60 11.01
CA GLY A 142 -18.14 -22.02 11.15
C GLY A 142 -18.76 -22.42 12.47
N LEU A 143 -19.33 -21.47 13.23
CA LEU A 143 -19.89 -21.79 14.53
C LEU A 143 -21.03 -22.80 14.41
N PHE A 144 -21.90 -22.63 13.41
CA PHE A 144 -23.02 -23.55 13.25
C PHE A 144 -22.52 -24.97 13.05
N TYR A 145 -21.47 -25.14 12.26
CA TYR A 145 -20.94 -26.48 12.01
C TYR A 145 -20.34 -27.08 13.27
N LEU A 146 -19.64 -26.26 14.05
CA LEU A 146 -19.12 -26.73 15.33
C LEU A 146 -20.26 -27.10 16.27
N TRP A 147 -21.30 -26.27 16.34
CA TRP A 147 -22.40 -26.53 17.26
C TRP A 147 -23.18 -27.78 16.87
N ARG A 148 -23.38 -28.00 15.56
CA ARG A 148 -24.06 -29.22 15.12
C ARG A 148 -23.25 -30.45 15.51
N ALA A 149 -21.92 -30.41 15.30
CA ALA A 149 -21.09 -31.53 15.70
C ALA A 149 -21.14 -31.74 17.21
N SER A 150 -21.30 -30.67 17.99
CA SER A 150 -21.37 -30.79 19.44
C SER A 150 -22.71 -31.33 19.93
N GLY A 151 -23.73 -31.40 19.08
CA GLY A 151 -25.03 -31.92 19.46
C GLY A 151 -26.07 -30.87 19.79
N PHE A 152 -25.75 -29.58 19.66
CA PHE A 152 -26.75 -28.56 19.93
C PHE A 152 -27.94 -28.70 18.99
N THR A 153 -29.15 -28.60 19.55
CA THR A 153 -30.38 -28.74 18.78
C THR A 153 -31.35 -27.58 18.95
N ASP A 154 -31.27 -26.81 20.04
CA ASP A 154 -32.20 -25.72 20.27
C ASP A 154 -31.46 -24.51 20.83
N SER A 155 -32.12 -23.36 20.75
CA SER A 155 -31.51 -22.12 21.21
C SER A 155 -31.24 -22.13 22.70
N TYR A 156 -32.09 -22.81 23.49
CA TYR A 156 -31.92 -22.80 24.94
C TYR A 156 -30.57 -23.39 25.33
N GLN A 157 -30.15 -24.47 24.68
CA GLN A 157 -28.85 -25.05 24.98
C GLN A 157 -27.73 -24.07 24.72
N LEU A 158 -27.80 -23.34 23.60
CA LEU A 158 -26.81 -22.30 23.33
C LEU A 158 -26.88 -21.20 24.38
N TYR A 159 -28.10 -20.84 24.79
CA TYR A 159 -28.25 -19.80 25.81
C TYR A 159 -27.61 -20.22 27.13
N CYS A 160 -27.81 -21.47 27.53
CA CYS A 160 -27.19 -21.95 28.77
C CYS A 160 -25.68 -21.89 28.68
N THR A 161 -25.12 -22.25 27.52
CA THR A 161 -23.67 -22.18 27.35
C THR A 161 -23.18 -20.73 27.47
N ALA A 162 -23.93 -19.78 26.92
CA ALA A 162 -23.55 -18.38 27.04
C ALA A 162 -23.53 -17.94 28.50
N ILE A 163 -24.54 -18.34 29.27
CA ILE A 163 -24.57 -18.00 30.68
C ILE A 163 -23.39 -18.62 31.41
N GLY A 164 -23.10 -19.89 31.11
CA GLY A 164 -21.96 -20.54 31.74
C GLY A 164 -20.65 -19.82 31.46
N GLY A 165 -20.47 -19.36 30.23
CA GLY A 165 -19.25 -18.64 29.90
C GLY A 165 -19.08 -17.37 30.72
N LEU A 166 -20.18 -16.63 30.93
CA LEU A 166 -20.09 -15.43 31.74
C LEU A 166 -19.75 -15.77 33.19
N VAL A 167 -20.31 -16.86 33.71
CA VAL A 167 -19.94 -17.31 35.06
C VAL A 167 -18.47 -17.65 35.11
N MET A 168 -17.98 -18.37 34.10
CA MET A 168 -16.55 -18.69 34.05
C MET A 168 -15.71 -17.43 33.94
N ALA A 169 -16.16 -16.46 33.13
CA ALA A 169 -15.45 -15.19 33.04
C ALA A 169 -15.36 -14.51 34.40
N ALA A 170 -16.46 -14.51 35.15
CA ALA A 170 -16.45 -13.94 36.49
C ALA A 170 -15.49 -14.69 37.40
N LEU A 171 -15.48 -16.02 37.32
CA LEU A 171 -14.58 -16.81 38.14
C LEU A 171 -13.12 -16.50 37.81
N MET A 172 -12.80 -16.35 36.53
CA MET A 172 -11.43 -16.02 36.15
C MET A 172 -11.00 -14.67 36.73
N LEU A 173 -11.89 -13.67 36.67
CA LEU A 173 -11.56 -12.37 37.24
C LEU A 173 -11.35 -12.48 38.74
N PHE A 174 -12.23 -13.22 39.44
CA PHE A 174 -12.03 -13.41 40.86
C PHE A 174 -10.72 -14.11 41.15
N ALA A 175 -10.40 -15.15 40.38
CA ALA A 175 -9.15 -15.86 40.57
C ALA A 175 -7.95 -14.94 40.35
N GLY A 176 -8.02 -14.10 39.32
CA GLY A 176 -6.93 -13.16 39.08
C GLY A 176 -6.75 -12.19 40.23
N TRP A 177 -7.85 -11.60 40.71
CA TRP A 177 -7.77 -10.72 41.86
C TRP A 177 -7.31 -11.48 43.10
N PHE A 178 -7.87 -12.67 43.33
CA PHE A 178 -7.55 -13.42 44.53
C PHE A 178 -6.07 -13.82 44.56
N HIS A 179 -5.54 -14.27 43.44
CA HIS A 179 -4.17 -14.79 43.40
C HIS A 179 -3.12 -13.69 43.26
N TYR A 180 -3.52 -12.42 43.19
CA TYR A 180 -2.59 -11.30 43.26
C TYR A 180 -2.77 -10.48 44.52
N HIS A 181 -4.00 -10.12 44.87
CA HIS A 181 -4.26 -9.23 45.99
C HIS A 181 -4.45 -9.96 47.32
N VAL A 182 -4.63 -11.29 47.30
CA VAL A 182 -4.93 -12.01 48.54
C VAL A 182 -3.90 -13.12 48.80
N LYS A 183 -3.80 -14.08 47.89
CA LYS A 183 -2.93 -15.25 48.06
C LYS A 183 -2.05 -15.37 46.81
N ALA A 184 -0.87 -14.74 46.85
CA ALA A 184 0.04 -14.73 45.72
C ALA A 184 1.06 -15.84 45.85
N PRO A 185 1.18 -16.74 44.87
CA PRO A 185 2.18 -17.82 44.98
C PRO A 185 3.60 -17.28 45.05
N LYS A 186 4.45 -18.01 45.75
CA LYS A 186 5.86 -17.67 45.84
C LYS A 186 6.59 -18.09 44.56
N LEU A 187 7.81 -17.56 44.40
CA LEU A 187 8.59 -17.86 43.21
C LEU A 187 8.86 -19.35 43.07
N GLU A 188 9.13 -20.04 44.19
CA GLU A 188 9.39 -21.47 44.14
C GLU A 188 8.22 -22.24 43.54
N TRP A 189 6.99 -21.76 43.77
CA TRP A 189 5.83 -22.42 43.18
C TRP A 189 5.87 -22.34 41.66
N PHE A 190 6.20 -21.16 41.11
CA PHE A 190 6.24 -21.02 39.66
C PHE A 190 7.35 -21.85 39.03
N GLN A 191 8.48 -22.01 39.71
CA GLN A 191 9.64 -22.68 39.14
C GLN A 191 9.54 -24.20 39.20
N ASN A 192 8.43 -24.74 39.71
CA ASN A 192 8.22 -26.19 39.74
C ASN A 192 7.73 -26.65 38.37
N VAL A 193 8.64 -26.60 37.40
CA VAL A 193 8.28 -26.89 36.02
C VAL A 193 7.94 -28.37 35.85
N GLU A 194 8.57 -29.25 36.62
CA GLU A 194 8.24 -30.68 36.53
C GLU A 194 6.78 -30.91 36.87
N SER A 195 6.31 -30.31 37.97
CA SER A 195 4.91 -30.45 38.36
C SER A 195 3.99 -29.82 37.32
N MET A 196 4.37 -28.66 36.79
CA MET A 196 3.52 -27.99 35.81
C MET A 196 3.33 -28.84 34.56
N MET A 197 4.42 -29.44 34.07
CA MET A 197 4.31 -30.29 32.88
C MET A 197 3.42 -31.50 33.15
N ASN A 198 3.58 -32.13 34.31
CA ASN A 198 2.76 -33.29 34.64
C ASN A 198 1.29 -32.93 34.65
N HIS A 199 0.94 -31.82 35.30
CA HIS A 199 -0.47 -31.44 35.40
C HIS A 199 -1.03 -31.00 34.05
N HIS A 200 -0.25 -30.23 33.28
CA HIS A 200 -0.76 -29.69 32.03
C HIS A 200 -0.69 -30.67 30.87
N LEU A 201 0.05 -31.77 31.03
CA LEU A 201 -0.02 -32.87 30.06
C LEU A 201 -1.14 -33.84 30.43
N ALA A 202 -1.08 -34.42 31.62
CA ALA A 202 -2.11 -35.37 32.05
C ALA A 202 -3.42 -34.68 32.41
N GLY A 203 -3.34 -33.56 33.12
CA GLY A 203 -4.54 -32.90 33.61
C GLY A 203 -5.25 -32.08 32.56
N LEU A 204 -4.58 -31.08 32.01
CA LEU A 204 -5.23 -30.19 31.06
C LEU A 204 -5.50 -30.89 29.74
N LEU A 205 -4.44 -31.34 29.06
CA LEU A 205 -4.61 -31.96 27.75
C LEU A 205 -5.19 -33.36 27.87
N GLY A 206 -4.70 -34.15 28.83
CA GLY A 206 -5.16 -35.51 28.99
C GLY A 206 -6.63 -35.61 29.34
N LEU A 207 -7.01 -35.06 30.50
CA LEU A 207 -8.41 -35.12 30.91
C LEU A 207 -9.29 -34.31 29.97
N GLY A 208 -8.78 -33.22 29.41
CA GLY A 208 -9.56 -32.46 28.46
C GLY A 208 -9.96 -33.30 27.26
N SER A 209 -9.03 -34.11 26.74
CA SER A 209 -9.35 -34.96 25.60
C SER A 209 -10.21 -36.14 26.03
N LEU A 210 -9.96 -36.69 27.22
CA LEU A 210 -10.79 -37.78 27.73
C LEU A 210 -12.22 -37.29 27.97
N GLY A 211 -12.37 -36.13 28.59
CA GLY A 211 -13.69 -35.59 28.82
C GLY A 211 -14.43 -35.34 27.53
N TRP A 212 -13.75 -34.78 26.53
CA TRP A 212 -14.41 -34.53 25.26
C TRP A 212 -14.75 -35.83 24.55
N ALA A 213 -13.89 -36.83 24.65
CA ALA A 213 -14.22 -38.13 24.08
C ALA A 213 -15.50 -38.69 24.69
N GLY A 214 -15.66 -38.56 26.01
CA GLY A 214 -16.90 -38.98 26.64
C GLY A 214 -18.08 -38.19 26.13
N HIS A 215 -17.89 -36.89 25.89
CA HIS A 215 -18.98 -36.09 25.34
C HIS A 215 -19.38 -36.59 23.95
N GLN A 216 -18.40 -36.84 23.09
CA GLN A 216 -18.70 -37.27 21.74
C GLN A 216 -19.40 -38.61 21.74
N ILE A 217 -18.94 -39.55 22.58
CA ILE A 217 -19.54 -40.87 22.62
C ILE A 217 -20.97 -40.79 23.12
N HIS A 218 -21.22 -40.01 24.17
CA HIS A 218 -22.53 -40.01 24.82
C HIS A 218 -23.47 -38.95 24.27
N VAL A 219 -22.97 -37.90 23.61
CA VAL A 219 -23.82 -36.81 23.15
C VAL A 219 -23.71 -36.61 21.65
N SER A 220 -22.51 -36.27 21.15
CA SER A 220 -22.37 -35.87 19.76
C SER A 220 -22.76 -37.01 18.81
N MET A 221 -22.19 -38.19 19.03
CA MET A 221 -22.41 -39.29 18.08
C MET A 221 -23.88 -39.68 17.96
N PRO A 222 -24.60 -39.96 19.03
CA PRO A 222 -26.01 -40.35 18.85
C PRO A 222 -26.86 -39.27 18.20
N ILE A 223 -26.68 -38.01 18.59
CA ILE A 223 -27.49 -36.93 18.02
C ILE A 223 -27.17 -36.76 16.54
N ASN A 224 -25.88 -36.76 16.19
CA ASN A 224 -25.51 -36.59 14.80
C ASN A 224 -25.93 -37.78 13.94
N LYS A 225 -25.90 -39.00 14.50
CA LYS A 225 -26.34 -40.16 13.73
C LYS A 225 -27.82 -40.03 13.38
N LEU A 226 -28.64 -39.55 14.31
CA LEU A 226 -30.04 -39.32 14.00
C LEU A 226 -30.21 -38.19 13.00
N LEU A 227 -29.46 -37.10 13.16
CA LEU A 227 -29.54 -36.00 12.21
C LEU A 227 -29.13 -36.45 10.81
N ASP A 228 -28.05 -37.22 10.70
CA ASP A 228 -27.61 -37.70 9.40
C ASP A 228 -28.59 -38.69 8.79
N ALA A 229 -29.45 -39.31 9.59
CA ALA A 229 -30.46 -40.23 9.10
C ALA A 229 -31.75 -39.53 8.68
N GLY A 230 -31.79 -38.21 8.75
CA GLY A 230 -32.97 -37.46 8.34
C GLY A 230 -34.01 -37.26 9.42
N VAL A 231 -33.67 -37.48 10.68
CA VAL A 231 -34.61 -37.26 11.78
C VAL A 231 -34.68 -35.77 12.06
N ALA A 232 -35.90 -35.24 12.17
CA ALA A 232 -36.06 -33.82 12.43
C ALA A 232 -35.42 -33.46 13.77
N PRO A 233 -34.77 -32.30 13.88
CA PRO A 233 -34.10 -31.96 15.15
C PRO A 233 -35.03 -32.00 16.35
N LYS A 234 -36.29 -31.56 16.20
CA LYS A 234 -37.20 -31.53 17.33
C LYS A 234 -37.60 -32.93 17.79
N ASP A 235 -37.48 -33.94 16.93
CA ASP A 235 -37.83 -35.31 17.29
C ASP A 235 -36.67 -36.08 17.91
N ILE A 236 -35.47 -35.51 17.92
CA ILE A 236 -34.30 -36.19 18.47
C ILE A 236 -34.34 -36.10 19.99
N PRO A 237 -34.06 -37.19 20.71
CA PRO A 237 -34.02 -37.10 22.17
C PRO A 237 -32.94 -36.14 22.64
N LEU A 238 -33.18 -35.51 23.79
CA LEU A 238 -32.21 -34.62 24.37
C LEU A 238 -30.98 -35.41 24.83
N PRO A 239 -29.82 -34.75 24.96
CA PRO A 239 -28.59 -35.50 25.25
C PRO A 239 -28.68 -36.38 26.49
N HIS A 240 -29.32 -35.90 27.56
CA HIS A 240 -29.37 -36.67 28.80
C HIS A 240 -30.28 -37.89 28.67
N GLU A 241 -31.23 -37.87 27.73
CA GLU A 241 -32.14 -39.01 27.60
C GLU A 241 -31.40 -40.27 27.18
N PHE A 242 -30.28 -40.12 26.46
CA PHE A 242 -29.48 -41.29 26.10
C PHE A 242 -28.76 -41.89 27.29
N ILE A 243 -28.55 -41.11 28.35
CA ILE A 243 -27.93 -41.62 29.57
C ILE A 243 -28.97 -42.18 30.53
N LEU A 244 -30.09 -41.47 30.70
CA LEU A 244 -31.14 -41.95 31.58
C LEU A 244 -31.76 -43.24 31.05
N GLU A 245 -31.78 -43.42 29.74
CA GLU A 245 -32.36 -44.61 29.11
C GLU A 245 -31.30 -45.21 28.19
N PRO A 246 -30.38 -46.01 28.73
CA PRO A 246 -29.30 -46.55 27.89
C PRO A 246 -29.79 -47.42 26.75
N SER A 247 -31.02 -47.95 26.82
CA SER A 247 -31.55 -48.73 25.71
C SER A 247 -31.57 -47.93 24.42
N LYS A 248 -31.75 -46.61 24.51
CA LYS A 248 -31.69 -45.78 23.32
C LYS A 248 -30.30 -45.84 22.68
N MET A 249 -29.25 -45.82 23.51
CA MET A 249 -27.90 -45.94 22.97
C MET A 249 -27.69 -47.31 22.34
N ALA A 250 -28.21 -48.37 22.97
CA ALA A 250 -28.00 -49.71 22.45
C ALA A 250 -28.60 -49.87 21.07
N GLU A 251 -29.76 -49.25 20.81
CA GLU A 251 -30.36 -49.34 19.49
C GLU A 251 -29.46 -48.77 18.42
N LEU A 252 -28.84 -47.61 18.68
CA LEU A 252 -27.92 -47.03 17.71
C LEU A 252 -26.60 -47.78 17.68
N TYR A 253 -26.08 -48.15 18.85
CA TYR A 253 -24.79 -48.84 18.97
C TYR A 253 -24.98 -50.09 19.84
N PRO A 254 -25.18 -51.26 19.23
CA PRO A 254 -25.46 -52.45 20.04
C PRO A 254 -24.40 -52.77 21.07
N SER A 255 -23.13 -52.42 20.82
CA SER A 255 -22.08 -52.76 21.76
C SER A 255 -22.34 -52.18 23.14
N PHE A 256 -23.11 -51.09 23.22
CA PHE A 256 -23.43 -50.50 24.52
C PHE A 256 -24.20 -51.46 25.42
N ALA A 257 -24.85 -52.48 24.85
CA ALA A 257 -25.56 -53.45 25.67
C ALA A 257 -24.62 -54.18 26.62
N GLN A 258 -23.35 -54.33 26.23
CA GLN A 258 -22.39 -55.04 27.07
C GLN A 258 -21.78 -54.15 28.15
N GLY A 259 -22.07 -52.86 28.16
CA GLY A 259 -21.61 -52.00 29.24
C GLY A 259 -20.11 -51.80 29.22
N LEU A 260 -19.56 -51.58 30.42
CA LEU A 260 -18.15 -51.26 30.59
C LEU A 260 -17.28 -52.48 30.83
N THR A 261 -17.86 -53.67 30.95
CA THR A 261 -17.04 -54.86 31.17
C THR A 261 -15.97 -55.04 30.10
N PRO A 262 -16.26 -54.89 28.81
CA PRO A 262 -15.18 -55.05 27.81
C PRO A 262 -14.02 -54.09 28.01
N PHE A 263 -14.28 -52.86 28.45
CA PHE A 263 -13.21 -51.89 28.62
C PHE A 263 -12.20 -52.37 29.67
N PHE A 264 -12.69 -52.83 30.81
CA PHE A 264 -11.81 -53.24 31.89
C PHE A 264 -11.15 -54.59 31.65
N THR A 265 -11.75 -55.44 30.82
CA THR A 265 -11.19 -56.74 30.50
C THR A 265 -10.29 -56.73 29.26
N LEU A 266 -10.07 -55.55 28.67
CA LEU A 266 -9.27 -55.40 27.47
C LEU A 266 -9.88 -56.08 26.25
N ASN A 267 -11.18 -56.37 26.30
CA ASN A 267 -11.91 -56.88 25.14
C ASN A 267 -12.45 -55.71 24.32
N TRP A 268 -11.53 -54.84 23.90
CA TRP A 268 -11.88 -53.58 23.28
C TRP A 268 -12.50 -53.75 21.90
N GLY A 269 -12.40 -54.94 21.29
CA GLY A 269 -12.93 -55.13 19.96
C GLY A 269 -14.42 -54.90 19.85
N VAL A 270 -15.16 -55.18 20.93
CA VAL A 270 -16.61 -55.07 20.88
C VAL A 270 -17.05 -53.64 20.62
N TYR A 271 -16.26 -52.67 21.08
CA TYR A 271 -16.59 -51.26 20.92
C TYR A 271 -16.33 -50.75 19.50
N SER A 272 -16.06 -51.64 18.55
CA SER A 272 -15.72 -51.20 17.20
C SER A 272 -16.88 -50.52 16.48
N ASP A 273 -18.10 -50.62 16.99
CA ASP A 273 -19.24 -50.01 16.32
C ASP A 273 -19.35 -48.52 16.59
N PHE A 274 -18.68 -47.99 17.63
CA PHE A 274 -18.62 -46.56 17.85
C PHE A 274 -17.20 -46.02 18.04
N LEU A 275 -16.20 -46.89 18.13
CA LEU A 275 -14.79 -46.49 18.10
C LEU A 275 -14.21 -47.10 16.82
N THR A 276 -14.15 -46.30 15.76
CA THR A 276 -13.83 -46.79 14.43
C THR A 276 -12.51 -46.20 13.94
N PHE A 277 -12.08 -46.70 12.79
CA PHE A 277 -10.92 -46.18 12.06
C PHE A 277 -11.26 -46.05 10.58
N LYS A 278 -12.45 -45.48 10.31
CA LYS A 278 -12.94 -45.42 8.94
C LYS A 278 -12.03 -44.58 8.05
N GLY A 279 -11.62 -43.42 8.53
CA GLY A 279 -10.93 -42.48 7.67
C GLY A 279 -11.91 -41.84 6.71
N GLY A 280 -11.35 -41.08 5.77
CA GLY A 280 -12.20 -40.44 4.78
C GLY A 280 -13.14 -39.44 5.41
N LEU A 281 -14.33 -39.33 4.80
CA LEU A 281 -15.32 -38.37 5.23
C LEU A 281 -16.70 -39.01 5.26
N ASN A 282 -17.58 -38.45 6.08
CA ASN A 282 -18.97 -38.88 6.12
C ASN A 282 -19.66 -38.45 4.83
N PRO A 283 -20.20 -39.37 4.03
CA PRO A 283 -20.82 -38.95 2.76
C PRO A 283 -21.97 -37.98 2.93
N VAL A 284 -22.75 -38.11 4.00
CA VAL A 284 -23.92 -37.25 4.17
C VAL A 284 -23.50 -35.81 4.42
N THR A 285 -22.55 -35.60 5.34
CA THR A 285 -22.18 -34.26 5.77
C THR A 285 -20.90 -33.75 5.13
N GLY A 286 -20.03 -34.63 4.65
CA GLY A 286 -18.75 -34.20 4.12
C GLY A 286 -17.70 -33.91 5.17
N GLY A 287 -17.96 -34.26 6.44
CA GLY A 287 -17.00 -34.08 7.50
C GLY A 287 -16.49 -35.43 8.03
N LEU A 288 -15.54 -35.32 8.95
CA LEU A 288 -14.94 -36.52 9.54
C LEU A 288 -16.00 -37.31 10.31
N TRP A 289 -15.83 -38.63 10.29
CA TRP A 289 -16.71 -39.49 11.10
C TRP A 289 -16.52 -39.16 12.57
N LEU A 290 -17.63 -38.89 13.26
CA LEU A 290 -17.53 -38.59 14.69
C LEU A 290 -17.05 -39.80 15.48
N SER A 291 -17.30 -41.02 14.97
CA SER A 291 -16.74 -42.20 15.62
C SER A 291 -15.22 -42.22 15.53
N ASP A 292 -14.67 -41.76 14.40
CA ASP A 292 -13.22 -41.67 14.30
C ASP A 292 -12.66 -40.63 15.27
N THR A 293 -13.30 -39.46 15.36
CA THR A 293 -12.81 -38.43 16.26
C THR A 293 -12.91 -38.86 17.72
N ALA A 294 -13.94 -39.64 18.05
CA ALA A 294 -14.05 -40.14 19.42
C ALA A 294 -12.90 -41.07 19.77
N HIS A 295 -12.60 -42.04 18.90
CA HIS A 295 -11.43 -42.89 19.13
C HIS A 295 -10.16 -42.06 19.10
N HIS A 296 -10.11 -41.03 18.27
CA HIS A 296 -8.95 -40.15 18.22
C HIS A 296 -8.71 -39.51 19.58
N HIS A 297 -9.73 -38.84 20.13
CA HIS A 297 -9.54 -38.13 21.39
C HIS A 297 -9.34 -39.10 22.55
N LEU A 298 -9.94 -40.29 22.47
CA LEU A 298 -9.69 -41.32 23.48
C LEU A 298 -8.24 -41.76 23.45
N ALA A 299 -7.72 -42.05 22.26
CA ALA A 299 -6.32 -42.46 22.13
C ALA A 299 -5.38 -41.33 22.54
N ILE A 300 -5.70 -40.10 22.15
CA ILE A 300 -4.89 -38.95 22.55
C ILE A 300 -4.87 -38.82 24.06
N ALA A 301 -6.04 -39.00 24.70
CA ALA A 301 -6.11 -38.85 26.15
C ALA A 301 -5.19 -39.83 26.85
N VAL A 302 -5.19 -41.09 26.41
CA VAL A 302 -4.31 -42.08 27.04
C VAL A 302 -2.86 -41.66 26.89
N LEU A 303 -2.48 -41.20 25.69
CA LEU A 303 -1.10 -40.81 25.45
C LEU A 303 -0.68 -39.65 26.33
N PHE A 304 -1.54 -38.62 26.45
CA PHE A 304 -1.18 -37.45 27.24
C PHE A 304 -1.13 -37.78 28.73
N ILE A 305 -2.07 -38.59 29.22
CA ILE A 305 -2.06 -38.95 30.63
C ILE A 305 -0.80 -39.71 30.98
N ILE A 306 -0.41 -40.66 30.13
CA ILE A 306 0.84 -41.39 30.36
C ILE A 306 2.03 -40.44 30.33
N ALA A 307 2.06 -39.54 29.34
CA ALA A 307 3.16 -38.59 29.24
C ALA A 307 3.24 -37.68 30.46
N GLY A 308 2.13 -37.48 31.16
CA GLY A 308 2.11 -36.61 32.32
C GLY A 308 2.62 -37.20 33.61
N HIS A 309 2.99 -38.48 33.64
CA HIS A 309 3.65 -39.08 34.80
C HIS A 309 5.14 -39.28 34.55
N MET A 310 5.74 -38.42 33.72
CA MET A 310 7.15 -38.57 33.35
C MET A 310 8.10 -37.87 34.32
N TYR A 311 7.72 -36.69 34.82
CA TYR A 311 8.65 -35.85 35.58
C TYR A 311 8.47 -36.06 37.08
N ARG A 312 9.59 -36.06 37.79
CA ARG A 312 9.57 -36.29 39.23
C ARG A 312 9.04 -35.07 39.96
N THR A 313 8.02 -35.27 40.81
CA THR A 313 7.49 -34.18 41.61
C THR A 313 7.70 -34.37 43.11
N ASN A 314 7.18 -35.46 43.69
CA ASN A 314 7.24 -35.63 45.14
C ASN A 314 7.47 -37.07 45.59
N TRP A 315 7.68 -38.02 44.68
CA TRP A 315 7.73 -39.43 45.05
C TRP A 315 8.89 -40.15 44.39
N GLY A 316 9.98 -39.43 44.12
CA GLY A 316 11.19 -40.04 43.62
C GLY A 316 11.14 -40.43 42.16
N ILE A 317 10.11 -41.19 41.78
CA ILE A 317 10.01 -41.65 40.39
C ILE A 317 9.88 -40.45 39.46
N GLY A 318 10.32 -40.63 38.23
CA GLY A 318 10.27 -39.60 37.21
C GLY A 318 11.65 -39.03 36.92
N HIS A 319 11.70 -38.28 35.81
CA HIS A 319 12.94 -37.68 35.35
C HIS A 319 13.07 -36.26 35.91
N SER A 320 14.32 -35.82 36.04
CA SER A 320 14.63 -34.42 36.34
C SER A 320 14.99 -33.73 35.04
N MET A 321 14.25 -32.68 34.69
CA MET A 321 14.49 -32.00 33.42
C MET A 321 15.90 -31.45 33.36
N LYS A 322 16.42 -30.98 34.50
CA LYS A 322 17.80 -30.52 34.52
C LYS A 322 18.77 -31.65 34.22
N GLU A 323 18.53 -32.83 34.80
CA GLU A 323 19.42 -33.96 34.55
C GLU A 323 19.38 -34.40 33.10
N ILE A 324 18.20 -34.43 32.50
CA ILE A 324 18.09 -34.81 31.09
C ILE A 324 18.89 -33.85 30.21
N LEU A 325 18.72 -32.54 30.45
CA LEU A 325 19.40 -31.55 29.62
C LEU A 325 20.91 -31.66 29.74
N GLU A 326 21.42 -31.77 30.97
CA GLU A 326 22.86 -31.80 31.17
C GLU A 326 23.49 -33.04 30.57
N ALA A 327 22.72 -34.14 30.45
CA ALA A 327 23.28 -35.38 29.92
C ALA A 327 23.48 -35.34 28.41
N HIS A 328 22.69 -34.54 27.70
CA HIS A 328 22.73 -34.51 26.23
C HIS A 328 23.78 -33.49 25.80
N LYS A 329 25.02 -33.94 25.66
CA LYS A 329 26.11 -33.13 25.14
C LYS A 329 27.03 -34.02 24.30
N GLY A 330 27.56 -33.46 23.21
CA GLY A 330 28.37 -34.21 22.29
C GLY A 330 29.69 -33.53 21.99
N PRO A 331 30.55 -34.23 21.24
CA PRO A 331 31.88 -33.66 20.94
C PRO A 331 31.83 -32.39 20.11
N PHE A 332 30.75 -32.13 19.39
CA PHE A 332 30.67 -30.97 18.51
C PHE A 332 30.00 -29.77 19.16
N THR A 333 29.59 -29.86 20.43
CA THR A 333 28.80 -28.81 21.05
C THR A 333 29.29 -28.47 22.46
N GLY A 334 30.52 -28.84 22.81
CA GLY A 334 31.07 -28.45 24.10
C GLY A 334 30.20 -28.90 25.25
N GLU A 335 29.80 -27.96 26.09
CA GLU A 335 28.96 -28.26 27.24
C GLU A 335 27.55 -28.68 26.83
N GLY A 336 27.18 -28.50 25.58
CA GLY A 336 25.89 -28.98 25.13
C GLY A 336 24.75 -28.20 25.75
N HIS A 337 23.78 -28.92 26.30
CA HIS A 337 22.54 -28.34 26.77
C HIS A 337 22.62 -27.89 28.23
N LYS A 338 23.81 -27.91 28.84
CA LYS A 338 23.97 -27.43 30.20
C LYS A 338 23.65 -25.94 30.29
N GLY A 339 22.95 -25.57 31.37
CA GLY A 339 22.63 -24.18 31.63
C GLY A 339 21.28 -23.73 31.09
N LEU A 340 20.66 -24.50 30.21
CA LEU A 340 19.38 -24.09 29.65
C LEU A 340 18.25 -24.20 30.67
N TYR A 341 18.34 -25.17 31.58
CA TYR A 341 17.32 -25.28 32.61
C TYR A 341 17.25 -24.01 33.45
N GLU A 342 18.41 -23.44 33.79
CA GLU A 342 18.42 -22.19 34.54
C GLU A 342 17.78 -21.07 33.76
N ILE A 343 18.06 -20.98 32.45
CA ILE A 343 17.47 -19.94 31.64
C ILE A 343 15.95 -20.06 31.62
N LEU A 344 15.46 -21.27 31.37
CA LEU A 344 14.03 -21.47 31.19
C LEU A 344 13.24 -21.48 32.50
N THR A 345 13.92 -21.48 33.65
CA THR A 345 13.26 -21.37 34.93
C THR A 345 13.45 -20.01 35.59
N THR A 346 14.14 -19.08 34.91
CA THR A 346 14.36 -17.74 35.45
C THR A 346 14.05 -16.62 34.47
N SER A 347 13.75 -16.93 33.21
CA SER A 347 13.49 -15.92 32.19
C SER A 347 12.14 -16.18 31.57
N TRP A 348 11.16 -15.31 31.85
CA TRP A 348 9.86 -15.44 31.23
C TRP A 348 9.95 -15.21 29.72
N HIS A 349 10.80 -14.28 29.29
CA HIS A 349 10.93 -14.00 27.87
C HIS A 349 11.42 -15.22 27.10
N ALA A 350 12.36 -15.97 27.67
CA ALA A 350 12.82 -17.18 27.02
C ALA A 350 11.68 -18.17 26.84
N GLN A 351 10.86 -18.35 27.88
CA GLN A 351 9.70 -19.22 27.77
C GLN A 351 8.73 -18.71 26.72
N LEU A 352 8.43 -17.41 26.73
CA LEU A 352 7.50 -16.85 25.76
C LEU A 352 8.01 -17.01 24.34
N ALA A 353 9.33 -16.89 24.16
CA ALA A 353 9.89 -17.04 22.82
C ALA A 353 9.65 -18.45 22.28
N ILE A 354 9.89 -19.48 23.11
CA ILE A 354 9.65 -20.85 22.68
C ILE A 354 8.17 -21.07 22.43
N ASN A 355 7.32 -20.68 23.39
CA ASN A 355 5.90 -20.98 23.30
C ASN A 355 5.25 -20.26 22.12
N LEU A 356 5.66 -19.02 21.84
CA LEU A 356 5.13 -18.32 20.68
C LEU A 356 5.53 -19.03 19.39
N ALA A 357 6.78 -19.49 19.30
CA ALA A 357 7.24 -20.15 18.08
C ALA A 357 6.45 -21.43 17.82
N LEU A 358 6.25 -22.24 18.85
CA LEU A 358 5.54 -23.50 18.67
C LEU A 358 4.04 -23.28 18.52
N LEU A 359 3.46 -22.39 19.34
CA LEU A 359 2.03 -22.13 19.21
C LEU A 359 1.71 -21.50 17.86
N GLY A 360 2.56 -20.59 17.40
CA GLY A 360 2.36 -20.03 16.06
C GLY A 360 2.46 -21.09 14.98
N SER A 361 3.47 -21.96 15.07
CA SER A 361 3.58 -23.06 14.12
C SER A 361 2.40 -24.01 14.25
N LEU A 362 1.93 -24.23 15.48
CA LEU A 362 0.77 -25.10 15.69
C LEU A 362 -0.47 -24.55 14.99
N THR A 363 -0.69 -23.23 15.08
CA THR A 363 -1.85 -22.64 14.45
C THR A 363 -1.81 -22.82 12.95
N ILE A 364 -0.62 -22.66 12.35
CA ILE A 364 -0.47 -22.90 10.91
C ILE A 364 -0.82 -24.34 10.57
N ILE A 365 -0.39 -25.28 11.41
CA ILE A 365 -0.72 -26.69 11.18
C ILE A 365 -2.23 -26.89 11.26
N VAL A 366 -2.89 -26.19 12.17
CA VAL A 366 -4.35 -26.30 12.27
C VAL A 366 -5.00 -25.91 10.96
N ALA A 367 -4.56 -24.78 10.39
CA ALA A 367 -5.12 -24.33 9.12
C ALA A 367 -4.89 -25.35 8.02
N GLN A 368 -3.67 -25.88 7.94
CA GLN A 368 -3.34 -26.82 6.87
C GLN A 368 -4.14 -28.11 6.99
N HIS A 369 -4.31 -28.62 8.22
CA HIS A 369 -4.98 -29.91 8.39
C HIS A 369 -6.50 -29.78 8.36
N MET A 370 -7.05 -28.67 8.84
CA MET A 370 -8.51 -28.57 8.95
C MET A 370 -9.17 -28.49 7.57
N TYR A 371 -8.54 -27.85 6.60
CA TYR A 371 -9.16 -27.73 5.29
C TYR A 371 -9.18 -29.08 4.56
N ALA A 372 -8.10 -29.84 4.65
CA ALA A 372 -7.98 -31.08 3.90
C ALA A 372 -8.67 -32.25 4.59
N MET A 373 -8.95 -32.13 5.89
CA MET A 373 -9.66 -33.15 6.66
C MET A 373 -10.78 -32.47 7.42
N PRO A 374 -11.77 -31.94 6.71
CA PRO A 374 -12.79 -31.10 7.35
C PRO A 374 -13.44 -31.81 8.52
N PRO A 375 -13.25 -31.32 9.74
CA PRO A 375 -13.78 -32.03 10.91
C PRO A 375 -15.27 -31.82 11.16
N TYR A 376 -15.85 -30.72 10.68
CA TYR A 376 -17.23 -30.40 11.03
C TYR A 376 -18.18 -30.68 9.88
N PRO A 377 -19.41 -31.09 10.17
CA PRO A 377 -20.38 -31.36 9.09
C PRO A 377 -20.68 -30.10 8.30
N TYR A 378 -20.76 -30.26 6.97
CA TYR A 378 -21.11 -29.21 6.02
C TYR A 378 -20.09 -28.10 5.96
N GLN A 379 -18.99 -28.18 6.71
CA GLN A 379 -17.94 -27.19 6.61
C GLN A 379 -17.31 -27.18 5.22
N ALA A 380 -17.05 -28.37 4.67
CA ALA A 380 -16.27 -28.47 3.43
C ALA A 380 -16.98 -27.77 2.28
N ILE A 381 -18.31 -27.89 2.19
CA ILE A 381 -19.04 -27.31 1.08
C ILE A 381 -19.37 -25.83 1.28
N ASP A 382 -19.08 -25.29 2.46
CA ASP A 382 -19.20 -23.84 2.69
C ASP A 382 -17.85 -23.23 2.39
N TYR A 383 -17.63 -22.85 1.14
CA TYR A 383 -16.33 -22.38 0.72
C TYR A 383 -15.92 -21.11 1.45
N ALA A 384 -16.88 -20.27 1.82
CA ALA A 384 -16.54 -19.08 2.60
C ALA A 384 -15.95 -19.46 3.95
N THR A 385 -16.55 -20.43 4.64
CA THR A 385 -16.01 -20.88 5.91
C THR A 385 -14.64 -21.54 5.73
N GLN A 386 -14.51 -22.38 4.70
CA GLN A 386 -13.22 -23.02 4.44
C GLN A 386 -12.13 -21.99 4.23
N LEU A 387 -12.37 -21.02 3.34
CA LEU A 387 -11.36 -19.99 3.07
C LEU A 387 -11.11 -19.14 4.30
N SER A 388 -12.16 -18.77 5.03
CA SER A 388 -12.00 -17.89 6.19
C SER A 388 -11.19 -18.58 7.28
N LEU A 389 -11.51 -19.83 7.60
CA LEU A 389 -10.79 -20.52 8.67
C LEU A 389 -9.32 -20.72 8.32
N PHE A 390 -9.04 -21.13 7.09
CA PHE A 390 -7.65 -21.32 6.68
C PHE A 390 -6.88 -20.00 6.76
N THR A 391 -7.43 -18.95 6.17
CA THR A 391 -6.74 -17.66 6.16
C THR A 391 -6.57 -17.12 7.57
N HIS A 392 -7.63 -17.18 8.39
CA HIS A 392 -7.57 -16.60 9.73
C HIS A 392 -6.46 -17.22 10.55
N HIS A 393 -6.44 -18.55 10.64
CA HIS A 393 -5.45 -19.21 11.48
C HIS A 393 -4.05 -19.15 10.88
N MET A 394 -3.93 -18.98 9.57
CA MET A 394 -2.62 -18.71 8.98
C MET A 394 -2.06 -17.39 9.49
N TRP A 395 -2.89 -16.34 9.53
CA TRP A 395 -2.42 -15.05 10.01
C TRP A 395 -2.05 -15.10 11.49
N ILE A 396 -2.88 -15.75 12.30
CA ILE A 396 -2.58 -15.84 13.73
C ILE A 396 -1.24 -16.53 13.95
N GLY A 397 -1.01 -17.63 13.24
CA GLY A 397 0.26 -18.33 13.37
C GLY A 397 1.44 -17.47 12.96
N GLY A 398 1.29 -16.74 11.85
CA GLY A 398 2.38 -15.90 11.39
C GLY A 398 2.75 -14.82 12.39
N PHE A 399 1.75 -14.16 12.97
CA PHE A 399 2.02 -13.11 13.95
C PHE A 399 2.73 -13.69 15.18
N LEU A 400 2.27 -14.85 15.65
CA LEU A 400 2.90 -15.44 16.83
C LEU A 400 4.35 -15.80 16.58
N ILE A 401 4.66 -16.31 15.38
CA ILE A 401 6.04 -16.65 15.07
C ILE A 401 6.92 -15.42 15.09
N VAL A 402 6.44 -14.31 14.53
CA VAL A 402 7.19 -13.06 14.60
C VAL A 402 7.41 -12.66 16.06
N GLY A 403 6.40 -12.87 16.90
CA GLY A 403 6.55 -12.59 18.31
C GLY A 403 7.67 -13.41 18.93
N ALA A 404 7.84 -14.65 18.49
CA ALA A 404 8.93 -15.47 19.00
C ALA A 404 10.28 -14.80 18.73
N GLY A 405 10.44 -14.22 17.54
CA GLY A 405 11.66 -13.48 17.25
C GLY A 405 11.82 -12.26 18.14
N ALA A 406 10.72 -11.54 18.36
CA ALA A 406 10.79 -10.33 19.19
C ALA A 406 11.22 -10.68 20.62
N HIS A 407 10.55 -11.65 21.24
CA HIS A 407 10.85 -11.99 22.62
C HIS A 407 12.09 -12.85 22.75
N GLY A 408 12.53 -13.49 21.67
CA GLY A 408 13.87 -14.06 21.67
C GLY A 408 14.95 -13.00 21.73
N ALA A 409 14.78 -11.93 20.97
CA ALA A 409 15.73 -10.81 21.02
C ALA A 409 15.69 -10.13 22.38
N ILE A 410 14.49 -9.95 22.94
CA ILE A 410 14.37 -9.31 24.25
C ILE A 410 15.13 -10.12 25.29
N PHE A 411 15.05 -11.44 25.22
CA PHE A 411 15.78 -12.28 26.17
C PHE A 411 17.28 -12.03 26.08
N MET A 412 17.81 -11.96 24.86
CA MET A 412 19.25 -11.76 24.70
C MET A 412 19.69 -10.43 25.31
N VAL A 413 18.90 -9.37 25.10
CA VAL A 413 19.28 -8.06 25.59
C VAL A 413 19.19 -8.00 27.11
N ARG A 414 18.13 -8.55 27.69
CA ARG A 414 17.81 -8.34 29.10
C ARG A 414 18.26 -9.48 30.01
N ASP A 415 18.01 -10.74 29.62
CA ASP A 415 18.15 -11.85 30.54
C ASP A 415 19.38 -12.72 30.28
N TYR A 416 19.97 -12.67 29.10
CA TYR A 416 21.10 -13.54 28.80
C TYR A 416 22.33 -13.09 29.57
N ASP A 417 22.88 -14.00 30.38
CA ASP A 417 24.09 -13.73 31.15
C ASP A 417 25.23 -14.56 30.57
N PRO A 418 26.19 -13.95 29.86
CA PRO A 418 27.28 -14.75 29.29
C PRO A 418 28.07 -15.54 30.31
N ALA A 419 28.24 -15.00 31.53
CA ALA A 419 29.04 -15.69 32.53
C ALA A 419 28.43 -17.03 32.91
N LYS A 420 27.10 -17.14 32.88
CA LYS A 420 26.41 -18.37 33.24
C LYS A 420 26.27 -19.34 32.07
N ASN A 421 26.61 -18.90 30.85
CA ASN A 421 26.55 -19.75 29.66
C ASN A 421 27.93 -19.71 29.01
N VAL A 422 28.80 -20.62 29.45
CA VAL A 422 30.16 -20.71 28.94
C VAL A 422 30.29 -22.02 28.17
N ASN A 423 30.52 -21.91 26.87
CA ASN A 423 30.78 -23.05 26.00
C ASN A 423 29.59 -24.00 25.87
N ASN A 424 28.38 -23.53 26.20
CA ASN A 424 27.19 -24.32 25.96
C ASN A 424 26.63 -24.01 24.58
N LEU A 425 25.50 -24.64 24.23
CA LEU A 425 24.94 -24.48 22.89
C LEU A 425 24.60 -23.02 22.61
N LEU A 426 24.00 -22.34 23.57
CA LEU A 426 23.64 -20.93 23.37
C LEU A 426 24.88 -20.08 23.14
N ASP A 427 25.91 -20.27 23.97
CA ASP A 427 27.15 -19.51 23.79
C ASP A 427 27.81 -19.85 22.46
N ARG A 428 27.84 -21.13 22.10
CA ARG A 428 28.47 -21.52 20.84
C ARG A 428 27.72 -20.97 19.64
N MET A 429 26.40 -20.82 19.74
CA MET A 429 25.64 -20.25 18.64
C MET A 429 26.06 -18.82 18.36
N LEU A 430 26.25 -18.03 19.43
CA LEU A 430 26.70 -16.66 19.24
C LEU A 430 28.11 -16.59 18.64
N ARG A 431 28.91 -17.64 18.79
CA ARG A 431 30.26 -17.61 18.27
C ARG A 431 30.31 -17.77 16.75
N HIS A 432 29.51 -18.68 16.19
CA HIS A 432 29.47 -18.89 14.75
C HIS A 432 28.26 -18.21 14.11
N ARG A 433 27.81 -17.09 14.69
CA ARG A 433 26.64 -16.39 14.14
C ARG A 433 26.93 -15.83 12.75
N ASP A 434 28.17 -15.37 12.52
CA ASP A 434 28.52 -14.89 11.19
C ASP A 434 28.38 -16.01 10.15
N ALA A 435 28.80 -17.22 10.52
CA ALA A 435 28.65 -18.36 9.60
C ALA A 435 27.18 -18.67 9.35
N ILE A 436 26.35 -18.60 10.40
CA ILE A 436 24.93 -18.92 10.24
C ILE A 436 24.28 -17.94 9.28
N ILE A 437 24.47 -16.64 9.52
CA ILE A 437 23.78 -15.63 8.72
C ILE A 437 24.32 -15.60 7.30
N SER A 438 25.64 -15.75 7.14
CA SER A 438 26.23 -15.75 5.80
C SER A 438 25.67 -16.89 4.96
N HIS A 439 25.56 -18.08 5.55
CA HIS A 439 25.01 -19.21 4.81
C HIS A 439 23.51 -19.05 4.60
N LEU A 440 22.78 -18.63 5.65
CA LEU A 440 21.36 -18.34 5.47
C LEU A 440 21.15 -17.23 4.46
N ASN A 441 22.09 -16.28 4.40
CA ASN A 441 22.02 -15.23 3.38
C ASN A 441 22.10 -15.82 1.97
N TRP A 442 23.01 -16.78 1.77
CA TRP A 442 23.18 -17.35 0.44
C TRP A 442 21.97 -18.15 0.00
N VAL A 443 21.45 -19.00 0.87
CA VAL A 443 20.30 -19.83 0.49
C VAL A 443 19.10 -18.96 0.14
N CYS A 444 18.93 -17.85 0.86
CA CYS A 444 17.85 -16.92 0.52
C CYS A 444 18.06 -16.34 -0.87
N ILE A 445 19.29 -15.94 -1.19
CA ILE A 445 19.56 -15.43 -2.53
C ILE A 445 19.34 -16.52 -3.57
N PHE A 446 19.82 -17.73 -3.29
CA PHE A 446 19.61 -18.84 -4.23
C PHE A 446 18.13 -19.10 -4.45
N LEU A 447 17.36 -19.19 -3.36
CA LEU A 447 15.93 -19.44 -3.50
C LEU A 447 15.24 -18.31 -4.25
N GLY A 448 15.60 -17.06 -3.95
CA GLY A 448 14.98 -15.95 -4.64
C GLY A 448 15.20 -16.00 -6.14
N PHE A 449 16.43 -16.24 -6.56
CA PHE A 449 16.73 -16.29 -7.99
C PHE A 449 16.02 -17.46 -8.67
N HIS A 450 16.11 -18.65 -8.07
CA HIS A 450 15.61 -19.86 -8.72
C HIS A 450 14.14 -20.14 -8.44
N SER A 451 13.46 -19.25 -7.71
CA SER A 451 12.02 -19.36 -7.54
C SER A 451 11.29 -18.19 -8.21
N PHE A 452 11.63 -16.96 -7.85
CA PHE A 452 11.00 -15.81 -8.49
C PHE A 452 11.53 -15.60 -9.91
N GLY A 453 12.78 -15.97 -10.15
CA GLY A 453 13.33 -15.86 -11.50
C GLY A 453 12.57 -16.69 -12.51
N LEU A 454 12.05 -17.85 -12.08
CA LEU A 454 11.26 -18.67 -12.98
C LEU A 454 10.02 -17.93 -13.47
N TYR A 455 9.34 -17.23 -12.55
CA TYR A 455 8.16 -16.46 -12.96
C TYR A 455 8.55 -15.36 -13.93
N ILE A 456 9.63 -14.63 -13.64
CA ILE A 456 10.10 -13.58 -14.54
C ILE A 456 10.47 -14.19 -15.88
N HIS A 457 11.13 -15.36 -15.84
CA HIS A 457 11.43 -16.08 -17.08
C HIS A 457 10.17 -16.36 -17.86
N ASN A 458 9.14 -16.90 -17.20
CA ASN A 458 7.90 -17.25 -17.90
C ASN A 458 7.20 -16.01 -18.43
N ASP A 459 7.16 -14.94 -17.65
CA ASP A 459 6.53 -13.70 -18.12
C ASP A 459 7.18 -13.20 -19.40
N THR A 460 8.51 -13.20 -19.44
CA THR A 460 9.22 -12.73 -20.61
C THR A 460 8.97 -13.63 -21.81
N MET A 461 9.05 -14.96 -21.61
CA MET A 461 8.85 -15.89 -22.72
C MET A 461 7.43 -15.76 -23.28
N ARG A 462 6.42 -15.71 -22.42
CA ARG A 462 5.05 -15.60 -22.90
C ARG A 462 4.82 -14.26 -23.60
N ALA A 463 5.39 -13.19 -23.07
CA ALA A 463 5.24 -11.88 -23.71
C ALA A 463 5.93 -11.86 -25.08
N LEU A 464 7.05 -12.55 -25.21
CA LEU A 464 7.78 -12.63 -26.46
C LEU A 464 7.18 -13.62 -27.45
N GLY A 465 6.04 -14.21 -27.12
CA GLY A 465 5.43 -15.20 -28.01
C GLY A 465 6.23 -16.48 -28.12
N ARG A 466 6.80 -16.94 -27.00
CA ARG A 466 7.61 -18.17 -26.98
C ARG A 466 7.07 -19.09 -25.89
N PRO A 467 5.83 -19.54 -26.01
CA PRO A 467 5.27 -20.42 -24.97
C PRO A 467 6.03 -21.71 -24.78
N GLN A 468 6.64 -22.24 -25.84
CA GLN A 468 7.36 -23.51 -25.74
C GLN A 468 8.61 -23.42 -24.87
N ASP A 469 9.06 -22.20 -24.53
CA ASP A 469 10.25 -22.01 -23.72
C ASP A 469 9.91 -21.75 -22.25
N MET A 470 8.64 -21.84 -21.87
CA MET A 470 8.23 -21.55 -20.51
C MET A 470 8.40 -22.79 -19.63
N PHE A 471 8.36 -22.56 -18.32
CA PHE A 471 8.28 -23.64 -17.34
C PHE A 471 6.81 -23.92 -17.09
N SER A 472 6.30 -25.00 -17.67
CA SER A 472 4.89 -25.34 -17.54
C SER A 472 4.71 -26.82 -17.86
N ASP A 473 3.52 -27.32 -17.56
CA ASP A 473 3.20 -28.72 -17.83
C ASP A 473 3.21 -29.02 -19.32
N THR A 474 2.83 -28.06 -20.15
CA THR A 474 2.86 -28.19 -21.60
C THR A 474 4.18 -27.74 -22.20
N ALA A 475 5.15 -27.41 -21.36
CA ALA A 475 6.45 -26.87 -21.77
C ALA A 475 7.48 -27.52 -20.84
N ILE A 476 8.66 -26.93 -20.76
CA ILE A 476 9.68 -27.42 -19.83
C ILE A 476 9.00 -27.66 -18.49
N GLN A 477 9.06 -28.89 -17.99
CA GLN A 477 8.27 -29.30 -16.83
C GLN A 477 9.12 -29.33 -15.58
N LEU A 478 8.55 -28.86 -14.48
CA LEU A 478 9.14 -28.97 -13.15
C LEU A 478 8.12 -29.72 -12.29
N GLN A 479 8.18 -31.04 -12.32
CA GLN A 479 7.20 -31.87 -11.62
C GLN A 479 7.66 -32.10 -10.18
N PRO A 480 6.83 -31.77 -9.19
CA PRO A 480 7.20 -32.07 -7.80
C PRO A 480 7.09 -33.57 -7.52
N ILE A 481 8.06 -34.34 -8.02
CA ILE A 481 7.94 -35.79 -7.99
C ILE A 481 7.89 -36.30 -6.56
N PHE A 482 8.65 -35.68 -5.65
CA PHE A 482 8.67 -36.15 -4.27
C PHE A 482 7.30 -35.99 -3.62
N ALA A 483 6.66 -34.83 -3.81
CA ALA A 483 5.31 -34.65 -3.30
C ALA A 483 4.34 -35.61 -3.95
N GLN A 484 4.47 -35.81 -5.27
CA GLN A 484 3.63 -36.78 -5.96
C GLN A 484 3.83 -38.18 -5.40
N TRP A 485 5.08 -38.53 -5.09
CA TRP A 485 5.35 -39.84 -4.50
C TRP A 485 4.66 -39.98 -3.14
N VAL A 486 4.74 -38.96 -2.31
CA VAL A 486 4.11 -39.02 -0.98
C VAL A 486 2.60 -39.18 -1.12
N GLN A 487 1.99 -38.43 -2.03
CA GLN A 487 0.55 -38.57 -2.25
C GLN A 487 0.21 -39.99 -2.67
N HIS A 488 1.02 -40.60 -3.53
CA HIS A 488 0.76 -41.96 -3.96
C HIS A 488 0.80 -42.93 -2.78
N LEU A 489 1.78 -42.78 -1.89
CA LEU A 489 1.87 -43.68 -0.74
C LEU A 489 0.67 -43.53 0.17
N HIS A 490 0.24 -42.29 0.42
CA HIS A 490 -0.91 -42.07 1.30
C HIS A 490 -2.19 -42.58 0.67
N THR A 491 -2.28 -42.57 -0.66
CA THR A 491 -3.45 -43.14 -1.32
C THR A 491 -3.48 -44.66 -1.19
N LEU A 492 -2.31 -45.30 -1.25
CA LEU A 492 -2.22 -46.74 -1.11
C LEU A 492 -2.24 -47.21 0.34
N ALA A 493 -2.08 -46.30 1.30
CA ALA A 493 -1.95 -46.71 2.69
C ALA A 493 -3.13 -47.54 3.19
N PRO A 494 -4.39 -47.16 2.93
CA PRO A 494 -5.50 -47.96 3.46
C PRO A 494 -5.42 -49.40 2.98
N GLY A 495 -5.17 -50.30 3.92
CA GLY A 495 -5.11 -51.72 3.65
C GLY A 495 -3.71 -52.28 3.45
N ALA A 496 -2.73 -51.43 3.18
CA ALA A 496 -1.36 -51.90 2.95
C ALA A 496 -0.40 -51.46 4.05
N THR A 497 -0.30 -50.17 4.33
CA THR A 497 0.50 -49.67 5.45
C THR A 497 -0.35 -49.22 6.63
N ALA A 498 -1.65 -49.06 6.43
CA ALA A 498 -2.61 -48.86 7.51
C ALA A 498 -3.72 -49.88 7.32
N PRO A 499 -3.43 -51.16 7.57
CA PRO A 499 -4.36 -52.23 7.17
C PRO A 499 -5.75 -52.07 7.74
N ASN A 500 -5.87 -51.56 8.96
CA ASN A 500 -7.17 -51.43 9.63
C ASN A 500 -7.87 -50.11 9.32
N ALA A 501 -7.28 -49.27 8.48
CA ALA A 501 -7.92 -48.03 8.05
C ALA A 501 -8.69 -48.31 6.77
N LEU A 502 -9.99 -47.99 6.77
CA LEU A 502 -10.84 -48.30 5.62
C LEU A 502 -10.62 -47.32 4.47
N ALA A 503 -10.25 -46.08 4.76
CA ALA A 503 -10.11 -45.06 3.73
C ALA A 503 -8.90 -44.20 4.02
N THR A 504 -8.51 -43.41 3.02
CA THR A 504 -7.35 -42.54 3.15
C THR A 504 -7.59 -41.49 4.23
N ALA A 505 -6.49 -40.98 4.79
CA ALA A 505 -6.60 -39.92 5.80
C ALA A 505 -7.25 -38.68 5.21
N SER A 506 -6.92 -38.35 3.97
CA SER A 506 -7.52 -37.20 3.29
C SER A 506 -7.63 -37.51 1.81
N TYR A 507 -8.76 -37.16 1.22
CA TYR A 507 -8.95 -37.33 -0.22
C TYR A 507 -8.11 -36.35 -1.02
N ALA A 508 -7.50 -35.35 -0.38
CA ALA A 508 -6.58 -34.47 -1.08
C ALA A 508 -5.41 -35.26 -1.66
N PHE A 509 -4.99 -36.32 -0.98
CA PHE A 509 -3.87 -37.12 -1.47
C PHE A 509 -4.24 -37.94 -2.70
N GLY A 510 -5.52 -38.26 -2.86
CA GLY A 510 -5.96 -39.10 -3.96
C GLY A 510 -7.20 -39.87 -3.59
N GLY A 511 -7.81 -40.47 -4.61
CA GLY A 511 -9.00 -41.28 -4.40
C GLY A 511 -10.24 -40.69 -5.02
N GLU A 512 -11.39 -40.93 -4.38
CA GLU A 512 -12.67 -40.54 -4.94
C GLU A 512 -12.99 -39.07 -4.61
N THR A 513 -13.98 -38.54 -5.31
CA THR A 513 -14.47 -37.19 -5.09
C THR A 513 -15.68 -37.25 -4.17
N ILE A 514 -15.61 -36.55 -3.04
CA ILE A 514 -16.70 -36.48 -2.09
C ILE A 514 -17.58 -35.29 -2.45
N ALA A 515 -18.84 -35.55 -2.77
CA ALA A 515 -19.78 -34.51 -3.18
C ALA A 515 -20.95 -34.50 -2.20
N VAL A 516 -21.31 -33.30 -1.74
CA VAL A 516 -22.44 -33.11 -0.85
C VAL A 516 -23.32 -31.99 -1.42
N ALA A 517 -24.61 -32.29 -1.59
CA ALA A 517 -25.57 -31.31 -2.10
C ALA A 517 -25.11 -30.74 -3.45
N GLY A 518 -24.52 -31.60 -4.28
CA GLY A 518 -24.09 -31.19 -5.59
C GLY A 518 -22.82 -30.35 -5.61
N LYS A 519 -22.12 -30.24 -4.50
CA LYS A 519 -20.89 -29.47 -4.41
C LYS A 519 -19.76 -30.37 -3.94
N VAL A 520 -18.54 -30.03 -4.34
CA VAL A 520 -17.36 -30.80 -3.97
C VAL A 520 -16.97 -30.46 -2.53
N ALA A 521 -16.89 -31.47 -1.68
CA ALA A 521 -16.38 -31.29 -0.33
C ALA A 521 -14.85 -31.43 -0.30
N MET A 522 -14.33 -32.46 -0.97
CA MET A 522 -12.89 -32.64 -1.09
C MET A 522 -12.63 -33.65 -2.19
N MET A 523 -11.53 -33.45 -2.90
CA MET A 523 -11.12 -34.34 -3.97
C MET A 523 -9.61 -34.20 -4.13
N PRO A 524 -8.98 -35.11 -4.88
CA PRO A 524 -7.52 -35.07 -4.98
C PRO A 524 -7.01 -33.72 -5.47
N ILE A 525 -5.98 -33.22 -4.81
CA ILE A 525 -5.34 -31.95 -5.16
C ILE A 525 -4.05 -32.32 -5.88
N THR A 526 -4.12 -32.37 -7.21
CA THR A 526 -2.96 -32.74 -8.01
C THR A 526 -1.92 -31.63 -8.00
N LEU A 527 -0.65 -32.03 -8.10
CA LEU A 527 0.47 -31.12 -8.06
C LEU A 527 1.21 -31.16 -9.39
N GLY A 528 1.47 -29.99 -9.96
CA GLY A 528 2.17 -29.89 -11.23
C GLY A 528 3.24 -28.83 -11.22
N THR A 529 3.59 -28.31 -12.40
CA THR A 529 4.66 -27.31 -12.48
C THR A 529 4.29 -26.05 -11.71
N ALA A 530 3.05 -25.59 -11.84
CA ALA A 530 2.64 -24.39 -11.10
C ALA A 530 2.75 -24.60 -9.60
N ASP A 531 2.38 -25.80 -9.13
CA ASP A 531 2.49 -26.10 -7.71
C ASP A 531 3.95 -26.15 -7.27
N PHE A 532 4.82 -26.73 -8.10
CA PHE A 532 6.24 -26.74 -7.79
C PHE A 532 6.78 -25.33 -7.61
N MET A 533 6.43 -24.42 -8.53
CA MET A 533 6.99 -23.08 -8.48
C MET A 533 6.53 -22.33 -7.24
N VAL A 534 5.24 -22.39 -6.92
CA VAL A 534 4.73 -21.63 -5.78
C VAL A 534 5.24 -22.20 -4.48
N HIS A 535 5.37 -23.53 -4.40
CA HIS A 535 5.88 -24.14 -3.17
C HIS A 535 7.29 -23.66 -2.87
N HIS A 536 8.12 -23.49 -3.89
CA HIS A 536 9.46 -22.95 -3.67
C HIS A 536 9.47 -21.45 -3.44
N ILE A 537 8.41 -20.74 -3.85
CA ILE A 537 8.24 -19.36 -3.42
C ILE A 537 8.02 -19.32 -1.90
N HIS A 538 7.21 -20.25 -1.39
CA HIS A 538 6.99 -20.30 0.06
C HIS A 538 8.30 -20.57 0.79
N ALA A 539 9.12 -21.48 0.28
CA ALA A 539 10.42 -21.74 0.88
C ALA A 539 11.27 -20.47 0.90
N PHE A 540 11.24 -19.72 -0.19
CA PHE A 540 12.02 -18.48 -0.25
C PHE A 540 11.55 -17.48 0.80
N THR A 541 10.25 -17.20 0.85
CA THR A 541 9.75 -16.16 1.74
C THR A 541 9.92 -16.55 3.20
N ILE A 542 9.71 -17.83 3.52
CA ILE A 542 9.87 -18.28 4.90
C ILE A 542 11.33 -18.20 5.32
N HIS A 543 12.25 -18.62 4.44
CA HIS A 543 13.67 -18.56 4.77
C HIS A 543 14.11 -17.12 5.00
N VAL A 544 13.64 -16.19 4.17
CA VAL A 544 14.00 -14.78 4.34
C VAL A 544 13.45 -14.25 5.65
N THR A 545 12.18 -14.56 5.96
CA THR A 545 11.60 -14.10 7.21
C THR A 545 12.39 -14.64 8.40
N ALA A 546 12.76 -15.92 8.35
CA ALA A 546 13.58 -16.49 9.41
C ALA A 546 14.93 -15.78 9.50
N LEU A 547 15.52 -15.44 8.35
CA LEU A 547 16.79 -14.75 8.35
C LEU A 547 16.72 -13.44 9.13
N ILE A 548 15.70 -12.64 8.86
CA ILE A 548 15.58 -11.33 9.51
C ILE A 548 15.41 -11.50 11.01
N LEU A 549 14.51 -12.41 11.42
CA LEU A 549 14.25 -12.60 12.84
C LEU A 549 15.42 -13.28 13.54
N LEU A 550 15.98 -14.31 12.92
CA LEU A 550 17.12 -14.99 13.52
C LEU A 550 18.31 -14.04 13.64
N LYS A 551 18.56 -13.24 12.60
CA LYS A 551 19.62 -12.25 12.67
C LYS A 551 19.38 -11.28 13.81
N GLY A 552 18.12 -10.90 14.05
CA GLY A 552 17.81 -10.02 15.15
C GLY A 552 18.19 -10.62 16.50
N VAL A 553 17.92 -11.91 16.68
CA VAL A 553 18.23 -12.56 17.94
C VAL A 553 19.73 -12.70 18.13
N LEU A 554 20.45 -13.13 17.09
CA LEU A 554 21.87 -13.40 17.23
C LEU A 554 22.67 -12.12 17.40
N TYR A 555 22.23 -11.01 16.82
CA TYR A 555 22.94 -9.73 16.90
C TYR A 555 22.25 -8.75 17.84
N ALA A 556 21.41 -9.23 18.75
CA ALA A 556 20.72 -8.34 19.67
C ALA A 556 21.68 -7.69 20.66
N ARG A 557 22.74 -8.39 21.05
CA ARG A 557 23.67 -7.91 22.06
C ARG A 557 24.90 -7.21 21.49
N SER A 558 25.43 -7.69 20.37
CA SER A 558 26.68 -7.18 19.84
C SER A 558 26.56 -6.99 18.33
N SER A 559 27.58 -6.39 17.75
CA SER A 559 27.63 -6.13 16.32
C SER A 559 27.67 -7.45 15.54
N LEU A 561 30.71 -2.81 14.83
CA LEU A 561 29.74 -1.86 14.29
C LEU A 561 29.04 -1.11 15.41
N VAL A 562 28.28 -1.84 16.22
CA VAL A 562 27.57 -1.27 17.36
C VAL A 562 27.81 -2.14 18.59
N PRO A 563 29.02 -2.16 19.13
CA PRO A 563 29.29 -2.99 20.32
C PRO A 563 28.55 -2.49 21.54
N ASP A 564 28.38 -3.38 22.51
CA ASP A 564 27.65 -3.08 23.74
C ASP A 564 26.22 -2.65 23.41
N LYS A 565 25.61 -3.31 22.42
CA LYS A 565 24.24 -2.98 22.05
C LYS A 565 23.26 -3.29 23.19
N ALA A 566 23.61 -4.20 24.08
CA ALA A 566 22.71 -4.56 25.17
C ALA A 566 22.46 -3.38 26.09
N ASN A 567 23.43 -2.46 26.20
CA ASN A 567 23.25 -1.30 27.06
C ASN A 567 22.09 -0.43 26.58
N LEU A 568 22.00 -0.22 25.26
CA LEU A 568 20.92 0.60 24.72
C LEU A 568 19.56 -0.01 25.00
N GLY A 569 19.44 -1.32 24.85
CA GLY A 569 18.21 -2.03 25.13
C GLY A 569 17.59 -2.60 23.87
N PHE A 570 16.46 -3.29 24.07
CA PHE A 570 15.76 -3.90 22.95
C PHE A 570 15.26 -2.85 21.97
N ARG A 571 14.71 -1.75 22.49
CA ARG A 571 14.17 -0.67 21.67
C ARG A 571 15.07 0.55 21.82
N PHE A 572 15.80 0.90 20.77
CA PHE A 572 16.54 2.15 20.72
C PHE A 572 16.56 2.61 19.27
N PRO A 573 16.44 3.91 19.02
CA PRO A 573 16.38 4.37 17.62
C PRO A 573 17.64 4.04 16.83
N CYS A 574 18.80 4.46 17.31
CA CYS A 574 20.05 4.23 16.61
C CYS A 574 21.19 4.29 17.63
N ASP A 575 22.39 3.94 17.15
CA ASP A 575 23.59 3.93 17.97
C ASP A 575 24.61 4.90 17.38
N GLY A 576 25.59 5.27 18.20
CA GLY A 576 26.66 6.16 17.77
C GLY A 576 27.55 6.61 18.91
N GLY A 581 26.08 5.07 9.27
CA GLY A 581 24.81 5.06 9.97
C GLY A 581 24.57 3.77 10.73
N THR A 582 23.95 3.89 11.90
CA THR A 582 23.64 2.78 12.79
C THR A 582 22.18 2.81 13.19
N CYS A 583 21.31 3.01 12.21
CA CYS A 583 19.87 3.05 12.42
C CYS A 583 19.25 1.75 11.92
N GLN A 584 18.26 1.25 12.67
CA GLN A 584 17.65 -0.05 12.40
C GLN A 584 18.62 -1.20 12.70
N VAL A 585 19.28 -1.11 13.86
CA VAL A 585 20.16 -2.17 14.33
C VAL A 585 19.63 -2.84 15.60
N SER A 586 18.65 -2.26 16.27
CA SER A 586 18.16 -2.84 17.51
C SER A 586 17.38 -4.13 17.23
N GLY A 587 17.21 -4.92 18.28
CA GLY A 587 16.40 -6.13 18.14
C GLY A 587 14.98 -5.82 17.72
N TRP A 588 14.42 -4.73 18.23
CA TRP A 588 13.08 -4.32 17.83
C TRP A 588 13.01 -4.04 16.33
N ASP A 589 14.05 -3.41 15.79
CA ASP A 589 14.03 -3.04 14.38
C ASP A 589 13.99 -4.26 13.47
N HIS A 590 14.56 -5.38 13.91
CA HIS A 590 14.44 -6.61 13.12
C HIS A 590 13.02 -7.15 13.13
N VAL A 591 12.30 -6.99 14.25
CA VAL A 591 10.89 -7.36 14.29
C VAL A 591 10.10 -6.51 13.31
N PHE A 592 10.43 -5.22 13.24
CA PHE A 592 9.76 -4.31 12.30
C PHE A 592 9.91 -4.81 10.87
N LEU A 593 11.11 -5.21 10.48
CA LEU A 593 11.32 -5.72 9.13
C LEU A 593 10.74 -7.12 8.97
N GLY A 594 10.80 -7.94 10.02
CA GLY A 594 10.24 -9.27 9.93
C GLY A 594 8.73 -9.28 9.70
N LEU A 595 8.02 -8.30 10.27
CA LEU A 595 6.59 -8.22 10.07
C LEU A 595 6.23 -8.03 8.60
N PHE A 596 6.99 -7.19 7.90
CA PHE A 596 6.72 -6.99 6.48
C PHE A 596 6.89 -8.29 5.70
N TRP A 597 7.96 -9.03 5.98
CA TRP A 597 8.21 -10.26 5.24
C TRP A 597 7.24 -11.37 5.64
N MET A 598 6.85 -11.42 6.91
CA MET A 598 5.80 -12.36 7.31
C MET A 598 4.51 -12.06 6.58
N TYR A 599 4.14 -10.78 6.48
CA TYR A 599 2.97 -10.40 5.70
C TYR A 599 3.12 -10.79 4.25
N ASN A 600 4.29 -10.54 3.67
CA ASN A 600 4.53 -10.93 2.28
C ASN A 600 4.44 -12.44 2.11
N SER A 601 5.04 -13.19 3.03
CA SER A 601 5.05 -14.64 2.93
C SER A 601 3.66 -15.22 3.03
N LEU A 602 2.89 -14.80 4.04
CA LEU A 602 1.58 -15.39 4.27
C LEU A 602 0.57 -14.94 3.22
N SER A 603 0.74 -13.75 2.66
CA SER A 603 -0.16 -13.29 1.61
C SER A 603 -0.11 -14.22 0.41
N ILE A 604 1.09 -14.67 0.04
CA ILE A 604 1.21 -15.60 -1.08
C ILE A 604 0.63 -16.96 -0.72
N VAL A 605 0.80 -17.38 0.54
CA VAL A 605 0.28 -18.68 0.96
C VAL A 605 -1.24 -18.72 0.81
N ILE A 606 -1.93 -17.70 1.35
CA ILE A 606 -3.38 -17.70 1.27
C ILE A 606 -3.85 -17.49 -0.16
N PHE A 607 -3.13 -16.69 -0.95
CA PHE A 607 -3.45 -16.58 -2.36
C PHE A 607 -3.28 -17.92 -3.06
N HIS A 608 -2.19 -18.64 -2.75
CA HIS A 608 -2.03 -19.99 -3.29
C HIS A 608 -3.20 -20.88 -2.93
N PHE A 609 -3.61 -20.85 -1.66
CA PHE A 609 -4.74 -21.66 -1.22
C PHE A 609 -6.01 -21.26 -1.96
N SER A 610 -6.31 -19.96 -2.01
CA SER A 610 -7.57 -19.51 -2.60
C SER A 610 -7.68 -19.90 -4.06
N TRP A 611 -6.62 -19.67 -4.84
CA TRP A 611 -6.71 -19.93 -6.27
C TRP A 611 -6.71 -21.42 -6.55
N LYS A 612 -5.84 -22.19 -5.90
CA LYS A 612 -5.76 -23.61 -6.16
C LYS A 612 -7.08 -24.31 -5.84
N MET A 613 -7.69 -23.99 -4.69
CA MET A 613 -8.93 -24.64 -4.32
C MET A 613 -10.05 -24.32 -5.31
N GLN A 614 -10.18 -23.04 -5.68
CA GLN A 614 -11.21 -22.67 -6.65
C GLN A 614 -10.96 -23.30 -8.01
N SER A 615 -9.69 -23.37 -8.42
CA SER A 615 -9.37 -23.83 -9.76
C SER A 615 -9.46 -25.34 -9.90
N ASP A 616 -9.06 -26.09 -8.86
CA ASP A 616 -8.85 -27.53 -9.01
C ASP A 616 -9.64 -28.38 -8.03
N VAL A 617 -10.31 -27.81 -7.03
CA VAL A 617 -11.00 -28.61 -6.03
C VAL A 617 -12.47 -28.26 -5.99
N TRP A 618 -12.79 -27.01 -5.63
CA TRP A 618 -14.17 -26.60 -5.44
C TRP A 618 -14.91 -26.52 -6.77
N GLY A 619 -16.21 -26.75 -6.70
CA GLY A 619 -17.04 -26.69 -7.89
C GLY A 619 -18.31 -27.48 -7.70
N THR A 620 -19.08 -27.55 -8.77
CA THR A 620 -20.35 -28.29 -8.79
C THR A 620 -20.14 -29.66 -9.42
N VAL A 621 -20.82 -30.66 -8.89
CA VAL A 621 -20.72 -32.03 -9.36
C VAL A 621 -22.01 -32.36 -10.10
N SER A 622 -21.89 -32.74 -11.37
CA SER A 622 -23.04 -33.13 -12.15
C SER A 622 -23.57 -34.46 -11.65
N PRO A 623 -24.86 -34.75 -11.88
CA PRO A 623 -25.39 -36.06 -11.47
C PRO A 623 -24.60 -37.22 -12.07
N ASP A 624 -24.14 -37.08 -13.31
CA ASP A 624 -23.31 -38.13 -13.91
C ASP A 624 -22.00 -38.28 -13.16
N GLY A 625 -21.40 -37.16 -12.75
CA GLY A 625 -20.17 -37.21 -11.97
C GLY A 625 -19.16 -36.16 -12.35
N SER A 626 -19.37 -35.50 -13.50
CA SER A 626 -18.42 -34.48 -13.95
C SER A 626 -18.40 -33.31 -12.98
N VAL A 627 -17.22 -32.74 -12.79
CA VAL A 627 -17.00 -31.64 -11.86
C VAL A 627 -16.70 -30.37 -12.67
N THR A 628 -17.40 -29.30 -12.36
CA THR A 628 -17.17 -27.99 -12.97
C THR A 628 -16.60 -27.08 -11.88
N HIS A 629 -15.31 -26.75 -12.01
CA HIS A 629 -14.63 -25.99 -10.97
C HIS A 629 -15.00 -24.51 -11.05
N VAL A 630 -14.75 -23.80 -9.95
CA VAL A 630 -15.15 -22.40 -9.84
C VAL A 630 -14.46 -21.56 -10.91
N THR A 631 -13.15 -21.74 -11.07
CA THR A 631 -12.39 -21.00 -12.08
C THR A 631 -11.91 -21.89 -13.21
N LEU A 632 -12.55 -23.05 -13.41
CA LEU A 632 -12.35 -23.87 -14.59
C LEU A 632 -10.89 -24.28 -14.79
N GLY A 633 -10.21 -24.60 -13.70
CA GLY A 633 -8.88 -25.18 -13.80
C GLY A 633 -7.87 -24.30 -14.51
N ASN A 634 -7.93 -22.99 -14.31
CA ASN A 634 -7.01 -22.07 -14.95
C ASN A 634 -5.71 -21.90 -14.18
N PHE A 635 -5.59 -22.54 -13.01
CA PHE A 635 -4.38 -22.39 -12.20
C PHE A 635 -3.14 -22.91 -12.93
N ALA A 636 -3.28 -24.05 -13.62
CA ALA A 636 -2.10 -24.71 -14.19
C ALA A 636 -1.40 -23.81 -15.21
N GLN A 637 -2.16 -23.14 -16.07
CA GLN A 637 -1.57 -22.33 -17.14
C GLN A 637 -1.41 -20.87 -16.78
N SER A 638 -2.14 -20.38 -15.77
CA SER A 638 -2.08 -18.96 -15.40
C SER A 638 -1.19 -18.69 -14.21
N ALA A 639 -1.08 -19.61 -13.26
CA ALA A 639 -0.32 -19.39 -12.04
C ALA A 639 1.19 -19.49 -12.25
N ILE A 640 1.65 -19.58 -13.49
CA ILE A 640 3.08 -19.70 -13.78
C ILE A 640 3.69 -18.39 -14.26
N THR A 641 2.91 -17.31 -14.28
CA THR A 641 3.40 -15.99 -14.64
C THR A 641 2.86 -14.98 -13.64
N ILE A 642 3.60 -13.89 -13.46
CA ILE A 642 3.11 -12.82 -12.59
C ILE A 642 1.88 -12.16 -13.20
N ASN A 643 1.86 -12.03 -14.53
CA ASN A 643 0.69 -11.47 -15.21
C ASN A 643 -0.55 -12.33 -14.96
N GLY A 644 -0.37 -13.65 -14.92
CA GLY A 644 -1.50 -14.52 -14.65
C GLY A 644 -2.10 -14.28 -13.27
N TRP A 645 -1.25 -14.15 -12.25
CA TRP A 645 -1.76 -13.82 -10.93
C TRP A 645 -2.46 -12.47 -10.92
N LEU A 646 -1.87 -11.47 -11.59
CA LEU A 646 -2.49 -10.16 -11.65
C LEU A 646 -3.84 -10.21 -12.36
N ARG A 647 -3.89 -10.90 -13.50
CA ARG A 647 -5.09 -10.90 -14.32
C ARG A 647 -6.10 -11.92 -13.82
N ASP A 648 -5.70 -13.19 -13.75
CA ASP A 648 -6.65 -14.26 -13.53
C ASP A 648 -7.05 -14.41 -12.07
N PHE A 649 -6.18 -14.02 -11.13
CA PHE A 649 -6.52 -14.11 -9.71
C PHE A 649 -7.03 -12.77 -9.16
N LEU A 650 -6.20 -11.73 -9.21
CA LEU A 650 -6.58 -10.47 -8.56
C LEU A 650 -7.67 -9.75 -9.35
N TRP A 651 -7.38 -9.43 -10.61
CA TRP A 651 -8.34 -8.67 -11.41
C TRP A 651 -9.65 -9.42 -11.57
N ALA A 652 -9.58 -10.72 -11.88
CA ALA A 652 -10.78 -11.48 -12.19
C ALA A 652 -11.63 -11.70 -10.95
N GLN A 653 -11.00 -12.10 -9.84
CA GLN A 653 -11.76 -12.42 -8.63
C GLN A 653 -12.12 -11.20 -7.82
N ALA A 654 -11.49 -10.06 -8.07
CA ALA A 654 -11.89 -8.82 -7.40
C ALA A 654 -13.21 -8.27 -7.94
N ALA A 655 -13.74 -8.84 -9.02
CA ALA A 655 -14.99 -8.35 -9.58
C ALA A 655 -16.12 -8.40 -8.57
N ASN A 656 -16.13 -9.41 -7.70
CA ASN A 656 -17.22 -9.55 -6.75
C ASN A 656 -17.22 -8.41 -5.73
N VAL A 657 -16.06 -8.09 -5.18
CA VAL A 657 -16.01 -7.08 -4.11
C VAL A 657 -16.27 -5.69 -4.68
N ILE A 658 -15.75 -5.40 -5.86
CA ILE A 658 -15.93 -4.06 -6.44
C ILE A 658 -17.34 -3.85 -6.99
N ASN A 659 -18.10 -4.92 -7.21
CA ASN A 659 -19.48 -4.83 -7.66
C ASN A 659 -20.47 -5.04 -6.52
N SER A 660 -20.02 -4.97 -5.27
CA SER A 660 -20.85 -5.29 -4.13
C SER A 660 -21.77 -4.15 -3.71
N TYR A 661 -21.53 -2.92 -4.18
CA TYR A 661 -22.36 -1.80 -3.77
C TYR A 661 -23.81 -2.06 -4.14
N GLY A 662 -24.70 -1.68 -3.22
CA GLY A 662 -26.13 -1.87 -3.43
C GLY A 662 -26.65 -3.24 -3.08
N SER A 663 -25.82 -4.12 -2.53
CA SER A 663 -26.23 -5.47 -2.16
C SER A 663 -25.86 -5.72 -0.70
N ALA A 664 -26.22 -6.91 -0.20
CA ALA A 664 -25.89 -7.27 1.16
C ALA A 664 -24.38 -7.36 1.38
N LEU A 665 -23.60 -7.57 0.32
CA LEU A 665 -22.16 -7.63 0.42
C LEU A 665 -21.49 -6.26 0.31
N SER A 666 -22.28 -5.18 0.28
CA SER A 666 -21.71 -3.86 0.11
C SER A 666 -20.71 -3.51 1.21
N ALA A 667 -20.88 -4.08 2.40
CA ALA A 667 -19.95 -3.79 3.48
C ALA A 667 -18.53 -4.21 3.12
N TYR A 668 -18.39 -5.35 2.45
CA TYR A 668 -17.07 -5.79 2.02
C TYR A 668 -16.49 -4.82 0.99
N GLY A 669 -17.32 -4.31 0.08
CA GLY A 669 -16.85 -3.29 -0.84
C GLY A 669 -16.32 -2.08 -0.11
N ILE A 670 -17.00 -1.65 0.95
CA ILE A 670 -16.54 -0.50 1.73
C ILE A 670 -15.21 -0.83 2.40
N MET A 671 -15.12 -1.99 3.05
CA MET A 671 -13.90 -2.34 3.75
C MET A 671 -12.75 -2.62 2.78
N PHE A 672 -13.08 -3.05 1.56
CA PHE A 672 -12.05 -3.23 0.54
C PHE A 672 -11.33 -1.91 0.25
N LEU A 673 -12.10 -0.82 0.10
CA LEU A 673 -11.49 0.50 -0.05
C LEU A 673 -10.88 0.97 1.26
N ALA A 674 -11.50 0.63 2.39
CA ALA A 674 -10.95 1.01 3.68
C ALA A 674 -9.55 0.44 3.87
N GLY A 675 -9.34 -0.81 3.47
CA GLY A 675 -8.02 -1.40 3.59
C GLY A 675 -6.99 -0.72 2.70
N HIS A 676 -7.36 -0.44 1.45
CA HIS A 676 -6.44 0.25 0.56
C HIS A 676 -6.03 1.60 1.14
N PHE A 677 -6.96 2.31 1.76
CA PHE A 677 -6.65 3.62 2.33
C PHE A 677 -5.64 3.51 3.46
N VAL A 678 -5.89 2.60 4.41
CA VAL A 678 -5.01 2.48 5.57
C VAL A 678 -3.61 2.06 5.14
N PHE A 679 -3.52 1.20 4.11
CA PHE A 679 -2.22 0.82 3.57
C PHE A 679 -1.48 2.05 3.05
N ALA A 680 -2.17 2.89 2.28
CA ALA A 680 -1.54 4.10 1.76
C ALA A 680 -1.21 5.08 2.88
N PHE A 681 -2.11 5.21 3.86
CA PHE A 681 -1.88 6.11 4.97
C PHE A 681 -0.61 5.74 5.72
N SER A 682 -0.34 4.44 5.85
CA SER A 682 0.85 4.00 6.59
C SER A 682 2.13 4.47 5.94
N LEU A 683 2.12 4.66 4.62
CA LEU A 683 3.35 5.09 3.94
C LEU A 683 3.81 6.47 4.39
N MET A 684 2.90 7.29 4.92
CA MET A 684 3.31 8.58 5.45
C MET A 684 4.29 8.40 6.61
N PHE A 685 4.03 7.43 7.47
CA PHE A 685 4.92 7.18 8.61
C PHE A 685 6.18 6.44 8.19
N LEU A 686 6.06 5.49 7.26
CA LEU A 686 7.21 4.65 6.91
C LEU A 686 8.24 5.43 6.11
N PHE A 687 7.81 6.35 5.25
CA PHE A 687 8.72 7.06 4.36
C PHE A 687 9.29 8.33 4.97
N SER A 688 8.72 8.84 6.06
CA SER A 688 9.13 10.10 6.64
C SER A 688 9.86 9.88 7.96
N GLY A 689 10.25 10.97 8.60
CA GLY A 689 10.91 10.91 9.88
C GLY A 689 10.41 12.04 10.78
N ARG A 690 10.66 11.87 12.07
CA ARG A 690 10.08 12.78 13.06
C ARG A 690 10.63 14.20 12.93
N GLY A 691 11.82 14.37 12.34
CA GLY A 691 12.40 15.70 12.28
C GLY A 691 11.51 16.69 11.54
N TYR A 692 10.98 16.29 10.39
CA TYR A 692 10.09 17.17 9.64
C TYR A 692 8.86 17.53 10.44
N TRP A 693 8.24 16.53 11.07
CA TRP A 693 6.97 16.75 11.77
C TRP A 693 7.15 17.61 13.02
N GLN A 694 8.28 17.46 13.71
CA GLN A 694 8.53 18.33 14.86
C GLN A 694 8.61 19.79 14.44
N GLU A 695 9.31 20.06 13.34
CA GLU A 695 9.40 21.44 12.85
C GLU A 695 8.04 21.96 12.42
N LEU A 696 7.23 21.11 11.80
CA LEU A 696 5.87 21.53 11.44
C LEU A 696 5.06 21.87 12.68
N ILE A 697 5.19 21.07 13.73
CA ILE A 697 4.45 21.33 14.96
C ILE A 697 4.85 22.66 15.57
N GLU A 698 6.11 23.06 15.41
CA GLU A 698 6.53 24.35 15.96
C GLU A 698 5.74 25.50 15.36
N SER A 699 5.56 25.49 14.04
CA SER A 699 4.77 26.54 13.41
C SER A 699 3.32 26.49 13.86
N ILE A 700 2.76 25.28 13.97
CA ILE A 700 1.39 25.15 14.44
C ILE A 700 1.27 25.65 15.88
N VAL A 701 2.24 25.30 16.72
CA VAL A 701 2.23 25.78 18.10
C VAL A 701 2.25 27.30 18.14
N TRP A 702 2.99 27.93 17.23
CA TRP A 702 3.00 29.38 17.19
C TRP A 702 1.60 29.95 17.01
N ALA A 703 0.83 29.37 16.09
CA ALA A 703 -0.53 29.85 15.86
C ALA A 703 -1.38 29.68 17.11
N HIS A 704 -1.27 28.54 17.78
CA HIS A 704 -2.02 28.33 19.02
C HIS A 704 -1.57 29.33 20.09
N ASN A 705 -0.27 29.59 20.18
CA ASN A 705 0.21 30.61 21.12
C ASN A 705 -0.36 31.98 20.79
N LYS A 706 -0.45 32.32 19.51
CA LYS A 706 -0.92 33.64 19.11
C LYS A 706 -2.34 33.90 19.63
N LEU A 707 -3.13 32.85 19.81
CA LEU A 707 -4.48 32.97 20.34
C LEU A 707 -4.59 32.53 21.79
N ASN A 708 -3.46 32.34 22.47
CA ASN A 708 -3.44 32.01 23.89
C ASN A 708 -4.14 30.68 24.16
N VAL A 709 -4.01 29.74 23.24
CA VAL A 709 -4.68 28.45 23.36
C VAL A 709 -3.64 27.33 23.21
N ALA A 710 -2.40 27.60 23.59
CA ALA A 710 -1.38 26.56 23.52
C ALA A 710 -1.54 25.58 24.68
N PRO A 711 -1.43 24.28 24.43
CA PRO A 711 -1.61 23.30 25.51
C PRO A 711 -0.44 23.30 26.49
N ALA A 712 -0.73 22.91 27.72
CA ALA A 712 0.33 22.77 28.72
C ALA A 712 1.22 21.57 28.42
N ILE A 713 0.62 20.48 27.95
CA ILE A 713 1.37 19.30 27.55
C ILE A 713 1.94 19.57 26.16
N GLN A 714 3.24 19.78 26.08
CA GLN A 714 3.86 20.23 24.85
C GLN A 714 3.74 19.18 23.75
N PRO A 715 3.16 19.50 22.60
CA PRO A 715 3.10 18.52 21.52
C PRO A 715 4.49 18.11 21.06
N ARG A 716 4.65 16.82 20.79
CA ARG A 716 5.91 16.27 20.30
C ARG A 716 5.61 15.34 19.13
N ALA A 717 6.51 15.32 18.17
CA ALA A 717 6.44 14.32 17.11
C ALA A 717 6.73 12.94 17.71
N LEU A 718 6.21 11.91 17.06
CA LEU A 718 6.40 10.56 17.57
C LEU A 718 7.88 10.21 17.56
N SER A 719 8.28 9.37 18.52
CA SER A 719 9.66 8.90 18.55
C SER A 719 9.98 8.13 17.27
N ILE A 720 11.27 7.92 17.05
CA ILE A 720 11.70 7.22 15.84
C ILE A 720 11.12 5.81 15.82
N ILE A 721 11.18 5.11 16.95
CA ILE A 721 10.68 3.75 17.00
C ILE A 721 9.16 3.73 16.82
N GLN A 722 8.45 4.65 17.47
CA GLN A 722 7.00 4.66 17.36
C GLN A 722 6.56 4.95 15.94
N GLY A 723 7.24 5.87 15.26
CA GLY A 723 6.91 6.13 13.87
C GLY A 723 6.99 4.87 13.02
N ARG A 724 8.02 4.06 13.24
CA ARG A 724 8.10 2.77 12.55
C ARG A 724 7.01 1.82 13.02
N ALA A 725 6.74 1.78 14.33
CA ALA A 725 5.68 0.93 14.84
C ALA A 725 4.33 1.33 14.28
N VAL A 726 4.05 2.63 14.23
CA VAL A 726 2.80 3.11 13.66
C VAL A 726 2.73 2.73 12.18
N GLY A 727 3.83 2.92 11.45
CA GLY A 727 3.81 2.63 10.03
C GLY A 727 3.49 1.17 9.73
N VAL A 728 4.18 0.26 10.43
CA VAL A 728 3.98 -1.16 10.15
C VAL A 728 2.59 -1.59 10.61
N ALA A 729 2.11 -1.05 11.73
CA ALA A 729 0.79 -1.42 12.24
C ALA A 729 -0.29 -1.05 11.23
N HIS A 730 -0.24 0.17 10.69
CA HIS A 730 -1.23 0.57 9.70
C HIS A 730 -1.03 -0.16 8.38
N TYR A 731 0.24 -0.41 8.00
CA TYR A 731 0.51 -1.13 6.77
C TYR A 731 -0.13 -2.52 6.81
N LEU A 732 0.11 -3.28 7.88
CA LEU A 732 -0.44 -4.62 7.97
C LEU A 732 -1.96 -4.58 8.09
N LEU A 733 -2.49 -3.66 8.88
CA LEU A 733 -3.94 -3.56 9.02
C LEU A 733 -4.59 -3.29 7.66
N GLY A 734 -4.05 -2.34 6.91
CA GLY A 734 -4.62 -2.01 5.61
C GLY A 734 -4.55 -3.18 4.65
N GLY A 735 -3.39 -3.84 4.58
CA GLY A 735 -3.24 -4.95 3.66
C GLY A 735 -4.09 -6.14 4.04
N ILE A 736 -4.14 -6.48 5.33
CA ILE A 736 -4.90 -7.65 5.76
C ILE A 736 -6.40 -7.40 5.60
N VAL A 737 -6.87 -6.21 5.96
CA VAL A 737 -8.29 -5.89 5.79
C VAL A 737 -8.67 -5.96 4.33
N THR A 738 -7.81 -5.47 3.44
CA THR A 738 -8.10 -5.53 2.01
C THR A 738 -8.32 -6.97 1.57
N THR A 739 -7.42 -7.87 1.95
CA THR A 739 -7.59 -9.28 1.60
C THR A 739 -8.82 -9.88 2.25
N TRP A 740 -9.07 -9.52 3.52
CA TRP A 740 -10.25 -10.02 4.22
C TRP A 740 -11.52 -9.70 3.43
N ALA A 741 -11.71 -8.44 3.05
CA ALA A 741 -12.88 -8.08 2.26
C ALA A 741 -12.87 -8.78 0.91
N PHE A 742 -11.70 -8.87 0.28
CA PHE A 742 -11.58 -9.54 -1.01
C PHE A 742 -11.99 -11.00 -0.91
N PHE A 743 -11.49 -11.71 0.10
CA PHE A 743 -11.79 -13.14 0.23
C PHE A 743 -13.26 -13.37 0.55
N LEU A 744 -13.79 -12.66 1.54
CA LEU A 744 -15.16 -12.92 1.97
C LEU A 744 -16.16 -12.59 0.88
N ALA A 745 -15.98 -11.46 0.19
CA ALA A 745 -16.89 -11.13 -0.90
C ALA A 745 -16.82 -12.16 -2.01
N ARG A 746 -15.61 -12.59 -2.37
CA ARG A 746 -15.46 -13.60 -3.41
C ARG A 746 -16.05 -14.93 -2.98
N SER A 747 -15.66 -15.43 -1.81
CA SER A 747 -16.09 -16.77 -1.39
C SER A 747 -17.58 -16.81 -1.11
N LEU A 748 -18.16 -15.73 -0.59
CA LEU A 748 -19.59 -15.68 -0.37
C LEU A 748 -20.38 -15.62 -1.67
N SER A 749 -19.71 -15.39 -2.81
CA SER A 749 -20.38 -15.28 -4.10
C SER A 749 -20.22 -16.53 -4.97
N ILE A 750 -19.26 -17.41 -4.67
CA ILE A 750 -19.05 -18.61 -5.48
C ILE A 750 -19.76 -19.83 -4.95
N GLY A 751 -20.35 -19.76 -3.75
CA GLY A 751 -21.03 -20.89 -3.17
C GLY A 751 -20.66 -21.10 -1.70
N THR B 3 40.63 7.81 -4.89
CA THR B 3 41.99 8.28 -5.18
C THR B 3 41.94 9.36 -6.25
N LYS B 4 41.77 8.94 -7.50
CA LYS B 4 41.65 9.91 -8.60
C LYS B 4 40.21 10.44 -8.69
N PHE B 5 39.27 9.55 -8.93
CA PHE B 5 37.87 9.96 -9.05
C PHE B 5 37.24 10.09 -7.67
N PRO B 6 36.51 11.18 -7.38
CA PRO B 6 36.28 12.36 -8.22
C PRO B 6 37.43 13.36 -8.17
N LYS B 7 37.82 13.94 -9.31
CA LYS B 7 38.90 14.92 -9.29
C LYS B 7 38.48 16.23 -8.68
N PHE B 8 37.18 16.54 -8.70
CA PHE B 8 36.67 17.81 -8.22
C PHE B 8 36.43 17.84 -6.71
N SER B 9 36.64 16.71 -6.02
CA SER B 9 36.45 16.65 -4.57
C SER B 9 37.56 15.79 -3.98
N GLN B 10 38.55 16.44 -3.35
CA GLN B 10 39.61 15.68 -2.69
C GLN B 10 39.07 14.89 -1.51
N ASP B 11 38.10 15.45 -0.78
CA ASP B 11 37.54 14.75 0.37
C ASP B 11 36.89 13.44 -0.06
N LEU B 12 36.10 13.48 -1.13
CA LEU B 12 35.46 12.26 -1.61
C LEU B 12 36.50 11.28 -2.16
N ALA B 13 37.51 11.79 -2.86
CA ALA B 13 38.54 10.92 -3.42
C ALA B 13 39.27 10.14 -2.35
N GLN B 14 39.37 10.70 -1.14
CA GLN B 14 40.06 10.04 -0.04
C GLN B 14 39.17 9.09 0.74
N ASP B 15 37.89 8.98 0.39
CA ASP B 15 37.00 8.06 1.06
C ASP B 15 37.35 6.64 0.66
N PRO B 16 37.70 5.74 1.60
CA PRO B 16 38.13 4.39 1.22
C PRO B 16 37.00 3.42 0.93
N THR B 17 35.75 3.85 1.01
CA THR B 17 34.60 2.97 0.85
C THR B 17 33.97 3.18 -0.52
N THR B 18 32.94 2.38 -0.81
CA THR B 18 32.19 2.53 -2.05
C THR B 18 31.40 3.83 -2.09
N ARG B 19 31.27 4.52 -0.96
CA ARG B 19 30.60 5.82 -0.95
C ARG B 19 31.29 6.81 -1.88
N ARG B 20 32.60 6.63 -2.12
CA ARG B 20 33.31 7.52 -3.02
C ARG B 20 32.69 7.50 -4.42
N ILE B 21 32.35 6.30 -4.91
CA ILE B 21 31.81 6.20 -6.26
C ILE B 21 30.43 6.84 -6.34
N TRP B 22 29.55 6.53 -5.40
CA TRP B 22 28.19 7.03 -5.46
C TRP B 22 28.15 8.54 -5.36
N TYR B 23 28.85 9.11 -4.36
CA TYR B 23 28.78 10.55 -4.15
C TYR B 23 29.51 11.32 -5.23
N GLY B 24 30.52 10.71 -5.85
CA GLY B 24 31.17 11.38 -6.97
C GLY B 24 30.22 11.63 -8.12
N ILE B 25 29.34 10.67 -8.39
CA ILE B 25 28.35 10.83 -9.46
C ILE B 25 27.29 11.86 -9.07
N ALA B 26 26.85 11.84 -7.80
CA ALA B 26 25.73 12.66 -7.39
C ALA B 26 26.09 14.13 -7.25
N THR B 27 27.38 14.47 -7.16
CA THR B 27 27.81 15.86 -7.02
C THR B 27 28.60 16.34 -8.22
N ALA B 28 28.54 15.61 -9.34
CA ALA B 28 29.36 15.96 -10.49
C ALA B 28 28.98 17.32 -11.07
N HIS B 29 27.68 17.63 -11.10
CA HIS B 29 27.20 18.84 -11.74
C HIS B 29 26.92 19.97 -10.76
N ASP B 30 27.29 19.80 -9.49
CA ASP B 30 27.19 20.89 -8.51
C ASP B 30 28.51 21.67 -8.52
N PHE B 31 28.66 22.47 -9.59
CA PHE B 31 29.93 23.14 -9.84
C PHE B 31 30.35 24.03 -8.68
N GLU B 32 29.39 24.64 -7.99
CA GLU B 32 29.73 25.62 -6.95
C GLU B 32 30.58 25.00 -5.85
N THR B 33 30.38 23.72 -5.56
CA THR B 33 31.07 23.06 -4.45
C THR B 33 32.37 22.39 -4.86
N HIS B 34 32.76 22.48 -6.13
CA HIS B 34 34.01 21.86 -6.56
C HIS B 34 35.20 22.64 -6.04
N ASP B 35 36.23 21.92 -5.63
CA ASP B 35 37.41 22.56 -5.06
C ASP B 35 38.06 23.49 -6.07
N GLY B 36 38.40 24.69 -5.61
CA GLY B 36 39.06 25.67 -6.46
C GLY B 36 38.15 26.38 -7.44
N MET B 37 36.85 26.18 -7.36
CA MET B 37 35.93 26.83 -8.28
C MET B 37 35.85 28.32 -7.99
N THR B 38 35.96 29.13 -9.04
CA THR B 38 35.81 30.57 -8.95
C THR B 38 34.53 31.00 -9.66
N GLU B 39 34.03 32.17 -9.30
CA GLU B 39 32.77 32.63 -9.86
C GLU B 39 32.85 32.80 -11.37
N GLU B 40 33.95 33.39 -11.86
CA GLU B 40 34.09 33.56 -13.30
C GLU B 40 34.17 32.22 -14.02
N ASN B 41 34.93 31.28 -13.47
CA ASN B 41 35.01 29.95 -14.08
C ASN B 41 33.70 29.20 -13.94
N LEU B 42 32.93 29.49 -12.89
CA LEU B 42 31.63 28.85 -12.73
C LEU B 42 30.70 29.20 -13.89
N TYR B 43 30.58 30.49 -14.20
CA TYR B 43 29.69 30.91 -15.28
C TYR B 43 30.15 30.36 -16.63
N GLN B 44 31.46 30.40 -16.89
CA GLN B 44 31.96 29.90 -18.16
C GLN B 44 31.71 28.41 -18.32
N LYS B 45 31.87 27.65 -17.22
CA LYS B 45 31.58 26.22 -17.28
C LYS B 45 30.09 25.97 -17.53
N ILE B 46 29.22 26.75 -16.88
CA ILE B 46 27.79 26.61 -17.10
C ILE B 46 27.43 26.99 -18.53
N PHE B 47 28.02 28.07 -19.03
CA PHE B 47 27.72 28.53 -20.39
C PHE B 47 28.06 27.45 -21.41
N ALA B 48 29.23 26.81 -21.25
CA ALA B 48 29.60 25.72 -22.14
C ALA B 48 28.66 24.53 -22.00
N SER B 49 28.29 24.20 -20.76
CA SER B 49 27.37 23.08 -20.53
C SER B 49 26.04 23.33 -21.22
N HIS B 50 25.56 24.57 -21.20
CA HIS B 50 24.30 24.89 -21.86
C HIS B 50 24.39 24.64 -23.37
N PHE B 51 25.53 24.96 -23.97
CA PHE B 51 25.71 24.63 -25.39
C PHE B 51 25.58 23.13 -25.61
N GLY B 52 26.11 22.32 -24.68
CA GLY B 52 25.96 20.89 -24.80
C GLY B 52 24.52 20.42 -24.76
N HIS B 53 23.74 20.99 -23.84
CA HIS B 53 22.34 20.57 -23.72
C HIS B 53 21.54 20.91 -24.97
N ILE B 54 21.78 22.10 -25.53
CA ILE B 54 21.06 22.49 -26.75
C ILE B 54 21.40 21.53 -27.89
N ALA B 55 22.67 21.17 -28.02
CA ALA B 55 23.06 20.24 -29.07
C ALA B 55 22.37 18.89 -28.89
N ILE B 56 22.26 18.41 -27.65
CA ILE B 56 21.58 17.15 -27.39
C ILE B 56 20.13 17.24 -27.84
N ILE B 57 19.48 18.39 -27.60
CA ILE B 57 18.09 18.55 -28.01
C ILE B 57 17.98 18.44 -29.53
N PHE B 58 18.88 19.10 -30.27
CA PHE B 58 18.82 19.02 -31.73
C PHE B 58 19.09 17.60 -32.22
N LEU B 59 20.06 16.91 -31.61
CA LEU B 59 20.30 15.52 -31.98
C LEU B 59 19.09 14.65 -31.69
N TRP B 60 18.47 14.86 -30.54
CA TRP B 60 17.24 14.12 -30.21
C TRP B 60 16.16 14.39 -31.24
N THR B 61 15.98 15.66 -31.63
CA THR B 61 15.01 15.98 -32.66
C THR B 61 15.40 15.38 -34.00
N SER B 62 16.71 15.38 -34.30
CA SER B 62 17.17 14.79 -35.56
C SER B 62 16.84 13.30 -35.62
N GLY B 63 17.01 12.59 -34.50
CA GLY B 63 16.66 11.18 -34.48
C GLY B 63 15.19 10.95 -34.77
N THR B 64 14.31 11.76 -34.17
CA THR B 64 12.89 11.61 -34.40
C THR B 64 12.56 11.76 -35.88
N LEU B 65 13.11 12.78 -36.52
CA LEU B 65 12.88 12.97 -37.95
C LEU B 65 13.46 11.82 -38.75
N PHE B 66 14.66 11.36 -38.39
CA PHE B 66 15.35 10.36 -39.19
C PHE B 66 14.62 9.02 -39.15
N HIS B 67 14.27 8.55 -37.96
CA HIS B 67 13.64 7.23 -37.86
C HIS B 67 12.24 7.24 -38.46
N VAL B 68 11.53 8.36 -38.40
CA VAL B 68 10.24 8.46 -39.06
C VAL B 68 10.41 8.39 -40.58
N ALA B 69 11.34 9.17 -41.12
CA ALA B 69 11.57 9.17 -42.55
C ALA B 69 12.10 7.82 -43.03
N TRP B 70 12.94 7.20 -42.21
CA TRP B 70 13.60 5.96 -42.61
C TRP B 70 12.69 4.75 -42.46
N GLN B 71 12.07 4.59 -41.28
CA GLN B 71 11.34 3.39 -40.94
C GLN B 71 9.84 3.62 -40.77
N GLY B 72 9.37 4.87 -40.85
CA GLY B 72 7.98 5.19 -40.64
C GLY B 72 7.14 5.03 -41.90
N ASN B 73 5.88 5.43 -41.78
CA ASN B 73 4.92 5.41 -42.88
C ASN B 73 4.31 6.77 -43.08
N PHE B 74 5.15 7.82 -43.02
CA PHE B 74 4.64 9.19 -43.09
C PHE B 74 3.91 9.45 -44.40
N GLU B 75 4.49 8.99 -45.52
CA GLU B 75 3.87 9.26 -46.82
C GLU B 75 2.55 8.52 -46.97
N GLN B 76 2.45 7.30 -46.42
CA GLN B 76 1.18 6.59 -46.43
C GLN B 76 0.20 7.21 -45.43
N TRP B 77 0.70 7.66 -44.29
CA TRP B 77 -0.17 8.19 -43.25
C TRP B 77 -0.89 9.46 -43.70
N ILE B 78 -0.17 10.36 -44.39
CA ILE B 78 -0.77 11.64 -44.77
C ILE B 78 -1.94 11.44 -45.72
N LYS B 79 -1.99 10.32 -46.44
CA LYS B 79 -3.11 10.06 -47.35
C LYS B 79 -4.36 9.62 -46.61
N ASP B 80 -4.26 9.16 -45.36
CA ASP B 80 -5.41 8.76 -44.57
C ASP B 80 -5.07 8.88 -43.09
N PRO B 81 -4.96 10.12 -42.59
CA PRO B 81 -4.55 10.30 -41.19
C PRO B 81 -5.46 9.64 -40.18
N LEU B 82 -6.75 9.53 -40.47
CA LEU B 82 -7.72 9.07 -39.48
C LEU B 82 -7.78 7.55 -39.36
N ASN B 83 -7.18 6.81 -40.29
CA ASN B 83 -7.25 5.35 -40.27
C ASN B 83 -5.89 4.67 -40.17
N ILE B 84 -4.82 5.31 -40.63
CA ILE B 84 -3.49 4.72 -40.59
C ILE B 84 -2.82 5.12 -39.29
N ARG B 85 -2.21 4.14 -38.61
CA ARG B 85 -1.51 4.40 -37.36
C ARG B 85 -0.08 4.83 -37.67
N PRO B 86 0.38 5.99 -37.19
CA PRO B 86 1.77 6.38 -37.46
C PRO B 86 2.76 5.45 -36.80
N ILE B 87 3.90 5.26 -37.47
CA ILE B 87 4.94 4.35 -37.03
C ILE B 87 6.09 5.16 -36.42
N ALA B 88 6.52 4.77 -35.22
CA ALA B 88 7.62 5.46 -34.56
C ALA B 88 8.96 5.00 -35.09
N HIS B 89 9.27 3.72 -34.92
CA HIS B 89 10.53 3.16 -35.42
C HIS B 89 10.38 1.65 -35.54
N ALA B 90 11.28 1.05 -36.30
CA ALA B 90 11.29 -0.39 -36.46
C ALA B 90 11.82 -1.06 -35.20
N ILE B 91 11.42 -2.31 -35.01
CA ILE B 91 11.89 -3.14 -33.92
C ILE B 91 12.86 -4.16 -34.47
N TRP B 92 14.04 -4.25 -33.87
CA TRP B 92 15.02 -5.30 -34.17
C TRP B 92 15.39 -5.92 -32.84
N ASP B 93 14.68 -6.98 -32.47
CA ASP B 93 14.88 -7.67 -31.19
C ASP B 93 15.04 -9.15 -31.46
N PRO B 94 16.26 -9.69 -31.40
CA PRO B 94 16.44 -11.13 -31.68
C PRO B 94 15.72 -12.03 -30.69
N HIS B 95 15.35 -11.52 -29.52
CA HIS B 95 14.65 -12.31 -28.52
C HIS B 95 13.17 -12.52 -28.85
N PHE B 96 12.64 -11.84 -29.87
CA PHE B 96 11.25 -11.99 -30.23
C PHE B 96 10.97 -13.40 -30.74
N GLY B 97 9.82 -13.94 -30.36
CA GLY B 97 9.35 -15.20 -30.89
C GLY B 97 8.40 -15.00 -32.05
N GLU B 98 7.86 -16.11 -32.55
CA GLU B 98 6.96 -16.05 -33.69
C GLU B 98 5.71 -15.23 -33.34
N GLY B 99 5.16 -15.43 -32.15
CA GLY B 99 3.97 -14.67 -31.77
C GLY B 99 4.21 -13.17 -31.73
N ALA B 100 5.32 -12.75 -31.15
CA ALA B 100 5.60 -11.32 -31.03
C ALA B 100 5.83 -10.69 -32.40
N VAL B 101 6.53 -11.39 -33.30
CA VAL B 101 6.81 -10.82 -34.61
C VAL B 101 5.52 -10.51 -35.35
N ASN B 102 4.58 -11.46 -35.35
CA ASN B 102 3.30 -11.23 -36.01
C ASN B 102 2.52 -10.12 -35.32
N ALA B 103 2.52 -10.10 -33.98
CA ALA B 103 1.74 -9.12 -33.25
C ALA B 103 2.20 -7.70 -33.54
N PHE B 104 3.51 -7.48 -33.61
CA PHE B 104 4.06 -6.15 -33.81
C PHE B 104 4.26 -5.79 -35.28
N THR B 105 3.98 -6.72 -36.19
CA THR B 105 3.96 -6.39 -37.62
C THR B 105 2.59 -5.76 -37.89
N GLN B 106 2.53 -4.44 -37.69
CA GLN B 106 1.26 -3.72 -37.65
C GLN B 106 1.38 -2.43 -38.45
N ALA B 107 0.25 -1.73 -38.57
CA ALA B 107 0.19 -0.44 -39.25
C ALA B 107 0.65 -0.54 -40.70
N GLY B 108 0.46 -1.70 -41.32
CA GLY B 108 0.82 -1.90 -42.70
C GLY B 108 2.28 -2.16 -42.96
N ALA B 109 3.10 -2.26 -41.92
CA ALA B 109 4.53 -2.48 -42.10
C ALA B 109 4.80 -3.94 -42.47
N SER B 110 5.97 -4.17 -43.07
CA SER B 110 6.42 -5.50 -43.42
C SER B 110 7.33 -6.12 -42.36
N ASN B 111 7.61 -5.39 -41.28
CA ASN B 111 8.46 -5.85 -40.20
C ASN B 111 7.87 -5.33 -38.90
N PRO B 112 8.27 -5.91 -37.76
CA PRO B 112 7.79 -5.39 -36.48
C PRO B 112 8.12 -3.92 -36.32
N VAL B 113 7.14 -3.16 -35.79
CA VAL B 113 7.29 -1.72 -35.60
C VAL B 113 6.55 -1.30 -34.35
N ASN B 114 6.90 -0.14 -33.83
CA ASN B 114 6.17 0.49 -32.74
C ASN B 114 5.31 1.62 -33.28
N ILE B 115 4.14 1.80 -32.69
CA ILE B 115 3.24 2.88 -33.08
C ILE B 115 3.65 4.15 -32.33
N ALA B 116 3.72 5.27 -33.06
CA ALA B 116 4.12 6.53 -32.46
C ALA B 116 2.94 7.19 -31.78
N TYR B 117 3.16 7.69 -30.56
CA TYR B 117 2.16 8.44 -29.82
C TYR B 117 2.65 9.83 -29.43
N SER B 118 3.75 10.29 -30.04
CA SER B 118 4.28 11.62 -29.74
C SER B 118 3.60 12.72 -30.52
N GLY B 119 2.79 12.38 -31.52
CA GLY B 119 2.11 13.38 -32.31
C GLY B 119 2.96 14.07 -33.36
N VAL B 120 4.19 13.60 -33.58
CA VAL B 120 5.08 14.28 -34.51
C VAL B 120 4.54 14.19 -35.94
N TYR B 121 3.91 13.08 -36.29
CA TYR B 121 3.30 12.96 -37.61
C TYR B 121 2.32 14.11 -37.86
N HIS B 122 1.42 14.36 -36.90
CA HIS B 122 0.47 15.45 -37.05
C HIS B 122 1.19 16.79 -37.12
N TRP B 123 2.22 16.97 -36.28
CA TRP B 123 2.97 18.21 -36.28
C TRP B 123 3.67 18.43 -37.61
N PHE B 124 4.41 17.43 -38.09
CA PHE B 124 5.15 17.60 -39.34
C PHE B 124 4.20 17.86 -40.50
N TYR B 125 3.10 17.14 -40.56
CA TYR B 125 2.16 17.32 -41.67
C TYR B 125 1.53 18.71 -41.64
N THR B 126 1.19 19.21 -40.45
CA THR B 126 0.52 20.50 -40.36
C THR B 126 1.43 21.63 -40.81
N ILE B 127 2.74 21.53 -40.54
CA ILE B 127 3.67 22.62 -40.84
C ILE B 127 4.17 22.51 -42.28
N GLY B 128 3.59 21.60 -43.06
CA GLY B 128 3.81 21.57 -44.48
C GLY B 128 4.77 20.51 -45.00
N MET B 129 5.25 19.61 -44.15
CA MET B 129 6.10 18.52 -44.61
C MET B 129 5.23 17.38 -45.15
N THR B 130 5.57 16.88 -46.33
CA THR B 130 4.75 15.90 -47.01
C THR B 130 5.51 14.71 -47.58
N THR B 131 6.84 14.70 -47.54
CA THR B 131 7.63 13.62 -48.12
C THR B 131 8.72 13.20 -47.15
N ASN B 132 9.16 11.94 -47.30
CA ASN B 132 10.27 11.45 -46.50
C ASN B 132 11.54 12.25 -46.76
N GLN B 133 11.72 12.73 -48.00
CA GLN B 133 12.90 13.53 -48.31
C GLN B 133 12.95 14.79 -47.48
N GLU B 134 11.82 15.47 -47.32
CA GLU B 134 11.79 16.68 -46.50
C GLU B 134 12.13 16.37 -45.06
N LEU B 135 11.59 15.28 -44.51
CA LEU B 135 11.94 14.87 -43.16
C LEU B 135 13.43 14.55 -43.07
N TYR B 136 13.97 13.85 -44.08
CA TYR B 136 15.39 13.53 -44.09
C TYR B 136 16.23 14.81 -44.13
N SER B 137 15.83 15.78 -44.96
CA SER B 137 16.58 17.03 -45.03
C SER B 137 16.60 17.73 -43.68
N GLY B 138 15.46 17.75 -42.99
CA GLY B 138 15.43 18.37 -41.67
C GLY B 138 16.34 17.65 -40.68
N ALA B 139 16.36 16.32 -40.72
CA ALA B 139 17.21 15.57 -39.81
C ALA B 139 18.68 15.90 -40.03
N VAL B 140 19.11 15.95 -41.29
CA VAL B 140 20.50 16.29 -41.58
C VAL B 140 20.80 17.72 -41.15
N PHE B 141 19.85 18.64 -41.39
CA PHE B 141 20.05 20.02 -41.00
C PHE B 141 20.26 20.16 -39.50
N LEU B 142 19.48 19.41 -38.72
CA LEU B 142 19.63 19.49 -37.27
C LEU B 142 20.95 18.90 -36.80
N LEU B 143 21.49 17.90 -37.52
CA LEU B 143 22.81 17.39 -37.19
C LEU B 143 23.87 18.48 -37.33
N VAL B 144 23.79 19.26 -38.42
CA VAL B 144 24.71 20.37 -38.60
C VAL B 144 24.48 21.43 -37.53
N LEU B 145 23.22 21.74 -37.26
CA LEU B 145 22.90 22.73 -36.23
C LEU B 145 23.41 22.28 -34.87
N ALA B 146 23.26 20.98 -34.55
CA ALA B 146 23.80 20.46 -33.31
C ALA B 146 25.31 20.58 -33.29
N SER B 147 25.97 20.33 -34.42
CA SER B 147 27.42 20.45 -34.50
C SER B 147 27.86 21.89 -34.22
N LEU B 148 27.12 22.86 -34.75
CA LEU B 148 27.51 24.26 -34.56
C LEU B 148 27.52 24.63 -33.08
N PHE B 149 26.52 24.19 -32.33
CA PHE B 149 26.47 24.52 -30.91
C PHE B 149 27.52 23.75 -30.12
N LEU B 150 27.82 22.51 -30.51
CA LEU B 150 28.92 21.79 -29.87
C LEU B 150 30.23 22.51 -30.08
N PHE B 151 30.47 23.02 -31.29
CA PHE B 151 31.67 23.80 -31.54
C PHE B 151 31.65 25.11 -30.76
N ALA B 152 30.50 25.76 -30.68
CA ALA B 152 30.40 27.02 -29.94
C ALA B 152 30.72 26.82 -28.47
N GLY B 153 30.22 25.73 -27.87
CA GLY B 153 30.57 25.45 -26.50
C GLY B 153 32.06 25.25 -26.31
N TRP B 154 32.69 24.50 -27.20
CA TRP B 154 34.14 24.33 -27.14
C TRP B 154 34.85 25.66 -27.37
N LEU B 155 34.38 26.44 -28.35
CA LEU B 155 35.04 27.69 -28.68
C LEU B 155 35.02 28.65 -27.49
N HIS B 156 33.85 28.85 -26.90
CA HIS B 156 33.72 29.82 -25.81
C HIS B 156 34.34 29.32 -24.50
N LEU B 157 35.01 28.17 -24.50
CA LEU B 157 35.87 27.75 -23.41
C LEU B 157 37.34 28.04 -23.64
N GLN B 158 37.69 28.54 -24.84
CA GLN B 158 39.08 28.83 -25.14
C GLN B 158 39.50 30.16 -24.54
N PRO B 159 40.80 30.35 -24.28
CA PRO B 159 41.23 31.57 -23.56
C PRO B 159 40.68 32.86 -24.14
N LYS B 160 40.88 33.10 -25.44
CA LYS B 160 40.49 34.37 -26.04
C LYS B 160 38.97 34.55 -26.10
N PHE B 161 38.21 33.45 -26.04
CA PHE B 161 36.76 33.51 -26.26
C PHE B 161 35.96 33.28 -25.00
N ARG B 162 36.60 33.18 -23.84
CA ARG B 162 35.87 33.03 -22.59
C ARG B 162 35.23 34.38 -22.21
N PRO B 163 33.91 34.46 -22.08
CA PRO B 163 33.30 35.74 -21.68
C PRO B 163 33.68 36.10 -20.25
N SER B 164 33.72 37.41 -19.99
CA SER B 164 34.05 37.90 -18.66
C SER B 164 32.84 37.77 -17.74
N LEU B 165 33.11 37.88 -16.44
CA LEU B 165 32.03 37.80 -15.46
C LEU B 165 31.04 38.94 -15.64
N ALA B 166 31.53 40.14 -15.94
CA ALA B 166 30.63 41.26 -16.17
C ALA B 166 29.71 41.00 -17.35
N TRP B 167 30.17 40.26 -18.36
CA TRP B 167 29.33 39.93 -19.49
C TRP B 167 28.13 39.10 -19.06
N PHE B 168 28.35 38.09 -18.21
CA PHE B 168 27.26 37.26 -17.72
C PHE B 168 26.30 38.03 -16.83
N LYS B 169 26.75 39.13 -16.22
CA LYS B 169 25.93 39.89 -15.28
C LYS B 169 25.15 41.02 -15.95
N ASN B 170 25.25 41.16 -17.27
CA ASN B 170 24.56 42.24 -17.98
C ASN B 170 23.11 41.83 -18.21
N ALA B 171 22.30 41.98 -17.17
CA ALA B 171 20.91 41.56 -17.23
C ALA B 171 20.12 42.36 -18.26
N GLU B 172 20.32 43.68 -18.28
CA GLU B 172 19.51 44.52 -19.17
C GLU B 172 19.74 44.14 -20.62
N SER B 173 21.00 43.93 -21.02
CA SER B 173 21.29 43.59 -22.41
C SER B 173 20.69 42.24 -22.78
N ARG B 174 20.82 41.24 -21.90
CA ARG B 174 20.29 39.92 -22.22
C ARG B 174 18.78 39.94 -22.36
N LEU B 175 18.09 40.67 -21.49
CA LEU B 175 16.64 40.75 -21.59
C LEU B 175 16.20 41.39 -22.89
N ASN B 176 16.85 42.49 -23.28
CA ASN B 176 16.51 43.14 -24.54
C ASN B 176 16.71 42.20 -25.72
N HIS B 177 17.87 41.55 -25.77
CA HIS B 177 18.18 40.65 -26.89
C HIS B 177 17.24 39.45 -26.90
N HIS B 178 17.01 38.83 -25.75
CA HIS B 178 16.23 37.60 -25.72
C HIS B 178 14.74 37.87 -25.84
N LEU B 179 14.27 39.05 -25.41
CA LEU B 179 12.87 39.39 -25.63
C LEU B 179 12.61 39.73 -27.10
N ALA B 180 13.37 40.68 -27.66
CA ALA B 180 13.15 41.08 -29.03
C ALA B 180 13.65 40.02 -30.01
N GLY B 181 14.84 39.48 -29.77
CA GLY B 181 15.45 38.57 -30.72
C GLY B 181 15.05 37.12 -30.56
N LEU B 182 15.30 36.55 -29.38
CA LEU B 182 15.04 35.13 -29.20
C LEU B 182 13.54 34.82 -29.28
N PHE B 183 12.71 35.66 -28.65
CA PHE B 183 11.27 35.47 -28.68
C PHE B 183 10.63 36.13 -29.90
N GLY B 184 10.84 37.44 -30.05
CA GLY B 184 10.16 38.20 -31.08
C GLY B 184 10.52 37.81 -32.50
N VAL B 185 11.80 37.82 -32.83
CA VAL B 185 12.21 37.51 -34.20
C VAL B 185 11.89 36.06 -34.52
N SER B 186 12.10 35.15 -33.57
CA SER B 186 11.75 33.75 -33.81
C SER B 186 10.27 33.60 -34.13
N SER B 187 9.41 34.29 -33.37
CA SER B 187 7.98 34.24 -33.65
C SER B 187 7.67 34.86 -35.00
N LEU B 188 8.34 35.96 -35.34
CA LEU B 188 8.17 36.56 -36.66
C LEU B 188 8.63 35.60 -37.76
N ALA B 189 9.76 34.93 -37.53
CA ALA B 189 10.25 33.97 -38.52
C ALA B 189 9.28 32.81 -38.70
N TRP B 190 8.71 32.32 -37.59
CA TRP B 190 7.74 31.23 -37.70
C TRP B 190 6.51 31.68 -38.48
N ALA B 191 6.03 32.90 -38.21
CA ALA B 191 4.93 33.44 -39.01
C ALA B 191 5.30 33.45 -40.49
N GLY B 192 6.57 33.71 -40.79
CA GLY B 192 7.02 33.65 -42.17
C GLY B 192 6.91 32.25 -42.75
N HIS B 193 7.32 31.24 -41.98
CA HIS B 193 7.19 29.87 -42.46
C HIS B 193 5.74 29.50 -42.71
N LEU B 194 4.85 29.90 -41.79
CA LEU B 194 3.43 29.59 -41.96
C LEU B 194 2.87 30.26 -43.20
N VAL B 195 3.20 31.53 -43.42
CA VAL B 195 2.64 32.27 -44.54
C VAL B 195 3.20 31.74 -45.85
N HIS B 196 4.51 31.50 -45.92
CA HIS B 196 5.15 31.16 -47.17
C HIS B 196 5.13 29.66 -47.47
N VAL B 197 5.02 28.80 -46.45
CA VAL B 197 5.13 27.36 -46.67
C VAL B 197 3.89 26.62 -46.17
N ALA B 198 3.60 26.71 -44.87
CA ALA B 198 2.59 25.85 -44.27
C ALA B 198 1.22 26.12 -44.88
N ILE B 199 0.82 27.38 -44.96
CA ILE B 199 -0.51 27.71 -45.50
C ILE B 199 -0.64 27.27 -46.96
N PRO B 200 0.30 27.60 -47.86
CA PRO B 200 0.19 27.08 -49.23
C PRO B 200 0.10 25.56 -49.30
N GLU B 201 0.87 24.85 -48.47
CA GLU B 201 0.82 23.39 -48.48
C GLU B 201 -0.56 22.89 -48.09
N ALA B 202 -1.19 23.53 -47.10
CA ALA B 202 -2.53 23.15 -46.70
C ALA B 202 -3.55 23.36 -47.80
N ARG B 203 -3.24 24.19 -48.78
CA ARG B 203 -4.12 24.47 -49.90
C ARG B 203 -3.70 23.75 -51.17
N GLY B 204 -2.84 22.73 -51.04
CA GLY B 204 -2.45 21.93 -52.19
C GLY B 204 -1.36 22.52 -53.06
N GLN B 205 -0.71 23.60 -52.62
CA GLN B 205 0.34 24.25 -53.39
C GLN B 205 1.69 23.86 -52.80
N HIS B 206 2.56 23.32 -53.65
CA HIS B 206 3.90 22.93 -53.21
C HIS B 206 4.80 24.16 -53.17
N VAL B 207 5.38 24.44 -52.00
CA VAL B 207 6.35 25.51 -51.83
C VAL B 207 7.54 24.94 -51.08
N GLY B 208 8.72 25.02 -51.71
CA GLY B 208 9.95 24.56 -51.08
C GLY B 208 11.09 25.51 -51.36
N TRP B 209 12.31 25.13 -50.95
CA TRP B 209 13.46 25.99 -51.20
C TRP B 209 13.68 26.24 -52.67
N ASP B 210 13.18 25.36 -53.54
CA ASP B 210 13.43 25.49 -54.97
C ASP B 210 12.62 26.61 -55.60
N ASN B 211 11.45 26.93 -55.06
CA ASN B 211 10.57 27.89 -55.71
C ASN B 211 9.95 28.92 -54.79
N PHE B 212 10.29 28.95 -53.50
CA PHE B 212 9.65 29.90 -52.59
C PHE B 212 9.98 31.35 -52.94
N LEU B 213 11.13 31.58 -53.60
CA LEU B 213 11.48 32.95 -53.99
C LEU B 213 10.57 33.49 -55.08
N SER B 214 10.10 32.62 -55.97
CA SER B 214 9.26 33.02 -57.10
C SER B 214 7.78 32.76 -56.87
N THR B 215 7.38 32.44 -55.64
CA THR B 215 6.00 32.10 -55.30
C THR B 215 5.52 33.02 -54.19
N PRO B 216 4.97 34.18 -54.51
CA PRO B 216 4.47 35.08 -53.46
C PRO B 216 3.40 34.40 -52.63
N PRO B 217 3.45 34.53 -51.31
CA PRO B 217 2.40 33.91 -50.48
C PRO B 217 1.02 34.48 -50.72
N HIS B 218 0.93 35.73 -51.18
CA HIS B 218 -0.35 36.36 -51.47
C HIS B 218 -0.29 37.03 -52.84
N PRO B 219 -1.35 36.95 -53.63
CA PRO B 219 -1.31 37.57 -54.97
C PRO B 219 -1.07 39.07 -54.93
N ALA B 220 -1.55 39.76 -53.90
CA ALA B 220 -1.38 41.20 -53.81
C ALA B 220 0.06 41.63 -53.51
N GLY B 221 0.94 40.69 -53.14
CA GLY B 221 2.31 41.06 -52.86
C GLY B 221 2.43 41.84 -51.56
N LEU B 222 3.54 42.55 -51.43
CA LEU B 222 3.85 43.33 -50.24
C LEU B 222 3.42 44.78 -50.34
N MET B 223 2.89 45.21 -51.49
CA MET B 223 2.46 46.60 -51.60
C MET B 223 1.38 46.95 -50.59
N PRO B 224 0.34 46.13 -50.38
CA PRO B 224 -0.64 46.48 -49.34
C PRO B 224 -0.02 46.64 -47.96
N PHE B 225 1.00 45.83 -47.64
CA PHE B 225 1.61 45.91 -46.32
C PHE B 225 2.21 47.28 -46.07
N PHE B 226 2.94 47.82 -47.06
CA PHE B 226 3.59 49.12 -46.89
C PHE B 226 2.66 50.28 -47.21
N THR B 227 1.50 50.03 -47.80
CA THR B 227 0.51 51.06 -48.08
C THR B 227 -0.52 51.22 -46.96
N GLY B 228 -0.53 50.32 -45.98
CA GLY B 228 -1.49 50.36 -44.90
C GLY B 228 -2.79 49.63 -45.18
N ASN B 229 -2.99 49.12 -46.39
CA ASN B 229 -4.21 48.40 -46.74
C ASN B 229 -4.08 46.93 -46.34
N TRP B 230 -3.99 46.72 -45.02
CA TRP B 230 -3.74 45.38 -44.49
C TRP B 230 -4.95 44.47 -44.61
N GLY B 231 -6.15 45.03 -44.83
CA GLY B 231 -7.34 44.20 -44.93
C GLY B 231 -7.31 43.22 -46.07
N VAL B 232 -6.46 43.46 -47.07
CA VAL B 232 -6.42 42.58 -48.24
C VAL B 232 -5.96 41.18 -47.84
N TYR B 233 -5.04 41.09 -46.88
CA TYR B 233 -4.49 39.79 -46.49
C TYR B 233 -5.49 38.91 -45.74
N ALA B 234 -6.62 39.47 -45.30
CA ALA B 234 -7.64 38.69 -44.61
C ALA B 234 -8.83 38.35 -45.48
N ALA B 235 -8.95 38.93 -46.66
CA ALA B 235 -10.08 38.67 -47.53
C ALA B 235 -9.98 37.26 -48.13
N ASP B 236 -11.14 36.66 -48.36
CA ASP B 236 -11.24 35.34 -48.98
C ASP B 236 -10.54 34.29 -48.14
N PRO B 237 -11.01 34.05 -46.91
CA PRO B 237 -10.43 32.99 -46.08
C PRO B 237 -10.88 31.61 -46.55
N ASP B 238 -10.22 30.59 -46.02
CA ASP B 238 -10.60 29.22 -46.31
C ASP B 238 -12.05 28.98 -45.91
N THR B 239 -12.79 28.30 -46.78
CA THR B 239 -14.20 28.05 -46.55
C THR B 239 -14.38 26.88 -45.57
N ALA B 240 -15.57 26.81 -44.98
CA ALA B 240 -15.89 25.71 -44.07
C ALA B 240 -15.79 24.36 -44.75
N GLY B 241 -15.91 24.32 -46.08
CA GLY B 241 -15.81 23.09 -46.84
C GLY B 241 -14.42 22.77 -47.32
N HIS B 242 -13.40 23.50 -46.88
CA HIS B 242 -12.04 23.26 -47.33
C HIS B 242 -11.57 21.88 -46.89
N ILE B 243 -10.93 21.17 -47.80
CA ILE B 243 -10.33 19.87 -47.53
C ILE B 243 -8.83 20.08 -47.36
N PHE B 244 -8.33 19.82 -46.15
CA PHE B 244 -6.94 20.12 -45.84
C PHE B 244 -6.00 19.42 -46.80
N GLY B 245 -5.00 20.15 -47.27
CA GLY B 245 -4.03 19.63 -48.21
C GLY B 245 -4.41 19.73 -49.66
N THR B 246 -5.61 20.22 -49.96
CA THR B 246 -6.09 20.36 -51.34
C THR B 246 -6.61 21.77 -51.54
N SER B 247 -6.82 22.11 -52.82
CA SER B 247 -7.36 23.42 -53.17
C SER B 247 -8.88 23.48 -53.08
N GLU B 248 -9.55 22.35 -52.89
CA GLU B 248 -11.00 22.33 -52.79
C GLU B 248 -11.46 23.16 -51.61
N GLY B 249 -12.17 24.26 -51.89
CA GLY B 249 -12.64 25.14 -50.83
C GLY B 249 -11.58 26.03 -50.24
N ALA B 250 -10.38 26.05 -50.82
CA ALA B 250 -9.29 26.86 -50.28
C ALA B 250 -9.49 28.33 -50.62
N GLY B 251 -8.99 29.20 -49.74
CA GLY B 251 -9.00 30.62 -49.95
C GLY B 251 -7.63 31.17 -50.29
N THR B 252 -7.49 32.49 -50.19
CA THR B 252 -6.23 33.16 -50.45
C THR B 252 -5.73 34.00 -49.28
N ALA B 253 -6.53 34.17 -48.23
CA ALA B 253 -6.09 34.94 -47.08
C ALA B 253 -4.89 34.29 -46.42
N ILE B 254 -3.98 35.11 -45.91
CA ILE B 254 -2.84 34.62 -45.16
C ILE B 254 -2.89 35.03 -43.69
N LEU B 255 -3.70 36.02 -43.33
CA LEU B 255 -3.85 36.45 -41.95
C LEU B 255 -5.34 36.64 -41.67
N THR B 256 -5.87 35.90 -40.70
CA THR B 256 -7.29 35.93 -40.38
C THR B 256 -7.47 35.90 -38.88
N PHE B 257 -8.70 36.12 -38.45
CA PHE B 257 -9.09 36.00 -37.04
C PHE B 257 -10.42 35.27 -36.94
N LEU B 258 -10.54 34.17 -37.69
CA LEU B 258 -11.81 33.45 -37.76
C LEU B 258 -12.21 32.91 -36.39
N GLY B 259 -11.27 32.35 -35.65
CA GLY B 259 -11.59 31.70 -34.39
C GLY B 259 -12.21 30.34 -34.62
N GLY B 260 -12.31 29.56 -33.55
CA GLY B 260 -12.86 28.24 -33.68
C GLY B 260 -11.89 27.29 -34.36
N PHE B 261 -12.46 26.22 -34.91
CA PHE B 261 -11.68 25.13 -35.47
C PHE B 261 -11.98 24.96 -36.96
N HIS B 262 -10.98 24.47 -37.68
CA HIS B 262 -11.18 24.02 -39.05
C HIS B 262 -12.15 22.86 -39.06
N PRO B 263 -13.25 22.92 -39.81
CA PRO B 263 -14.28 21.86 -39.68
C PRO B 263 -13.75 20.47 -39.92
N GLN B 264 -12.86 20.28 -40.90
CA GLN B 264 -12.38 18.94 -41.22
C GLN B 264 -11.32 18.48 -40.23
N THR B 265 -10.23 19.25 -40.11
CA THR B 265 -9.11 18.84 -39.26
C THR B 265 -9.40 18.99 -37.79
N GLU B 266 -10.45 19.73 -37.41
CA GLU B 266 -10.81 19.95 -36.01
C GLU B 266 -9.65 20.57 -35.24
N SER B 267 -8.92 21.47 -35.90
CA SER B 267 -7.80 22.17 -35.30
C SER B 267 -7.88 23.64 -35.68
N LEU B 268 -7.10 24.46 -34.98
CA LEU B 268 -7.13 25.90 -35.22
C LEU B 268 -6.72 26.22 -36.64
N TRP B 269 -7.33 27.27 -37.20
CA TRP B 269 -7.00 27.71 -38.55
C TRP B 269 -5.54 28.13 -38.63
N LEU B 270 -4.86 27.69 -39.69
CA LEU B 270 -3.46 28.07 -39.88
C LEU B 270 -3.33 29.58 -40.06
N THR B 271 -4.28 30.21 -40.76
CA THR B 271 -4.23 31.65 -40.94
C THR B 271 -4.33 32.39 -39.61
N ASP B 272 -5.16 31.89 -38.70
CA ASP B 272 -5.20 32.46 -37.35
C ASP B 272 -3.87 32.28 -36.65
N ILE B 273 -3.27 31.10 -36.77
CA ILE B 273 -1.98 30.85 -36.12
C ILE B 273 -0.91 31.78 -36.69
N ALA B 274 -0.96 32.05 -37.98
CA ALA B 274 0.01 32.97 -38.58
C ALA B 274 -0.13 34.38 -38.02
N HIS B 275 -1.36 34.90 -38.02
CA HIS B 275 -1.59 36.23 -37.45
C HIS B 275 -1.23 36.26 -35.96
N HIS B 276 -1.47 35.15 -35.26
CA HIS B 276 -1.09 35.07 -33.85
C HIS B 276 0.40 35.28 -33.67
N HIS B 277 1.21 34.51 -34.39
CA HIS B 277 2.65 34.58 -34.20
C HIS B 277 3.22 35.88 -34.76
N LEU B 278 2.56 36.47 -35.76
CA LEU B 278 2.93 37.81 -36.21
C LEU B 278 2.62 38.85 -35.15
N ALA B 279 1.46 38.74 -34.50
CA ALA B 279 1.06 39.75 -33.53
C ALA B 279 1.97 39.74 -32.30
N ILE B 280 2.22 38.56 -31.74
CA ILE B 280 3.06 38.50 -30.55
C ILE B 280 4.50 38.90 -30.87
N ALA B 281 4.95 38.66 -32.11
CA ALA B 281 6.29 39.08 -32.49
C ALA B 281 6.44 40.59 -32.36
N VAL B 282 5.44 41.34 -32.80
CA VAL B 282 5.49 42.80 -32.67
C VAL B 282 5.58 43.18 -31.20
N ILE B 283 4.77 42.56 -30.35
CA ILE B 283 4.77 42.89 -28.93
C ILE B 283 6.12 42.57 -28.31
N PHE B 284 6.65 41.38 -28.61
CA PHE B 284 7.94 40.99 -28.02
C PHE B 284 9.05 41.92 -28.48
N ILE B 285 9.08 42.28 -29.76
CA ILE B 285 10.11 43.18 -30.25
C ILE B 285 10.03 44.52 -29.54
N ILE B 286 8.82 45.05 -29.37
CA ILE B 286 8.65 46.29 -28.61
C ILE B 286 9.10 46.08 -27.17
N ALA B 287 8.70 44.97 -26.56
CA ALA B 287 9.07 44.71 -25.17
C ALA B 287 10.58 44.65 -24.98
N GLY B 288 11.31 44.26 -26.02
CA GLY B 288 12.75 44.14 -25.95
C GLY B 288 13.52 45.44 -26.06
N HIS B 289 12.83 46.57 -26.09
CA HIS B 289 13.47 47.89 -26.09
C HIS B 289 13.24 48.63 -24.77
N MET B 290 12.95 47.91 -23.69
CA MET B 290 12.58 48.54 -22.43
C MET B 290 13.78 48.90 -21.57
N TYR B 291 14.87 48.15 -21.65
CA TYR B 291 15.98 48.29 -20.71
C TYR B 291 17.16 48.98 -21.38
N ARG B 292 17.85 49.82 -20.62
CA ARG B 292 18.98 50.59 -21.13
C ARG B 292 20.21 49.70 -21.27
N THR B 293 20.82 49.70 -22.44
CA THR B 293 22.06 48.95 -22.65
C THR B 293 23.25 49.84 -22.95
N ASN B 294 23.21 50.66 -24.01
CA ASN B 294 24.36 51.45 -24.41
C ASN B 294 24.03 52.86 -24.87
N TRP B 295 22.75 53.25 -24.93
CA TRP B 295 22.37 54.49 -25.58
C TRP B 295 21.52 55.37 -24.66
N GLY B 296 21.69 55.23 -23.35
CA GLY B 296 21.04 56.11 -22.41
C GLY B 296 19.56 55.83 -22.21
N ILE B 297 18.81 55.70 -23.30
CA ILE B 297 17.38 55.43 -23.19
C ILE B 297 17.17 54.04 -22.60
N GLY B 298 15.99 53.83 -22.04
CA GLY B 298 15.62 52.57 -21.44
C GLY B 298 15.62 52.64 -19.93
N HIS B 299 15.14 51.55 -19.33
CA HIS B 299 15.00 51.45 -17.88
C HIS B 299 16.20 50.75 -17.26
N SER B 300 16.51 51.14 -16.03
CA SER B 300 17.46 50.42 -15.19
C SER B 300 16.67 49.57 -14.21
N ILE B 301 16.88 48.25 -14.24
CA ILE B 301 16.11 47.36 -13.39
C ILE B 301 16.37 47.66 -11.93
N LYS B 302 17.61 48.01 -11.59
CA LYS B 302 17.92 48.36 -10.21
C LYS B 302 17.12 49.57 -9.75
N GLU B 303 16.99 50.57 -10.62
CA GLU B 303 16.20 51.76 -10.26
C GLU B 303 14.74 51.39 -10.04
N ILE B 304 14.17 50.54 -10.91
CA ILE B 304 12.77 50.18 -10.78
C ILE B 304 12.53 49.47 -9.45
N LEU B 305 13.35 48.47 -9.15
CA LEU B 305 13.15 47.69 -7.93
C LEU B 305 13.28 48.56 -6.68
N ASN B 306 14.32 49.41 -6.65
CA ASN B 306 14.54 50.25 -5.48
C ASN B 306 13.50 51.34 -5.31
N ALA B 307 12.65 51.58 -6.31
CA ALA B 307 11.63 52.60 -6.23
C ALA B 307 10.28 52.07 -5.77
N HIS B 308 10.01 50.77 -5.96
CA HIS B 308 8.73 50.18 -5.59
C HIS B 308 8.81 49.71 -4.14
N LYS B 309 8.44 50.61 -3.22
CA LYS B 309 8.39 50.28 -1.80
C LYS B 309 7.32 51.11 -1.14
N GLY B 310 6.54 50.49 -0.27
CA GLY B 310 5.45 51.15 0.41
C GLY B 310 5.58 51.07 1.92
N PRO B 311 4.64 51.68 2.63
CA PRO B 311 4.71 51.71 4.10
C PRO B 311 4.32 50.42 4.78
N LEU B 312 3.79 49.43 4.03
CA LEU B 312 3.33 48.18 4.63
C LEU B 312 4.30 47.03 4.41
N THR B 313 5.33 47.20 3.60
CA THR B 313 6.29 46.14 3.30
C THR B 313 7.73 46.59 3.57
N GLY B 314 7.90 47.55 4.49
CA GLY B 314 9.24 47.96 4.86
C GLY B 314 10.02 48.47 3.66
N ALA B 315 11.20 47.89 3.45
CA ALA B 315 12.06 48.31 2.35
C ALA B 315 11.52 47.91 0.99
N GLY B 316 10.48 47.10 0.93
CA GLY B 316 9.89 46.74 -0.35
C GLY B 316 10.84 45.89 -1.18
N HIS B 317 11.06 46.29 -2.42
CA HIS B 317 11.87 45.54 -3.37
C HIS B 317 13.31 46.04 -3.42
N THR B 318 13.79 46.66 -2.35
CA THR B 318 15.13 47.24 -2.34
C THR B 318 16.20 46.15 -2.43
N ASN B 319 17.23 46.43 -3.22
CA ASN B 319 18.43 45.60 -3.34
C ASN B 319 18.16 44.23 -3.95
N LEU B 320 16.97 44.00 -4.50
CA LEU B 320 16.69 42.70 -5.08
C LEU B 320 17.40 42.49 -6.41
N TYR B 321 17.81 43.56 -7.09
CA TYR B 321 18.58 43.39 -8.31
C TYR B 321 19.89 42.67 -8.03
N ASP B 322 20.61 43.10 -6.99
CA ASP B 322 21.84 42.42 -6.59
C ASP B 322 21.55 41.01 -6.11
N THR B 323 20.50 40.83 -5.31
CA THR B 323 20.19 39.50 -4.78
C THR B 323 19.94 38.51 -5.90
N ILE B 324 19.12 38.90 -6.88
CA ILE B 324 18.78 37.99 -7.96
C ILE B 324 19.95 37.85 -8.93
N ASN B 325 20.56 38.97 -9.30
CA ASN B 325 21.62 38.93 -10.31
C ASN B 325 22.84 38.15 -9.83
N ASN B 326 23.10 38.14 -8.52
CA ASN B 326 24.26 37.46 -7.97
C ASN B 326 23.99 36.02 -7.56
N SER B 327 22.73 35.56 -7.61
CA SER B 327 22.38 34.21 -7.19
C SER B 327 21.85 33.43 -8.38
N LEU B 328 22.61 32.42 -8.81
CA LEU B 328 22.15 31.56 -9.89
C LEU B 328 20.97 30.69 -9.45
N HIS B 329 20.94 30.30 -8.18
CA HIS B 329 19.83 29.48 -7.69
C HIS B 329 18.53 30.27 -7.67
N PHE B 330 18.59 31.55 -7.31
CA PHE B 330 17.40 32.39 -7.42
C PHE B 330 16.94 32.48 -8.87
N GLN B 331 17.87 32.68 -9.79
CA GLN B 331 17.50 32.75 -11.20
C GLN B 331 16.95 31.42 -11.69
N LEU B 332 17.57 30.31 -11.29
CA LEU B 332 17.09 29.00 -11.70
C LEU B 332 15.71 28.73 -11.11
N GLY B 333 15.48 29.13 -9.86
CA GLY B 333 14.17 28.95 -9.27
C GLY B 333 13.09 29.70 -10.03
N LEU B 334 13.37 30.96 -10.39
CA LEU B 334 12.40 31.72 -11.17
C LEU B 334 12.16 31.08 -12.53
N ALA B 335 13.22 30.62 -13.19
CA ALA B 335 13.06 29.99 -14.50
C ALA B 335 12.23 28.72 -14.41
N LEU B 336 12.55 27.86 -13.43
CA LEU B 336 11.81 26.61 -13.29
C LEU B 336 10.35 26.88 -12.95
N ALA B 337 10.09 27.83 -12.05
CA ALA B 337 8.71 28.14 -11.68
C ALA B 337 7.93 28.67 -12.88
N SER B 338 8.53 29.60 -13.63
CA SER B 338 7.86 30.14 -14.80
C SER B 338 7.66 29.07 -15.86
N LEU B 339 8.69 28.27 -16.12
CA LEU B 339 8.56 27.21 -17.11
C LEU B 339 7.55 26.15 -16.65
N GLY B 340 7.53 25.85 -15.35
CA GLY B 340 6.56 24.91 -14.85
C GLY B 340 5.13 25.36 -15.10
N VAL B 341 4.84 26.63 -14.85
CA VAL B 341 3.50 27.15 -15.09
C VAL B 341 3.17 27.10 -16.57
N ILE B 342 4.11 27.52 -17.42
CA ILE B 342 3.87 27.53 -18.86
C ILE B 342 3.63 26.13 -19.38
N THR B 343 4.38 25.16 -18.86
CA THR B 343 4.22 23.77 -19.33
C THR B 343 2.82 23.25 -19.04
N SER B 344 2.30 23.56 -17.84
CA SER B 344 0.91 23.21 -17.55
C SER B 344 -0.04 23.94 -18.50
N LEU B 345 0.25 25.21 -18.78
CA LEU B 345 -0.57 25.96 -19.72
C LEU B 345 -0.58 25.30 -21.09
N VAL B 346 0.58 24.82 -21.54
CA VAL B 346 0.65 24.10 -22.81
C VAL B 346 -0.25 22.87 -22.77
N ALA B 347 -0.16 22.09 -21.68
CA ALA B 347 -0.99 20.90 -21.56
C ALA B 347 -2.48 21.26 -21.55
N GLN B 348 -2.84 22.28 -20.78
CA GLN B 348 -4.25 22.63 -20.64
C GLN B 348 -4.83 23.14 -21.96
N HIS B 349 -4.06 23.92 -22.71
CA HIS B 349 -4.62 24.59 -23.88
C HIS B 349 -4.39 23.81 -25.18
N MET B 350 -3.47 22.84 -25.19
CA MET B 350 -3.30 22.02 -26.38
C MET B 350 -4.39 20.96 -26.52
N TYR B 351 -4.88 20.42 -25.40
CA TYR B 351 -5.95 19.42 -25.50
C TYR B 351 -7.28 20.07 -25.83
N SER B 352 -7.50 21.31 -25.39
CA SER B 352 -8.76 22.00 -25.63
C SER B 352 -8.73 22.81 -26.92
N LEU B 353 -7.57 23.29 -27.35
CA LEU B 353 -7.43 24.09 -28.56
C LEU B 353 -6.31 23.49 -29.42
N PRO B 354 -6.53 22.29 -29.95
CA PRO B 354 -5.48 21.64 -30.76
C PRO B 354 -5.16 22.44 -32.01
N SER B 355 -3.88 22.42 -32.38
CA SER B 355 -3.41 23.15 -33.55
C SER B 355 -2.97 22.25 -34.69
N TYR B 356 -2.80 20.96 -34.47
CA TYR B 356 -2.28 20.04 -35.47
C TYR B 356 -3.43 19.26 -36.09
N ALA B 357 -3.44 19.21 -37.42
CA ALA B 357 -4.56 18.61 -38.14
C ALA B 357 -4.76 17.15 -37.74
N PHE B 358 -6.02 16.81 -37.44
CA PHE B 358 -6.46 15.45 -37.17
C PHE B 358 -5.95 14.90 -35.85
N ILE B 359 -5.21 15.69 -35.06
CA ILE B 359 -4.70 15.17 -33.80
C ILE B 359 -5.83 15.00 -32.79
N ALA B 360 -6.91 15.79 -32.91
CA ALA B 360 -8.03 15.65 -32.00
C ALA B 360 -8.68 14.28 -32.09
N GLN B 361 -8.50 13.58 -33.21
CA GLN B 361 -9.05 12.24 -33.38
C GLN B 361 -8.05 11.14 -33.01
N ASP B 362 -6.80 11.49 -32.70
CA ASP B 362 -5.82 10.52 -32.23
C ASP B 362 -5.86 10.56 -30.71
N HIS B 363 -6.78 9.81 -30.13
CA HIS B 363 -7.06 9.91 -28.70
C HIS B 363 -5.85 9.48 -27.86
N THR B 364 -5.17 8.41 -28.27
CA THR B 364 -4.00 7.96 -27.52
C THR B 364 -2.91 9.04 -27.51
N THR B 365 -2.71 9.70 -28.65
CA THR B 365 -1.70 10.75 -28.71
C THR B 365 -2.08 11.93 -27.82
N GLN B 366 -3.36 12.34 -27.84
CA GLN B 366 -3.80 13.43 -26.99
C GLN B 366 -3.59 13.10 -25.52
N ALA B 367 -3.95 11.88 -25.12
CA ALA B 367 -3.76 11.47 -23.73
C ALA B 367 -2.27 11.46 -23.37
N ALA B 368 -1.44 10.92 -24.26
CA ALA B 368 0.00 10.86 -23.98
C ALA B 368 0.59 12.26 -23.84
N LEU B 369 0.20 13.18 -24.71
CA LEU B 369 0.78 14.52 -24.69
C LEU B 369 0.37 15.29 -23.44
N TYR B 370 -0.91 15.23 -23.07
CA TYR B 370 -1.35 15.94 -21.87
C TYR B 370 -0.65 15.39 -20.63
N THR B 371 -0.61 14.06 -20.50
CA THR B 371 0.04 13.45 -19.35
C THR B 371 1.53 13.77 -19.33
N HIS B 372 2.17 13.70 -20.50
CA HIS B 372 3.61 13.96 -20.56
C HIS B 372 3.95 15.34 -20.03
N HIS B 373 3.29 16.37 -20.56
CA HIS B 373 3.68 17.74 -20.22
C HIS B 373 3.22 18.13 -18.82
N GLN B 374 2.14 17.53 -18.31
CA GLN B 374 1.76 17.81 -16.93
C GLN B 374 2.77 17.23 -15.95
N TYR B 375 3.27 16.02 -16.22
CA TYR B 375 4.32 15.46 -15.38
C TYR B 375 5.59 16.31 -15.44
N ILE B 376 5.96 16.77 -16.63
CA ILE B 376 7.11 17.67 -16.74
C ILE B 376 6.86 18.92 -15.91
N ALA B 377 5.66 19.48 -15.99
CA ALA B 377 5.33 20.66 -15.20
C ALA B 377 5.49 20.38 -13.71
N GLY B 378 5.02 19.22 -13.25
CA GLY B 378 5.15 18.88 -11.85
C GLY B 378 6.60 18.82 -11.39
N PHE B 379 7.45 18.18 -12.19
CA PHE B 379 8.87 18.12 -11.84
C PHE B 379 9.48 19.52 -11.81
N LEU B 380 9.13 20.37 -12.77
CA LEU B 380 9.68 21.71 -12.79
C LEU B 380 9.26 22.50 -11.57
N MET B 381 8.00 22.38 -11.15
CA MET B 381 7.54 23.12 -9.98
C MET B 381 8.29 22.69 -8.72
N VAL B 382 8.50 21.39 -8.54
CA VAL B 382 9.26 20.92 -7.38
C VAL B 382 10.69 21.45 -7.45
N GLY B 383 11.29 21.40 -8.64
CA GLY B 383 12.64 21.92 -8.79
C GLY B 383 12.74 23.39 -8.45
N ALA B 384 11.72 24.17 -8.84
CA ALA B 384 11.76 25.60 -8.57
C ALA B 384 11.84 25.89 -7.08
N PHE B 385 11.06 25.18 -6.27
CA PHE B 385 11.13 25.36 -4.83
C PHE B 385 12.40 24.76 -4.24
N ALA B 386 12.88 23.65 -4.79
CA ALA B 386 14.13 23.07 -4.31
C ALA B 386 15.27 24.07 -4.46
N HIS B 387 15.40 24.68 -5.63
CA HIS B 387 16.45 25.68 -5.84
C HIS B 387 16.12 27.01 -5.17
N GLY B 388 14.85 27.26 -4.87
CA GLY B 388 14.53 28.37 -3.98
C GLY B 388 15.06 28.15 -2.58
N ALA B 389 14.92 26.92 -2.07
CA ALA B 389 15.49 26.59 -0.77
C ALA B 389 17.01 26.67 -0.80
N ILE B 390 17.63 26.20 -1.88
CA ILE B 390 19.09 26.26 -1.98
C ILE B 390 19.57 27.71 -1.92
N PHE B 391 18.80 28.62 -2.53
CA PHE B 391 19.17 30.04 -2.49
C PHE B 391 19.26 30.54 -1.05
N PHE B 392 18.27 30.19 -0.22
CA PHE B 392 18.30 30.63 1.17
C PHE B 392 19.50 30.07 1.91
N VAL B 393 19.85 28.82 1.66
CA VAL B 393 20.95 28.19 2.38
C VAL B 393 22.29 28.79 1.95
N ARG B 394 22.50 28.97 0.65
CA ARG B 394 23.81 29.30 0.12
C ARG B 394 23.99 30.78 -0.21
N ASP B 395 23.01 31.43 -0.81
CA ASP B 395 23.20 32.75 -1.40
C ASP B 395 22.56 33.88 -0.62
N TYR B 396 21.45 33.62 0.09
CA TYR B 396 20.74 34.70 0.76
C TYR B 396 21.63 35.42 1.76
N ASP B 397 21.69 36.75 1.65
CA ASP B 397 22.46 37.57 2.57
C ASP B 397 21.51 38.39 3.43
N PRO B 398 21.38 38.12 4.73
CA PRO B 398 20.42 38.88 5.54
C PRO B 398 20.67 40.38 5.54
N VAL B 399 21.93 40.81 5.54
CA VAL B 399 22.23 42.23 5.67
C VAL B 399 21.75 42.99 4.44
N ALA B 400 22.09 42.50 3.24
CA ALA B 400 21.72 43.20 2.02
C ALA B 400 20.20 43.27 1.86
N ASN B 401 19.51 42.17 2.16
CA ASN B 401 18.06 42.10 2.02
C ASN B 401 17.33 42.55 3.28
N LYS B 402 17.98 43.33 4.14
CA LYS B 402 17.38 43.71 5.41
C LYS B 402 16.05 44.43 5.19
N ASP B 403 15.00 43.91 5.81
CA ASP B 403 13.68 44.54 5.86
C ASP B 403 13.03 44.67 4.48
N ASN B 404 13.53 43.98 3.46
CA ASN B 404 12.86 43.97 2.17
C ASN B 404 11.85 42.82 2.13
N VAL B 405 11.15 42.69 1.01
CA VAL B 405 10.10 41.69 0.91
C VAL B 405 10.66 40.30 1.17
N LEU B 406 11.86 40.02 0.67
CA LEU B 406 12.45 38.70 0.88
C LEU B 406 12.66 38.42 2.37
N ALA B 407 13.26 39.37 3.09
CA ALA B 407 13.50 39.18 4.51
C ALA B 407 12.20 39.04 5.28
N ARG B 408 11.17 39.78 4.90
CA ARG B 408 9.90 39.71 5.61
C ARG B 408 9.17 38.40 5.39
N MET B 409 9.43 37.71 4.28
CA MET B 409 8.89 36.37 4.12
C MET B 409 9.41 35.43 5.21
N LEU B 410 10.71 35.52 5.52
CA LEU B 410 11.26 34.75 6.62
C LEU B 410 10.72 35.20 7.97
N GLU B 411 10.26 36.44 8.08
CA GLU B 411 9.78 36.95 9.36
C GLU B 411 8.45 36.33 9.76
N HIS B 412 7.51 36.25 8.82
CA HIS B 412 6.19 35.67 9.11
C HIS B 412 6.06 34.26 8.54
N LYS B 413 7.16 33.49 8.61
CA LYS B 413 7.13 32.11 8.12
C LYS B 413 6.19 31.25 8.97
N GLU B 414 6.17 31.46 10.29
CA GLU B 414 5.25 30.69 11.13
C GLU B 414 3.80 30.95 10.73
N ALA B 415 3.46 32.20 10.45
CA ALA B 415 2.12 32.51 9.96
C ALA B 415 1.87 31.83 8.61
N LEU B 416 2.85 31.87 7.72
CA LEU B 416 2.70 31.25 6.41
C LEU B 416 2.47 29.75 6.53
N ILE B 417 3.36 29.08 7.28
CA ILE B 417 3.27 27.62 7.38
C ILE B 417 2.00 27.20 8.11
N SER B 418 1.66 27.89 9.20
CA SER B 418 0.49 27.51 9.97
C SER B 418 -0.79 27.64 9.13
N HIS B 419 -0.92 28.73 8.37
CA HIS B 419 -2.10 28.91 7.55
C HIS B 419 -2.14 27.93 6.38
N LEU B 420 -0.98 27.63 5.80
CA LEU B 420 -0.93 26.59 4.77
C LEU B 420 -1.31 25.24 5.36
N SER B 421 -0.91 24.98 6.60
CA SER B 421 -1.34 23.75 7.26
C SER B 421 -2.85 23.70 7.40
N TRP B 422 -3.47 24.82 7.77
CA TRP B 422 -4.90 24.83 7.99
C TRP B 422 -5.66 24.56 6.69
N VAL B 423 -5.29 25.26 5.61
CA VAL B 423 -6.02 25.10 4.35
C VAL B 423 -5.89 23.67 3.83
N SER B 424 -4.70 23.08 3.97
CA SER B 424 -4.53 21.68 3.58
C SER B 424 -5.44 20.78 4.40
N LEU B 425 -5.43 20.95 5.73
CA LEU B 425 -6.34 20.19 6.57
C LEU B 425 -7.80 20.49 6.21
N PHE B 426 -8.11 21.77 5.98
CA PHE B 426 -9.47 22.16 5.64
C PHE B 426 -9.94 21.45 4.38
N LEU B 427 -9.12 21.47 3.33
CA LEU B 427 -9.48 20.76 2.10
C LEU B 427 -9.55 19.26 2.30
N GLY B 428 -8.55 18.70 2.99
CA GLY B 428 -8.47 17.25 3.09
C GLY B 428 -9.60 16.63 3.89
N PHE B 429 -9.93 17.23 5.04
CA PHE B 429 -10.99 16.67 5.88
C PHE B 429 -12.31 16.62 5.14
N HIS B 430 -12.67 17.72 4.49
CA HIS B 430 -14.01 17.85 3.93
C HIS B 430 -14.11 17.22 2.54
N THR B 431 -13.05 17.29 1.75
CA THR B 431 -13.07 16.64 0.43
C THR B 431 -13.12 15.12 0.59
N LEU B 432 -12.24 14.57 1.43
CA LEU B 432 -12.30 13.15 1.72
C LEU B 432 -13.63 12.78 2.35
N GLY B 433 -14.13 13.62 3.26
CA GLY B 433 -15.39 13.33 3.91
C GLY B 433 -16.54 13.20 2.93
N LEU B 434 -16.61 14.12 1.96
CA LEU B 434 -17.71 14.07 0.99
C LEU B 434 -17.59 12.84 0.11
N TYR B 435 -16.38 12.48 -0.32
CA TYR B 435 -16.20 11.26 -1.11
C TYR B 435 -16.66 10.05 -0.32
N VAL B 436 -16.27 9.96 0.96
CA VAL B 436 -16.66 8.81 1.76
C VAL B 436 -18.14 8.81 2.04
N HIS B 437 -18.72 9.99 2.28
CA HIS B 437 -20.17 10.08 2.44
C HIS B 437 -20.89 9.49 1.24
N ASN B 438 -20.48 9.90 0.04
CA ASN B 438 -21.11 9.37 -1.17
C ASN B 438 -20.88 7.87 -1.32
N ASP B 439 -19.68 7.39 -0.97
CA ASP B 439 -19.40 5.97 -1.07
C ASP B 439 -20.36 5.15 -0.21
N VAL B 440 -20.60 5.59 1.03
CA VAL B 440 -21.41 4.81 1.96
C VAL B 440 -22.87 4.82 1.53
N VAL B 441 -23.40 5.99 1.18
CA VAL B 441 -24.82 6.07 0.81
C VAL B 441 -25.06 5.32 -0.49
N VAL B 442 -24.12 5.37 -1.43
CA VAL B 442 -24.24 4.57 -2.64
C VAL B 442 -24.11 3.09 -2.31
N ALA B 443 -23.21 2.74 -1.39
CA ALA B 443 -23.04 1.35 -1.01
C ALA B 443 -24.32 0.78 -0.42
N PHE B 444 -25.04 1.57 0.38
CA PHE B 444 -26.29 1.15 0.99
C PHE B 444 -27.47 1.28 0.03
N GLY B 445 -27.23 1.44 -1.27
CA GLY B 445 -28.32 1.47 -2.22
C GLY B 445 -29.16 2.72 -2.19
N THR B 446 -28.59 3.84 -1.75
CA THR B 446 -29.30 5.12 -1.69
C THR B 446 -28.46 6.19 -2.35
N PRO B 447 -28.19 6.06 -3.66
CA PRO B 447 -27.37 7.08 -4.34
C PRO B 447 -28.01 8.45 -4.36
N GLU B 448 -29.33 8.55 -4.18
CA GLU B 448 -29.98 9.85 -4.15
C GLU B 448 -29.61 10.67 -2.92
N LYS B 449 -28.96 10.06 -1.93
CA LYS B 449 -28.53 10.75 -0.72
C LYS B 449 -27.12 11.32 -0.84
N GLN B 450 -26.50 11.22 -2.01
CA GLN B 450 -25.17 11.77 -2.20
C GLN B 450 -25.20 13.29 -2.07
N ILE B 451 -24.08 13.84 -1.64
CA ILE B 451 -23.88 15.29 -1.59
C ILE B 451 -23.22 15.68 -2.92
N LEU B 452 -24.02 16.23 -3.83
CA LEU B 452 -23.58 16.57 -5.17
C LEU B 452 -23.63 18.09 -5.31
N ILE B 453 -22.46 18.73 -5.32
CA ILE B 453 -22.35 20.18 -5.40
C ILE B 453 -22.13 20.55 -6.86
N GLU B 454 -22.99 21.42 -7.38
CA GLU B 454 -22.83 21.88 -8.75
C GLU B 454 -21.68 22.87 -8.83
N PRO B 455 -20.70 22.67 -9.72
CA PRO B 455 -19.61 23.64 -9.83
C PRO B 455 -20.05 24.93 -10.50
N VAL B 456 -20.90 25.69 -9.80
CA VAL B 456 -21.55 26.84 -10.40
C VAL B 456 -20.52 27.88 -10.85
N PHE B 457 -19.50 28.14 -10.03
CA PHE B 457 -18.53 29.17 -10.37
C PHE B 457 -17.83 28.85 -11.69
N ALA B 458 -17.34 27.62 -11.83
CA ALA B 458 -16.68 27.23 -13.08
C ALA B 458 -17.66 27.25 -14.25
N GLN B 459 -18.88 26.78 -14.04
CA GLN B 459 -19.88 26.84 -15.10
C GLN B 459 -20.15 28.29 -15.51
N TRP B 460 -20.18 29.20 -14.54
CA TRP B 460 -20.37 30.60 -14.84
C TRP B 460 -19.24 31.14 -15.72
N ILE B 461 -18.01 30.77 -15.41
CA ILE B 461 -16.87 31.21 -16.25
C ILE B 461 -17.06 30.72 -17.67
N GLN B 462 -17.44 29.46 -17.85
CA GLN B 462 -17.72 28.95 -19.19
C GLN B 462 -18.81 29.78 -19.86
N ALA B 463 -19.82 30.20 -19.10
CA ALA B 463 -20.88 31.02 -19.66
C ALA B 463 -20.34 32.38 -20.12
N THR B 464 -19.43 32.97 -19.35
CA THR B 464 -18.88 34.26 -19.74
C THR B 464 -18.13 34.20 -21.07
N SER B 465 -17.67 33.02 -21.47
CA SER B 465 -16.99 32.85 -22.75
C SER B 465 -17.93 32.44 -23.88
N GLY B 466 -19.22 32.30 -23.60
CA GLY B 466 -20.21 32.07 -24.64
C GLY B 466 -20.91 30.72 -24.58
N LYS B 467 -20.62 29.87 -23.60
CA LYS B 467 -21.28 28.58 -23.51
C LYS B 467 -22.69 28.78 -22.94
N ALA B 468 -23.70 28.45 -23.74
CA ALA B 468 -25.09 28.70 -23.38
C ALA B 468 -25.77 27.49 -22.73
N LEU B 469 -25.04 26.41 -22.49
CA LEU B 469 -25.66 25.20 -21.96
C LEU B 469 -26.30 25.45 -20.60
N TYR B 470 -25.61 26.18 -19.72
CA TYR B 470 -26.08 26.37 -18.36
C TYR B 470 -27.13 27.47 -18.24
N GLY B 471 -27.37 28.23 -19.29
CA GLY B 471 -28.41 29.25 -19.25
C GLY B 471 -28.15 30.37 -18.27
N PHE B 472 -26.88 30.75 -18.09
CA PHE B 472 -26.57 31.88 -17.22
C PHE B 472 -26.78 33.22 -17.91
N ASP B 473 -26.66 33.26 -19.24
CA ASP B 473 -26.96 34.46 -20.01
C ASP B 473 -26.17 35.66 -19.50
N VAL B 474 -24.85 35.53 -19.56
CA VAL B 474 -23.92 36.54 -19.03
C VAL B 474 -22.83 36.79 -20.07
N LEU B 475 -22.55 38.06 -20.33
CA LEU B 475 -21.46 38.46 -21.23
C LEU B 475 -21.58 37.76 -22.59
N LEU B 476 -20.57 37.00 -22.99
CA LEU B 476 -20.60 36.42 -24.33
C LEU B 476 -21.75 35.45 -24.51
N SER B 477 -22.24 34.85 -23.43
CA SER B 477 -23.45 34.05 -23.51
C SER B 477 -24.71 34.89 -23.57
N ASN B 478 -24.58 36.22 -23.40
CA ASN B 478 -25.70 37.13 -23.50
C ASN B 478 -25.61 37.92 -24.79
N PRO B 479 -26.49 37.70 -25.77
CA PRO B 479 -26.38 38.44 -27.03
C PRO B 479 -26.44 39.95 -26.88
N ASP B 480 -27.14 40.45 -25.86
CA ASP B 480 -27.29 41.89 -25.69
C ASP B 480 -26.13 42.53 -24.93
N SER B 481 -25.20 41.73 -24.40
CA SER B 481 -24.07 42.29 -23.68
C SER B 481 -23.21 43.14 -24.61
N ILE B 482 -22.61 44.20 -24.05
CA ILE B 482 -21.71 45.03 -24.84
C ILE B 482 -20.51 44.23 -25.32
N ALA B 483 -20.10 43.22 -24.54
CA ALA B 483 -19.00 42.37 -24.97
C ALA B 483 -19.38 41.53 -26.18
N SER B 484 -20.67 41.24 -26.36
CA SER B 484 -21.11 40.40 -27.47
C SER B 484 -21.37 41.19 -28.75
N THR B 485 -21.68 42.48 -28.64
CA THR B 485 -22.02 43.31 -29.80
C THR B 485 -20.85 44.15 -30.27
N THR B 486 -19.62 43.76 -29.95
CA THR B 486 -18.44 44.51 -30.34
C THR B 486 -18.10 44.35 -31.81
N GLY B 487 -18.66 43.35 -32.49
CA GLY B 487 -18.29 43.07 -33.86
C GLY B 487 -16.97 42.35 -34.01
N ALA B 488 -16.47 41.73 -32.94
CA ALA B 488 -15.20 41.03 -33.01
C ALA B 488 -15.24 39.96 -34.09
N ALA B 489 -14.15 39.88 -34.86
CA ALA B 489 -14.11 38.95 -35.98
C ALA B 489 -14.23 37.50 -35.52
N TRP B 490 -13.60 37.17 -34.39
CA TRP B 490 -13.52 35.79 -33.94
C TRP B 490 -14.81 35.27 -33.32
N LEU B 491 -15.71 36.14 -32.90
CA LEU B 491 -16.86 35.70 -32.10
C LEU B 491 -17.70 34.65 -32.81
N PRO B 492 -18.12 34.83 -34.07
CA PRO B 492 -18.93 33.78 -34.71
C PRO B 492 -18.25 32.42 -34.71
N GLY B 493 -16.96 32.37 -35.04
CA GLY B 493 -16.26 31.09 -35.00
C GLY B 493 -16.10 30.55 -33.60
N TRP B 494 -15.75 31.42 -32.66
CA TRP B 494 -15.53 30.97 -31.28
C TRP B 494 -16.82 30.45 -30.66
N LEU B 495 -17.93 31.17 -30.85
CA LEU B 495 -19.19 30.73 -30.27
C LEU B 495 -19.62 29.39 -30.82
N ASP B 496 -19.42 29.17 -32.12
CA ASP B 496 -19.75 27.87 -32.70
C ASP B 496 -18.92 26.76 -32.07
N ALA B 497 -17.61 27.00 -31.89
CA ALA B 497 -16.75 25.97 -31.33
C ALA B 497 -17.11 25.64 -29.89
N ILE B 498 -17.40 26.66 -29.07
CA ILE B 498 -17.64 26.43 -27.66
C ILE B 498 -19.03 25.82 -27.42
N ASN B 499 -19.93 25.94 -28.39
CA ASN B 499 -21.27 25.38 -28.27
C ASN B 499 -21.50 24.14 -29.12
N SER B 500 -20.47 23.69 -29.86
CA SER B 500 -20.64 22.51 -30.70
C SER B 500 -20.89 21.26 -29.86
N GLY B 501 -20.15 21.10 -28.77
CA GLY B 501 -20.26 19.92 -27.95
C GLY B 501 -19.55 18.69 -28.50
N THR B 502 -18.82 18.82 -29.61
CA THR B 502 -18.13 17.70 -30.23
C THR B 502 -16.62 17.81 -30.08
N ASN B 503 -16.14 18.61 -29.14
CA ASN B 503 -14.71 18.82 -28.94
C ASN B 503 -14.44 18.94 -27.44
N SER B 504 -13.18 19.20 -27.10
CA SER B 504 -12.75 19.33 -25.71
C SER B 504 -12.62 20.78 -25.28
N LEU B 505 -13.31 21.70 -25.95
CA LEU B 505 -13.26 23.11 -25.61
C LEU B 505 -14.31 23.39 -24.54
N PHE B 506 -13.86 23.65 -23.31
CA PHE B 506 -14.74 23.90 -22.18
C PHE B 506 -15.73 22.76 -22.00
N LEU B 507 -15.19 21.58 -21.68
CA LEU B 507 -16.02 20.42 -21.44
C LEU B 507 -17.06 20.70 -20.37
N THR B 508 -18.28 20.22 -20.59
CA THR B 508 -19.33 20.35 -19.59
C THR B 508 -18.90 19.68 -18.29
N ILE B 509 -19.19 20.34 -17.17
CA ILE B 509 -18.74 19.89 -15.86
C ILE B 509 -19.93 19.76 -14.93
N GLY B 510 -19.78 18.89 -13.93
CA GLY B 510 -20.83 18.64 -12.97
C GLY B 510 -20.27 18.33 -11.59
N PRO B 511 -21.10 17.74 -10.73
CA PRO B 511 -20.63 17.44 -9.36
C PRO B 511 -19.36 16.61 -9.31
N GLY B 512 -19.21 15.66 -10.22
CA GLY B 512 -17.98 14.88 -10.24
C GLY B 512 -16.75 15.75 -10.45
N ASP B 513 -16.84 16.72 -11.36
CA ASP B 513 -15.74 17.64 -11.57
C ASP B 513 -15.48 18.51 -10.35
N PHE B 514 -16.53 18.86 -9.61
CA PHE B 514 -16.38 19.68 -8.42
C PHE B 514 -15.47 19.01 -7.39
N LEU B 515 -15.74 17.74 -7.09
CA LEU B 515 -14.98 17.06 -6.04
C LEU B 515 -13.52 16.88 -6.42
N VAL B 516 -13.25 16.45 -7.65
CA VAL B 516 -11.87 16.19 -8.05
C VAL B 516 -11.06 17.48 -8.12
N HIS B 517 -11.70 18.58 -8.54
CA HIS B 517 -10.98 19.85 -8.59
C HIS B 517 -10.54 20.30 -7.20
N HIS B 518 -11.35 20.03 -6.18
CA HIS B 518 -10.94 20.33 -4.82
C HIS B 518 -9.91 19.34 -4.30
N ALA B 519 -9.94 18.11 -4.80
CA ALA B 519 -8.85 17.17 -4.52
C ALA B 519 -7.54 17.67 -5.10
N ILE B 520 -7.59 18.23 -6.30
CA ILE B 520 -6.39 18.82 -6.91
C ILE B 520 -5.89 19.99 -6.07
N ALA B 521 -6.82 20.81 -5.57
CA ALA B 521 -6.42 21.93 -4.71
C ALA B 521 -5.72 21.43 -3.46
N LEU B 522 -6.19 20.31 -2.89
CA LEU B 522 -5.51 19.73 -1.74
C LEU B 522 -4.07 19.36 -2.10
N GLY B 523 -3.88 18.71 -3.24
CA GLY B 523 -2.54 18.34 -3.65
C GLY B 523 -1.64 19.54 -3.85
N LEU B 524 -2.16 20.57 -4.53
CA LEU B 524 -1.36 21.78 -4.77
C LEU B 524 -0.96 22.44 -3.46
N HIS B 525 -1.92 22.64 -2.56
CA HIS B 525 -1.61 23.32 -1.30
C HIS B 525 -0.69 22.49 -0.42
N THR B 526 -0.90 21.17 -0.39
CA THR B 526 -0.06 20.32 0.46
C THR B 526 1.36 20.23 -0.09
N THR B 527 1.50 20.07 -1.40
CA THR B 527 2.85 20.04 -1.99
C THR B 527 3.55 21.37 -1.76
N ALA B 528 2.83 22.48 -1.90
CA ALA B 528 3.42 23.79 -1.62
C ALA B 528 3.79 23.92 -0.15
N LEU B 529 2.94 23.42 0.75
CA LEU B 529 3.23 23.49 2.17
C LEU B 529 4.57 22.82 2.48
N ILE B 530 4.77 21.61 1.95
CA ILE B 530 6.02 20.89 2.21
C ILE B 530 7.20 21.66 1.64
N LEU B 531 7.07 22.13 0.39
CA LEU B 531 8.17 22.84 -0.26
C LEU B 531 8.42 24.19 0.40
N ILE B 532 7.37 24.92 0.74
CA ILE B 532 7.54 26.23 1.35
C ILE B 532 8.12 26.09 2.75
N LYS B 533 7.68 25.09 3.51
CA LYS B 533 8.25 24.86 4.83
C LYS B 533 9.73 24.55 4.72
N GLY B 534 10.13 23.73 3.76
CA GLY B 534 11.53 23.43 3.57
C GLY B 534 12.35 24.66 3.24
N ALA B 535 11.82 25.52 2.37
CA ALA B 535 12.56 26.72 1.97
C ALA B 535 12.69 27.70 3.14
N LEU B 536 11.60 27.95 3.86
CA LEU B 536 11.62 28.96 4.91
C LEU B 536 12.37 28.49 6.15
N ASP B 537 12.34 27.18 6.42
CA ASP B 537 13.07 26.62 7.55
C ASP B 537 14.46 26.14 7.18
N ALA B 538 14.89 26.36 5.93
CA ALA B 538 16.20 25.87 5.51
C ALA B 538 17.32 26.52 6.32
N ARG B 539 17.16 27.79 6.69
CA ARG B 539 18.20 28.51 7.40
C ARG B 539 18.23 28.22 8.89
N GLY B 540 17.24 27.52 9.42
CA GLY B 540 17.24 27.14 10.81
C GLY B 540 15.84 27.10 11.38
N SER B 541 15.71 26.35 12.47
CA SER B 541 14.45 26.24 13.20
C SER B 541 14.76 26.09 14.68
N LYS B 542 13.71 26.00 15.50
CA LYS B 542 13.92 25.81 16.93
C LYS B 542 14.63 24.49 17.21
N LEU B 543 14.27 23.44 16.48
CA LEU B 543 14.92 22.16 16.68
C LEU B 543 16.40 22.22 16.34
N MET B 544 16.76 22.89 15.24
CA MET B 544 18.14 23.04 14.80
C MET B 544 18.38 24.50 14.46
N PRO B 545 18.71 25.33 15.46
CA PRO B 545 18.88 26.77 15.18
C PRO B 545 20.00 27.08 14.20
N ASP B 546 20.98 26.20 14.04
CA ASP B 546 22.16 26.45 13.22
C ASP B 546 22.15 25.60 11.95
N LYS B 547 20.96 25.42 11.36
CA LYS B 547 20.85 24.60 10.15
C LYS B 547 21.51 25.25 8.94
N LYS B 548 21.66 26.58 8.93
CA LYS B 548 22.15 27.27 7.74
C LYS B 548 23.56 26.83 7.38
N ASP B 549 24.43 26.67 8.38
CA ASP B 549 25.84 26.39 8.14
C ASP B 549 26.14 24.91 7.96
N PHE B 550 25.12 24.11 7.63
CA PHE B 550 25.31 22.70 7.32
C PHE B 550 25.10 22.36 5.85
N GLY B 551 24.26 23.10 5.15
CA GLY B 551 24.06 22.91 3.73
C GLY B 551 22.65 22.45 3.41
N TYR B 552 22.35 22.44 2.11
CA TYR B 552 21.04 21.99 1.65
C TYR B 552 20.78 20.55 2.05
N SER B 553 21.77 19.68 1.87
CA SER B 553 21.71 18.30 2.31
C SER B 553 22.98 18.02 3.10
N PHE B 554 22.83 17.48 4.32
CA PHE B 554 23.97 17.19 5.17
C PHE B 554 23.82 15.81 5.78
N PRO B 555 24.93 15.13 6.05
CA PRO B 555 24.86 13.81 6.69
C PRO B 555 24.41 13.94 8.13
N CYS B 556 23.42 13.14 8.52
CA CYS B 556 22.82 13.19 9.85
C CYS B 556 23.06 11.90 10.63
N ASP B 557 24.04 11.10 10.22
CA ASP B 557 24.34 9.83 10.87
C ASP B 557 25.55 9.90 11.78
N GLY B 558 26.11 11.09 11.99
CA GLY B 558 27.26 11.24 12.86
C GLY B 558 26.87 11.13 14.32
N PRO B 559 27.82 10.71 15.16
CA PRO B 559 27.52 10.61 16.60
C PRO B 559 27.05 11.94 17.16
N GLY B 560 26.01 11.87 18.00
CA GLY B 560 25.46 13.05 18.62
C GLY B 560 24.54 13.88 17.73
N ARG B 561 24.31 13.44 16.50
CA ARG B 561 23.46 14.17 15.56
C ARG B 561 22.14 13.46 15.31
N GLY B 562 21.59 12.81 16.34
CA GLY B 562 20.33 12.10 16.17
C GLY B 562 19.18 13.04 15.87
N GLY B 563 19.19 14.23 16.46
CA GLY B 563 18.12 15.19 16.27
C GLY B 563 18.23 16.05 15.04
N THR B 564 19.24 15.83 14.20
CA THR B 564 19.43 16.61 12.98
C THR B 564 18.91 15.91 11.74
N CYS B 565 18.21 14.79 11.90
CA CYS B 565 17.73 14.02 10.76
C CYS B 565 16.34 14.47 10.36
N ASP B 566 16.08 14.39 9.05
CA ASP B 566 14.78 14.64 8.41
C ASP B 566 14.45 16.13 8.34
N ILE B 567 15.32 17.02 8.79
CA ILE B 567 15.02 18.45 8.84
C ILE B 567 15.75 19.25 7.78
N SER B 568 16.66 18.65 7.04
CA SER B 568 17.35 19.38 5.98
C SER B 568 16.35 19.79 4.90
N ALA B 569 16.67 20.89 4.21
CA ALA B 569 15.82 21.34 3.12
C ALA B 569 15.71 20.29 2.03
N TRP B 570 16.72 19.44 1.89
CA TRP B 570 16.65 18.34 0.93
C TRP B 570 15.55 17.36 1.30
N ASP B 571 15.38 17.10 2.60
CA ASP B 571 14.32 16.19 3.05
C ASP B 571 12.95 16.72 2.69
N ALA B 572 12.77 18.05 2.72
CA ALA B 572 11.49 18.62 2.29
C ALA B 572 11.22 18.34 0.82
N PHE B 573 12.25 18.44 -0.02
CA PHE B 573 12.10 18.06 -1.42
C PHE B 573 11.74 16.59 -1.55
N TYR B 574 12.40 15.74 -0.77
CA TYR B 574 12.13 14.31 -0.83
C TYR B 574 10.67 14.01 -0.50
N LEU B 575 10.15 14.63 0.57
CA LEU B 575 8.75 14.42 0.93
C LEU B 575 7.81 15.01 -0.12
N ALA B 576 8.15 16.20 -0.64
CA ALA B 576 7.27 16.85 -1.60
C ALA B 576 7.12 16.05 -2.88
N MET B 577 8.12 15.25 -3.24
CA MET B 577 8.05 14.48 -4.48
C MET B 577 6.88 13.50 -4.44
N PHE B 578 6.65 12.86 -3.30
CA PHE B 578 5.52 11.94 -3.18
C PHE B 578 4.20 12.66 -3.42
N TRP B 579 4.04 13.85 -2.84
CA TRP B 579 2.80 14.59 -3.03
C TRP B 579 2.66 15.14 -4.44
N MET B 580 3.78 15.51 -5.07
CA MET B 580 3.71 15.93 -6.47
C MET B 580 3.23 14.78 -7.35
N LEU B 581 3.79 13.59 -7.15
CA LEU B 581 3.34 12.43 -7.91
C LEU B 581 1.89 12.12 -7.63
N ASN B 582 1.48 12.17 -6.36
CA ASN B 582 0.10 11.90 -6.00
C ASN B 582 -0.84 12.91 -6.65
N THR B 583 -0.48 14.19 -6.59
CA THR B 583 -1.31 15.23 -7.21
C THR B 583 -1.42 15.01 -8.71
N LEU B 584 -0.31 14.68 -9.36
CA LEU B 584 -0.34 14.41 -10.80
C LEU B 584 -1.18 13.18 -11.11
N GLY B 585 -1.14 12.17 -10.24
CA GLY B 585 -1.96 11.00 -10.45
C GLY B 585 -3.44 11.33 -10.42
N TRP B 586 -3.86 12.16 -9.47
CA TRP B 586 -5.26 12.53 -9.39
C TRP B 586 -5.72 13.29 -10.63
N LEU B 587 -4.92 14.25 -11.09
CA LEU B 587 -5.36 15.07 -12.22
C LEU B 587 -5.29 14.30 -13.54
N THR B 588 -4.29 13.45 -13.70
CA THR B 588 -4.22 12.64 -14.92
C THR B 588 -5.33 11.60 -14.95
N PHE B 589 -5.62 10.97 -13.82
CA PHE B 589 -6.79 10.09 -13.75
C PHE B 589 -8.05 10.85 -14.16
N TYR B 590 -8.22 12.05 -13.61
CA TYR B 590 -9.37 12.87 -13.93
C TYR B 590 -9.45 13.17 -15.42
N TRP B 591 -8.34 13.63 -16.00
CA TRP B 591 -8.35 13.96 -17.42
C TRP B 591 -8.68 12.75 -18.27
N HIS B 592 -8.06 11.60 -17.97
CA HIS B 592 -8.23 10.42 -18.81
C HIS B 592 -9.64 9.86 -18.71
N TRP B 593 -10.14 9.67 -17.50
CA TRP B 593 -11.46 9.06 -17.35
C TRP B 593 -12.54 9.92 -17.96
N LYS B 594 -12.46 11.24 -17.78
CA LYS B 594 -13.46 12.12 -18.36
C LYS B 594 -13.43 12.05 -19.88
N HIS B 595 -12.23 12.02 -20.47
CA HIS B 595 -12.13 11.97 -21.93
C HIS B 595 -12.55 10.62 -22.49
N LEU B 596 -12.31 9.54 -21.76
CA LEU B 596 -12.78 8.23 -22.21
C LEU B 596 -14.29 8.26 -22.45
N GLY B 597 -15.04 8.90 -21.55
CA GLY B 597 -16.47 9.05 -21.77
C GLY B 597 -16.78 9.95 -22.94
N VAL B 598 -16.06 11.08 -23.05
CA VAL B 598 -16.30 12.02 -24.14
C VAL B 598 -16.01 11.36 -25.48
N TRP B 599 -14.89 10.64 -25.58
CA TRP B 599 -14.51 10.02 -26.84
C TRP B 599 -15.51 8.94 -27.24
N SER B 600 -15.97 8.14 -26.29
CA SER B 600 -16.92 7.06 -26.56
C SER B 600 -18.36 7.54 -26.55
N GLY B 601 -18.62 8.81 -26.24
CA GLY B 601 -19.96 9.34 -26.18
C GLY B 601 -20.71 9.05 -24.90
N ASN B 602 -20.15 8.21 -24.02
CA ASN B 602 -20.82 7.83 -22.77
C ASN B 602 -20.30 8.69 -21.63
N VAL B 603 -20.58 10.00 -21.71
CA VAL B 603 -20.21 10.90 -20.63
C VAL B 603 -20.98 10.60 -19.36
N ALA B 604 -22.10 9.89 -19.47
CA ALA B 604 -22.90 9.58 -18.28
C ALA B 604 -22.12 8.76 -17.27
N GLN B 605 -21.20 7.91 -17.74
CA GLN B 605 -20.46 7.05 -16.81
C GLN B 605 -19.67 7.89 -15.83
N PHE B 606 -18.86 8.82 -16.31
CA PHE B 606 -18.10 9.67 -15.41
C PHE B 606 -19.03 10.55 -14.57
N ASN B 607 -20.07 11.12 -15.18
CA ASN B 607 -20.94 12.04 -14.47
C ASN B 607 -21.60 11.35 -13.28
N GLU B 608 -22.01 10.10 -13.44
CA GLU B 608 -22.76 9.41 -12.41
C GLU B 608 -21.88 8.65 -11.43
N ASN B 609 -20.70 8.20 -11.84
CA ASN B 609 -19.87 7.33 -11.02
C ASN B 609 -18.64 8.01 -10.45
N SER B 610 -18.33 9.24 -10.84
CA SER B 610 -17.14 9.91 -10.35
C SER B 610 -17.35 10.58 -9.00
N THR B 611 -18.56 10.55 -8.46
CA THR B 611 -18.86 11.22 -7.19
C THR B 611 -18.57 10.35 -5.98
N TYR B 612 -18.18 9.09 -6.18
CA TYR B 612 -17.75 8.23 -5.08
C TYR B 612 -16.54 7.44 -5.53
N LEU B 613 -15.68 7.11 -4.57
CA LEU B 613 -14.36 6.58 -4.91
C LEU B 613 -14.43 5.17 -5.50
N MET B 614 -15.43 4.38 -5.12
CA MET B 614 -15.58 3.07 -5.72
C MET B 614 -15.81 3.19 -7.23
N GLY B 615 -16.43 4.28 -7.68
CA GLY B 615 -16.60 4.47 -9.10
C GLY B 615 -15.28 4.60 -9.84
N TRP B 616 -14.35 5.38 -9.28
CA TRP B 616 -13.01 5.45 -9.87
C TRP B 616 -12.34 4.09 -9.83
N PHE B 617 -12.44 3.39 -8.70
CA PHE B 617 -11.78 2.10 -8.56
C PHE B 617 -12.31 1.09 -9.57
N ARG B 618 -13.63 1.05 -9.74
CA ARG B 618 -14.26 0.04 -10.60
C ARG B 618 -14.30 0.48 -12.06
N ASP B 619 -14.92 1.64 -12.32
CA ASP B 619 -15.19 2.03 -13.71
C ASP B 619 -13.94 2.50 -14.44
N TYR B 620 -12.99 3.11 -13.72
CA TYR B 620 -11.78 3.61 -14.37
C TYR B 620 -10.63 2.61 -14.29
N LEU B 621 -10.19 2.24 -13.09
CA LEU B 621 -9.01 1.41 -12.95
C LEU B 621 -9.28 -0.03 -13.37
N TRP B 622 -10.27 -0.66 -12.73
CA TRP B 622 -10.53 -2.08 -13.00
C TRP B 622 -11.01 -2.29 -14.44
N ALA B 623 -11.96 -1.48 -14.88
CA ALA B 623 -12.58 -1.71 -16.18
C ALA B 623 -11.60 -1.53 -17.33
N ASN B 624 -10.76 -0.50 -17.26
CA ASN B 624 -9.87 -0.17 -18.36
C ASN B 624 -8.56 -0.96 -18.34
N SER B 625 -8.36 -1.82 -17.34
CA SER B 625 -7.19 -2.68 -17.29
C SER B 625 -7.36 -3.96 -18.08
N ALA B 626 -8.57 -4.26 -18.55
CA ALA B 626 -8.84 -5.58 -19.12
C ALA B 626 -7.96 -5.86 -20.33
N GLN B 627 -7.95 -4.95 -21.31
CA GLN B 627 -7.16 -5.18 -22.51
C GLN B 627 -5.67 -5.14 -22.21
N LEU B 628 -5.24 -4.24 -21.32
CA LEU B 628 -3.82 -4.14 -20.99
C LEU B 628 -3.28 -5.47 -20.47
N ILE B 629 -3.93 -6.05 -19.47
CA ILE B 629 -3.42 -7.25 -18.84
C ILE B 629 -3.61 -8.49 -19.71
N ASN B 630 -4.32 -8.37 -20.82
CA ASN B 630 -4.42 -9.44 -21.80
C ASN B 630 -3.47 -9.24 -22.96
N GLY B 631 -2.51 -8.32 -22.84
CA GLY B 631 -1.52 -8.16 -23.89
C GLY B 631 -0.82 -9.46 -24.22
N TYR B 632 -0.52 -10.26 -23.19
CA TYR B 632 -0.10 -11.64 -23.38
C TYR B 632 -0.81 -12.50 -22.36
N ASN B 633 -1.17 -13.71 -22.77
CA ASN B 633 -1.95 -14.62 -21.94
C ASN B 633 -1.73 -16.03 -22.46
N PRO B 634 -2.27 -17.04 -21.78
CA PRO B 634 -2.02 -18.43 -22.20
C PRO B 634 -2.43 -18.71 -23.64
N TYR B 635 -3.26 -17.87 -24.26
CA TYR B 635 -3.75 -18.11 -25.60
C TYR B 635 -2.95 -17.41 -26.69
N GLY B 636 -2.08 -16.48 -26.33
CA GLY B 636 -1.24 -15.81 -27.30
C GLY B 636 -0.90 -14.41 -26.85
N VAL B 637 -0.40 -13.62 -27.81
CA VAL B 637 0.00 -12.24 -27.56
C VAL B 637 -0.60 -11.36 -28.65
N ASN B 638 -0.68 -10.07 -28.35
CA ASN B 638 -1.12 -9.07 -29.32
C ASN B 638 -0.18 -7.86 -29.20
N ASN B 639 -0.54 -6.77 -29.86
CA ASN B 639 0.33 -5.61 -29.90
C ASN B 639 0.46 -4.91 -28.56
N LEU B 640 -0.37 -5.25 -27.58
CA LEU B 640 -0.27 -4.68 -26.24
C LEU B 640 0.62 -5.50 -25.31
N SER B 641 1.27 -6.54 -25.84
CA SER B 641 2.12 -7.38 -25.00
C SER B 641 3.23 -6.56 -24.34
N VAL B 642 3.84 -5.65 -25.10
CA VAL B 642 4.93 -4.85 -24.56
C VAL B 642 4.43 -3.98 -23.41
N TRP B 643 3.27 -3.37 -23.58
CA TRP B 643 2.74 -2.51 -22.53
C TRP B 643 2.34 -3.33 -21.30
N ALA B 644 1.83 -4.53 -21.51
CA ALA B 644 1.53 -5.41 -20.38
C ALA B 644 2.81 -5.76 -19.62
N TRP B 645 3.89 -6.06 -20.34
CA TRP B 645 5.16 -6.36 -19.69
C TRP B 645 5.72 -5.13 -18.99
N MET B 646 5.61 -3.97 -19.63
CA MET B 646 6.05 -2.72 -18.98
C MET B 646 5.17 -2.39 -17.78
N PHE B 647 3.87 -2.74 -17.86
CA PHE B 647 2.97 -2.49 -16.74
C PHE B 647 3.42 -3.22 -15.48
N LEU B 648 3.80 -4.48 -15.62
CA LEU B 648 4.33 -5.23 -14.49
C LEU B 648 5.72 -4.74 -14.10
N PHE B 649 6.52 -4.35 -15.10
CA PHE B 649 7.85 -3.83 -14.80
C PHE B 649 7.76 -2.58 -13.93
N GLY B 650 6.85 -1.67 -14.24
CA GLY B 650 6.68 -0.50 -13.40
C GLY B 650 6.20 -0.86 -12.00
N HIS B 651 5.26 -1.79 -11.91
CA HIS B 651 4.80 -2.26 -10.61
C HIS B 651 5.98 -2.80 -9.79
N LEU B 652 6.90 -3.53 -10.45
CA LEU B 652 8.04 -4.10 -9.73
C LEU B 652 9.02 -3.03 -9.28
N VAL B 653 9.37 -2.10 -10.17
CA VAL B 653 10.32 -1.05 -9.80
C VAL B 653 9.75 -0.20 -8.67
N TRP B 654 8.47 0.12 -8.75
CA TRP B 654 7.82 0.88 -7.68
C TRP B 654 7.98 0.17 -6.34
N ALA B 655 7.69 -1.13 -6.31
CA ALA B 655 7.78 -1.88 -5.06
C ALA B 655 9.21 -1.95 -4.56
N THR B 656 10.17 -2.12 -5.47
CA THR B 656 11.57 -2.16 -5.07
C THR B 656 11.97 -0.90 -4.31
N GLY B 657 11.38 0.24 -4.67
CA GLY B 657 11.68 1.46 -3.95
C GLY B 657 11.30 1.41 -2.48
N PHE B 658 10.23 0.68 -2.16
CA PHE B 658 9.81 0.56 -0.76
C PHE B 658 10.96 0.06 0.11
N MET B 659 11.79 -0.85 -0.43
CA MET B 659 12.87 -1.41 0.35
C MET B 659 13.82 -0.33 0.87
N PHE B 660 14.20 0.60 -0.02
CA PHE B 660 15.12 1.66 0.39
C PHE B 660 14.42 2.70 1.25
N LEU B 661 13.13 2.93 1.02
CA LEU B 661 12.40 3.94 1.78
C LEU B 661 12.04 3.47 3.18
N ILE B 662 11.78 2.18 3.37
CA ILE B 662 11.30 1.67 4.66
C ILE B 662 12.47 1.24 5.55
N SER B 663 13.34 0.37 5.06
CA SER B 663 14.47 -0.07 5.84
C SER B 663 15.49 1.05 5.99
N TRP B 664 16.38 0.91 6.97
CA TRP B 664 17.40 1.90 7.25
C TRP B 664 18.78 1.25 7.23
N ARG B 665 19.80 2.09 7.29
CA ARG B 665 21.16 1.67 6.97
C ARG B 665 21.66 0.59 7.93
N GLY B 666 21.37 0.73 9.22
CA GLY B 666 22.00 -0.13 10.20
C GLY B 666 21.79 -1.61 9.93
N TYR B 667 20.57 -1.98 9.53
CA TYR B 667 20.31 -3.39 9.24
C TYR B 667 21.21 -3.89 8.13
N TRP B 668 21.36 -3.12 7.06
CA TRP B 668 22.12 -3.57 5.90
C TRP B 668 23.63 -3.53 6.13
N GLN B 669 24.11 -2.59 6.95
CA GLN B 669 25.54 -2.52 7.21
C GLN B 669 26.03 -3.79 7.90
N GLU B 670 25.29 -4.27 8.90
CA GLU B 670 25.68 -5.50 9.58
C GLU B 670 25.49 -6.71 8.68
N LEU B 671 24.48 -6.69 7.81
CA LEU B 671 24.32 -7.78 6.85
C LEU B 671 25.51 -7.84 5.90
N ILE B 672 25.97 -6.68 5.42
CA ILE B 672 27.12 -6.65 4.52
C ILE B 672 28.36 -7.18 5.22
N GLU B 673 28.50 -6.88 6.51
CA GLU B 673 29.67 -7.35 7.25
C GLU B 673 29.75 -8.87 7.23
N THR B 674 28.62 -9.55 7.34
CA THR B 674 28.62 -11.00 7.25
C THR B 674 29.05 -11.46 5.86
N ILE B 675 28.60 -10.76 4.82
CA ILE B 675 29.02 -11.09 3.47
C ILE B 675 30.51 -10.86 3.30
N VAL B 676 31.02 -9.73 3.83
CA VAL B 676 32.45 -9.48 3.82
C VAL B 676 33.18 -10.57 4.60
N TRP B 677 32.62 -10.99 5.73
CA TRP B 677 33.22 -12.06 6.51
C TRP B 677 33.33 -13.34 5.69
N ALA B 678 32.26 -13.70 4.97
CA ALA B 678 32.29 -14.92 4.17
C ALA B 678 33.32 -14.86 3.06
N HIS B 679 33.41 -13.71 2.38
CA HIS B 679 34.34 -13.59 1.26
C HIS B 679 35.79 -13.80 1.71
N GLU B 680 36.16 -13.20 2.84
CA GLU B 680 37.54 -13.26 3.32
C GLU B 680 37.93 -14.64 3.83
N ARG B 681 36.97 -15.55 3.99
CA ARG B 681 37.26 -16.89 4.50
C ARG B 681 36.96 -17.99 3.50
N THR B 682 36.42 -17.68 2.34
CA THR B 682 36.16 -18.69 1.32
C THR B 682 37.44 -18.98 0.56
N PRO B 683 37.93 -20.22 0.56
CA PRO B 683 39.15 -20.52 -0.18
C PRO B 683 39.02 -20.20 -1.66
N LEU B 684 40.08 -19.67 -2.24
CA LEU B 684 40.21 -19.33 -3.65
C LEU B 684 39.42 -18.09 -4.03
N ALA B 685 38.62 -17.53 -3.11
CA ALA B 685 37.90 -16.29 -3.35
C ALA B 685 38.46 -15.12 -2.55
N ASN B 686 39.03 -15.37 -1.38
CA ASN B 686 39.67 -14.31 -0.61
C ASN B 686 40.93 -13.80 -1.28
N LEU B 687 41.45 -14.49 -2.30
CA LEU B 687 42.58 -13.98 -3.05
C LEU B 687 42.21 -12.68 -3.76
N VAL B 688 41.00 -12.61 -4.32
CA VAL B 688 40.52 -11.40 -4.97
C VAL B 688 40.13 -10.40 -3.89
N ARG B 689 40.72 -9.21 -3.95
CA ARG B 689 40.54 -8.19 -2.93
C ARG B 689 39.97 -6.93 -3.57
N TRP B 690 38.89 -6.42 -2.99
CA TRP B 690 38.29 -5.17 -3.47
C TRP B 690 39.19 -3.99 -3.11
N LYS B 691 39.06 -2.93 -3.90
CA LYS B 691 39.78 -1.68 -3.64
C LYS B 691 38.97 -0.75 -2.74
N ASP B 692 37.66 -0.70 -2.93
CA ASP B 692 36.77 0.10 -2.11
C ASP B 692 36.01 -0.80 -1.15
N LYS B 693 36.08 -0.49 0.13
CA LYS B 693 35.42 -1.31 1.14
C LYS B 693 33.91 -1.25 0.94
N PRO B 694 33.24 -2.39 0.76
CA PRO B 694 31.77 -2.35 0.63
C PRO B 694 31.13 -1.80 1.89
N VAL B 695 30.19 -0.87 1.71
CA VAL B 695 29.44 -0.28 2.81
C VAL B 695 28.00 -0.12 2.38
N ALA B 696 27.12 -0.05 3.37
CA ALA B 696 25.71 0.19 3.10
C ALA B 696 25.50 1.62 2.61
N LEU B 697 24.41 1.83 1.88
CA LEU B 697 24.09 3.16 1.38
C LEU B 697 23.89 4.13 2.53
N SER B 698 24.27 5.39 2.30
CA SER B 698 24.04 6.43 3.30
C SER B 698 22.54 6.70 3.42
N ILE B 699 22.17 7.36 4.52
CA ILE B 699 20.76 7.63 4.78
C ILE B 699 20.16 8.48 3.66
N VAL B 700 20.86 9.54 3.26
CA VAL B 700 20.37 10.38 2.18
C VAL B 700 20.35 9.59 0.88
N GLN B 701 21.41 8.82 0.61
CA GLN B 701 21.47 8.07 -0.65
C GLN B 701 20.32 7.08 -0.76
N ALA B 702 20.00 6.37 0.33
CA ALA B 702 18.93 5.39 0.27
C ALA B 702 17.60 6.05 -0.05
N ARG B 703 17.33 7.21 0.55
CA ARG B 703 16.10 7.93 0.23
C ARG B 703 16.10 8.37 -1.23
N LEU B 704 17.24 8.80 -1.75
CA LEU B 704 17.31 9.18 -3.15
C LEU B 704 17.10 7.97 -4.06
N VAL B 705 17.74 6.85 -3.74
CA VAL B 705 17.57 5.64 -4.54
C VAL B 705 16.12 5.15 -4.43
N GLY B 706 15.58 5.10 -3.21
CA GLY B 706 14.20 4.70 -3.05
C GLY B 706 13.25 5.61 -3.80
N LEU B 707 13.47 6.92 -3.73
CA LEU B 707 12.63 7.85 -4.48
C LEU B 707 12.78 7.63 -5.98
N ALA B 708 13.98 7.27 -6.43
CA ALA B 708 14.20 7.03 -7.85
C ALA B 708 13.39 5.82 -8.33
N HIS B 709 13.49 4.70 -7.63
CA HIS B 709 12.68 3.54 -7.99
C HIS B 709 11.19 3.86 -7.90
N PHE B 710 10.78 4.54 -6.83
CA PHE B 710 9.38 4.91 -6.67
C PHE B 710 8.90 5.74 -7.87
N THR B 711 9.66 6.77 -8.23
CA THR B 711 9.24 7.65 -9.31
C THR B 711 9.22 6.93 -10.65
N VAL B 712 10.25 6.14 -10.94
CA VAL B 712 10.30 5.44 -12.23
C VAL B 712 9.13 4.46 -12.35
N GLY B 713 8.92 3.65 -11.31
CA GLY B 713 7.79 2.74 -11.33
C GLY B 713 6.47 3.48 -11.45
N TYR B 714 6.36 4.62 -10.75
CA TYR B 714 5.14 5.43 -10.84
C TYR B 714 4.86 5.83 -12.28
N VAL B 715 5.87 6.38 -12.97
CA VAL B 715 5.67 6.89 -14.32
C VAL B 715 5.44 5.74 -15.30
N LEU B 716 6.28 4.71 -15.23
CA LEU B 716 6.19 3.62 -16.19
C LEU B 716 4.86 2.89 -16.09
N THR B 717 4.37 2.66 -14.86
CA THR B 717 3.12 1.96 -14.68
C THR B 717 1.96 2.70 -15.35
N TYR B 718 1.82 3.99 -15.06
CA TYR B 718 0.70 4.74 -15.62
C TYR B 718 0.84 4.90 -17.13
N ALA B 719 2.06 5.11 -17.62
CA ALA B 719 2.26 5.27 -19.05
C ALA B 719 1.76 4.04 -19.80
N ALA B 720 2.12 2.85 -19.31
CA ALA B 720 1.64 1.63 -19.95
C ALA B 720 0.11 1.53 -19.88
N PHE B 721 -0.47 1.84 -18.72
CA PHE B 721 -1.91 1.80 -18.58
C PHE B 721 -2.58 2.86 -19.46
N LEU B 722 -2.06 4.08 -19.43
CA LEU B 722 -2.66 5.16 -20.22
C LEU B 722 -2.67 4.82 -21.71
N ILE B 723 -1.53 4.39 -22.23
CA ILE B 723 -1.42 4.11 -23.65
C ILE B 723 -2.22 2.86 -24.02
N ALA B 724 -2.03 1.78 -23.26
CA ALA B 724 -2.68 0.52 -23.61
C ALA B 724 -4.19 0.62 -23.52
N SER B 725 -4.71 1.25 -22.45
CA SER B 725 -6.15 1.37 -22.30
C SER B 725 -6.75 2.21 -23.41
N THR B 726 -6.10 3.32 -23.77
CA THR B 726 -6.63 4.17 -24.83
C THR B 726 -6.41 3.53 -26.20
N ALA B 727 -5.22 2.97 -26.44
CA ALA B 727 -4.96 2.34 -27.73
C ALA B 727 -5.87 1.15 -27.96
N GLY B 728 -6.11 0.35 -26.92
CA GLY B 728 -7.00 -0.80 -27.07
C GLY B 728 -8.41 -0.40 -27.43
N LYS B 729 -8.95 0.63 -26.77
CA LYS B 729 -10.30 1.08 -27.07
C LYS B 729 -10.39 1.69 -28.46
N PHE B 730 -9.44 2.57 -28.80
CA PHE B 730 -9.49 3.34 -30.05
C PHE B 730 -8.27 2.99 -30.88
N GLY B 731 -8.40 1.96 -31.72
CA GLY B 731 -7.34 1.55 -32.62
C GLY B 731 -6.01 1.30 -31.92
N ASP C 24 -32.54 31.34 -18.01
CA ASP C 24 -32.90 30.50 -16.88
C ASP C 24 -31.67 29.80 -16.33
N ASP C 25 -31.23 30.22 -15.15
CA ASP C 25 -30.04 29.62 -14.54
C ASP C 25 -30.27 28.15 -14.25
N PHE C 26 -29.21 27.37 -14.38
CA PHE C 26 -29.25 25.93 -14.14
C PHE C 26 -30.16 25.24 -15.15
N ALA C 27 -30.10 25.69 -16.41
CA ALA C 27 -30.89 25.07 -17.45
C ALA C 27 -30.49 23.61 -17.65
N ASN C 28 -29.24 23.27 -17.36
CA ASN C 28 -28.80 21.88 -17.45
C ASN C 28 -29.48 21.01 -16.39
N LEU C 29 -29.98 21.62 -15.31
CA LEU C 29 -30.69 20.90 -14.27
C LEU C 29 -32.19 21.05 -14.45
N THR C 30 -32.94 20.35 -13.61
CA THR C 30 -34.39 20.33 -13.68
C THR C 30 -34.93 20.00 -12.29
N PRO C 31 -36.08 20.54 -11.90
CA PRO C 31 -36.68 20.15 -10.62
C PRO C 31 -36.92 18.65 -10.57
N CYS C 32 -36.67 18.06 -9.40
CA CYS C 32 -36.81 16.62 -9.25
C CYS C 32 -38.24 16.17 -9.54
N SER C 33 -39.23 16.97 -9.14
CA SER C 33 -40.62 16.62 -9.35
C SER C 33 -40.98 16.55 -10.83
N GLU C 34 -40.15 17.12 -11.70
CA GLU C 34 -40.38 17.10 -13.14
C GLU C 34 -39.33 16.30 -13.90
N ASN C 35 -38.37 15.71 -13.21
CA ASN C 35 -37.30 14.97 -13.86
C ASN C 35 -37.75 13.52 -14.09
N PRO C 36 -37.86 13.06 -15.33
CA PRO C 36 -38.33 11.68 -15.54
C PRO C 36 -37.48 10.63 -14.83
N ALA C 37 -36.16 10.82 -14.79
CA ALA C 37 -35.31 9.84 -14.13
C ALA C 37 -35.59 9.77 -12.64
N TYR C 38 -35.79 10.93 -12.00
CA TYR C 38 -36.09 10.93 -10.57
C TYR C 38 -37.43 10.24 -10.30
N LEU C 39 -38.44 10.52 -11.14
CA LEU C 39 -39.76 9.94 -10.90
C LEU C 39 -39.71 8.41 -10.96
N ALA C 40 -39.00 7.86 -11.94
CA ALA C 40 -38.90 6.41 -12.04
C ALA C 40 -38.16 5.83 -10.85
N LYS C 41 -37.05 6.45 -10.44
CA LYS C 41 -36.26 5.92 -9.34
C LYS C 41 -36.92 6.21 -7.99
N SER C 42 -37.55 7.36 -7.84
CA SER C 42 -38.10 7.75 -6.54
C SER C 42 -39.17 6.76 -6.07
N LYS C 43 -39.81 6.05 -7.00
CA LYS C 43 -40.83 5.08 -6.62
C LYS C 43 -40.24 3.82 -5.98
N ASN C 44 -38.92 3.64 -6.05
CA ASN C 44 -38.27 2.45 -5.50
C ASN C 44 -37.24 2.80 -4.44
N PHE C 45 -37.29 4.01 -3.88
CA PHE C 45 -36.35 4.38 -2.83
C PHE C 45 -36.45 3.41 -1.67
N LEU C 46 -35.28 2.92 -1.23
CA LEU C 46 -35.25 1.98 -0.12
C LEU C 46 -35.59 2.66 1.19
N ASN C 47 -36.16 1.89 2.11
CA ASN C 47 -36.44 2.38 3.45
C ASN C 47 -35.14 2.38 4.26
N THR C 48 -34.74 3.56 4.73
CA THR C 48 -33.49 3.69 5.46
C THR C 48 -33.61 3.40 6.95
N THR C 49 -34.83 3.38 7.48
CA THR C 49 -35.05 3.02 8.87
C THR C 49 -36.10 1.92 8.96
N ASN C 50 -36.52 1.58 10.18
CA ASN C 50 -37.58 0.60 10.35
C ASN C 50 -38.94 1.13 9.91
N ASP C 51 -39.06 2.43 9.66
CA ASP C 51 -40.32 2.99 9.19
C ASP C 51 -40.59 2.52 7.76
N PRO C 52 -41.70 1.83 7.50
CA PRO C 52 -41.95 1.35 6.13
C PRO C 52 -42.15 2.46 5.12
N ASN C 53 -42.43 3.69 5.55
CA ASN C 53 -42.67 4.81 4.64
C ASN C 53 -41.45 5.72 4.52
N SER C 54 -40.31 5.35 5.10
CA SER C 54 -39.14 6.22 5.06
C SER C 54 -38.70 6.46 3.61
N GLY C 55 -38.71 5.43 2.78
CA GLY C 55 -38.37 5.62 1.38
C GLY C 55 -39.35 6.52 0.67
N LYS C 56 -40.64 6.38 0.97
CA LYS C 56 -41.64 7.26 0.36
C LYS C 56 -41.47 8.70 0.83
N ILE C 57 -41.17 8.90 2.12
CA ILE C 57 -40.98 10.26 2.64
C ILE C 57 -39.80 10.92 1.95
N ARG C 58 -38.70 10.18 1.78
CA ARG C 58 -37.53 10.75 1.11
C ARG C 58 -37.87 11.16 -0.31
N ALA C 59 -38.70 10.38 -1.01
CA ALA C 59 -39.08 10.72 -2.36
C ALA C 59 -39.80 12.06 -2.42
N GLU C 60 -40.75 12.28 -1.49
CA GLU C 60 -41.46 13.56 -1.47
C GLU C 60 -40.54 14.70 -1.09
N ARG C 61 -39.67 14.49 -0.11
CA ARG C 61 -38.81 15.57 0.37
C ARG C 61 -37.85 16.04 -0.71
N TYR C 62 -37.14 15.11 -1.35
CA TYR C 62 -36.15 15.49 -2.35
C TYR C 62 -36.79 16.00 -3.63
N ALA C 63 -38.10 15.87 -3.80
CA ALA C 63 -38.76 16.35 -5.01
C ALA C 63 -38.57 17.84 -5.22
N SER C 64 -38.34 18.61 -4.15
CA SER C 64 -38.20 20.05 -4.26
C SER C 64 -36.84 20.48 -4.80
N ALA C 65 -35.84 19.60 -4.78
CA ALA C 65 -34.50 19.96 -5.16
C ALA C 65 -34.34 19.91 -6.68
N LEU C 66 -33.20 20.41 -7.15
CA LEU C 66 -32.81 20.31 -8.55
C LEU C 66 -32.07 19.01 -8.80
N CYS C 67 -32.41 18.35 -9.90
CA CYS C 67 -31.84 17.05 -10.24
C CYS C 67 -31.15 17.13 -11.59
N GLY C 68 -30.08 16.34 -11.74
CA GLY C 68 -29.45 16.16 -13.02
C GLY C 68 -30.13 15.09 -13.83
N PRO C 69 -29.54 14.78 -15.00
CA PRO C 69 -30.15 13.75 -15.86
C PRO C 69 -30.30 12.41 -15.16
N GLU C 70 -29.37 12.05 -14.28
CA GLU C 70 -29.43 10.76 -13.61
C GLU C 70 -30.53 10.72 -12.55
N GLY C 71 -31.06 11.87 -12.15
CA GLY C 71 -32.14 11.91 -11.18
C GLY C 71 -31.71 12.07 -9.74
N TYR C 72 -30.45 12.46 -9.48
CA TYR C 72 -30.01 12.67 -8.11
C TYR C 72 -30.03 14.16 -7.77
N PRO C 73 -30.45 14.55 -6.56
CA PRO C 73 -30.46 15.97 -6.22
C PRO C 73 -29.06 16.58 -6.29
N HIS C 74 -29.01 17.83 -6.78
CA HIS C 74 -27.79 18.63 -6.80
C HIS C 74 -27.98 19.85 -5.92
N LEU C 75 -26.93 20.25 -5.22
CA LEU C 75 -26.98 21.36 -4.29
C LEU C 75 -26.34 22.61 -4.91
N ILE C 76 -26.93 23.76 -4.64
CA ILE C 76 -26.46 25.04 -5.14
C ILE C 76 -25.93 25.84 -3.96
N VAL C 77 -24.69 26.29 -4.05
CA VAL C 77 -24.02 26.95 -2.94
C VAL C 77 -23.44 28.30 -3.36
N ASP C 78 -23.94 28.84 -4.47
CA ASP C 78 -23.44 30.12 -4.96
C ASP C 78 -23.86 31.30 -4.10
N GLY C 79 -24.77 31.09 -3.14
CA GLY C 79 -25.23 32.13 -2.26
C GLY C 79 -26.67 32.54 -2.43
N ARG C 80 -27.31 32.15 -3.53
CA ARG C 80 -28.71 32.52 -3.73
C ARG C 80 -29.56 31.98 -2.59
N PHE C 81 -30.44 32.83 -2.05
CA PHE C 81 -31.20 32.47 -0.87
C PHE C 81 -32.29 31.45 -1.17
N THR C 82 -32.65 31.26 -2.44
CA THR C 82 -33.60 30.21 -2.78
C THR C 82 -33.05 28.82 -2.48
N HIS C 83 -31.74 28.70 -2.28
CA HIS C 83 -31.09 27.45 -1.90
C HIS C 83 -30.32 27.61 -0.60
N ALA C 84 -30.77 28.52 0.27
CA ALA C 84 -30.10 28.70 1.56
C ALA C 84 -30.07 27.41 2.37
N GLY C 85 -31.08 26.56 2.20
CA GLY C 85 -31.11 25.30 2.93
C GLY C 85 -30.06 24.31 2.47
N ASP C 86 -29.45 24.54 1.31
CA ASP C 86 -28.45 23.61 0.80
C ASP C 86 -27.14 23.71 1.58
N PHE C 87 -26.60 24.92 1.73
CA PHE C 87 -25.33 25.11 2.40
C PHE C 87 -25.36 26.16 3.49
N LEU C 88 -26.12 27.24 3.31
CA LEU C 88 -26.07 28.35 4.27
C LEU C 88 -26.57 27.93 5.64
N ILE C 89 -27.76 27.34 5.70
CA ILE C 89 -28.32 26.93 7.00
C ILE C 89 -27.45 25.86 7.66
N PRO C 90 -27.03 24.79 6.97
CA PRO C 90 -26.08 23.87 7.60
C PRO C 90 -24.80 24.56 8.03
N SER C 91 -24.32 25.53 7.25
CA SER C 91 -23.07 26.21 7.59
C SER C 91 -23.20 26.99 8.89
N ILE C 92 -24.31 27.71 9.07
CA ILE C 92 -24.50 28.48 10.29
C ILE C 92 -24.54 27.55 11.50
N LEU C 93 -25.25 26.44 11.38
CA LEU C 93 -25.38 25.52 12.50
C LEU C 93 -24.03 24.92 12.88
N PHE C 94 -23.21 24.56 11.88
CA PHE C 94 -21.90 23.99 12.18
C PHE C 94 -21.01 25.01 12.88
N LEU C 95 -20.96 26.23 12.35
CA LEU C 95 -20.05 27.22 12.92
C LEU C 95 -20.42 27.54 14.36
N TYR C 96 -21.73 27.58 14.66
CA TYR C 96 -22.14 27.81 16.04
C TYR C 96 -21.67 26.66 16.94
N ILE C 97 -21.83 25.42 16.49
CA ILE C 97 -21.38 24.27 17.27
C ILE C 97 -19.86 24.24 17.34
N ALA C 98 -19.20 24.43 16.19
CA ALA C 98 -17.75 24.38 16.16
C ALA C 98 -17.14 25.45 17.06
N GLY C 99 -17.61 26.69 16.93
CA GLY C 99 -17.10 27.75 17.78
C GLY C 99 -17.36 27.47 19.25
N TRP C 100 -18.51 26.88 19.55
CA TRP C 100 -18.80 26.47 20.93
C TRP C 100 -17.73 25.52 21.45
N ILE C 101 -17.41 24.48 20.69
CA ILE C 101 -16.44 23.49 21.14
C ILE C 101 -15.08 24.15 21.34
N GLY C 102 -14.63 24.93 20.36
CA GLY C 102 -13.34 25.57 20.48
C GLY C 102 -13.29 26.56 21.62
N TRP C 103 -14.35 27.34 21.81
CA TRP C 103 -14.32 28.40 22.81
C TRP C 103 -14.26 27.83 24.22
N VAL C 104 -15.08 26.82 24.51
CA VAL C 104 -15.08 26.25 25.85
C VAL C 104 -13.77 25.52 26.13
N GLY C 105 -13.25 24.79 25.14
CA GLY C 105 -11.96 24.16 25.32
C GLY C 105 -10.86 25.16 25.58
N ARG C 106 -10.89 26.29 24.86
CA ARG C 106 -9.92 27.36 25.12
C ARG C 106 -10.09 27.92 26.53
N SER C 107 -11.33 28.12 26.96
CA SER C 107 -11.57 28.66 28.29
C SER C 107 -11.05 27.72 29.37
N TYR C 108 -11.34 26.43 29.23
CA TYR C 108 -10.84 25.46 30.20
C TYR C 108 -9.31 25.43 30.21
N LEU C 109 -8.69 25.46 29.04
CA LEU C 109 -7.23 25.42 28.95
C LEU C 109 -6.61 26.61 29.64
N ILE C 110 -7.18 27.81 29.44
CA ILE C 110 -6.64 29.01 30.05
C ILE C 110 -6.76 28.94 31.57
N GLU C 111 -7.91 28.48 32.07
CA GLU C 111 -8.15 28.53 33.51
C GLU C 111 -7.22 27.58 34.25
N ILE C 112 -7.08 26.33 33.77
CA ILE C 112 -6.21 25.38 34.46
C ILE C 112 -4.77 25.83 34.41
N ARG C 113 -4.42 26.69 33.45
CA ARG C 113 -3.06 27.22 33.36
C ARG C 113 -2.68 28.02 34.59
N GLU C 114 -3.66 28.45 35.40
CA GLU C 114 -3.42 29.23 36.60
C GLU C 114 -3.24 28.37 37.83
N SER C 115 -3.25 27.03 37.69
CA SER C 115 -3.12 26.12 38.81
C SER C 115 -1.69 25.62 38.93
N LYS C 116 -1.43 24.90 40.01
CA LYS C 116 -0.07 24.42 40.28
C LYS C 116 0.38 23.42 39.24
N ASN C 117 -0.49 22.50 38.84
CA ASN C 117 -0.14 21.39 37.95
C ASN C 117 -1.12 21.37 36.78
N PRO C 118 -0.98 22.31 35.82
CA PRO C 118 -1.89 22.31 34.67
C PRO C 118 -1.81 21.04 33.84
N GLU C 119 -0.64 20.41 33.76
CA GLU C 119 -0.50 19.22 32.92
C GLU C 119 -1.42 18.10 33.38
N MET C 120 -1.50 17.87 34.70
CA MET C 120 -2.33 16.79 35.20
C MET C 120 -3.81 17.01 34.92
N GLN C 121 -4.24 18.26 34.87
CA GLN C 121 -5.63 18.57 34.59
C GLN C 121 -5.97 18.46 33.10
N GLU C 122 -4.99 18.18 32.25
CA GLU C 122 -5.25 17.92 30.85
C GLU C 122 -5.40 16.43 30.54
N VAL C 123 -4.81 15.57 31.37
CA VAL C 123 -4.99 14.13 31.22
C VAL C 123 -5.96 13.56 32.25
N VAL C 124 -6.20 14.26 33.35
CA VAL C 124 -7.24 13.92 34.32
C VAL C 124 -8.14 15.13 34.41
N ILE C 125 -9.23 15.12 33.66
CA ILE C 125 -10.05 16.31 33.48
C ILE C 125 -10.68 16.70 34.82
N ASN C 126 -10.69 18.00 35.09
CA ASN C 126 -11.44 18.57 36.21
C ASN C 126 -12.90 18.66 35.76
N VAL C 127 -13.63 17.56 35.94
CA VAL C 127 -14.98 17.48 35.38
C VAL C 127 -15.88 18.59 35.88
N PRO C 128 -15.94 18.91 37.18
CA PRO C 128 -16.79 20.04 37.60
C PRO C 128 -16.48 21.33 36.88
N LEU C 129 -15.19 21.62 36.65
CA LEU C 129 -14.83 22.83 35.93
C LEU C 129 -15.19 22.71 34.44
N ALA C 130 -14.94 21.54 33.85
CA ALA C 130 -15.24 21.37 32.43
C ALA C 130 -16.73 21.55 32.16
N ILE C 131 -17.58 20.95 33.00
CA ILE C 131 -19.02 21.07 32.80
C ILE C 131 -19.45 22.54 32.88
N LYS C 132 -18.89 23.29 33.83
CA LYS C 132 -19.20 24.71 33.92
C LYS C 132 -18.87 25.41 32.62
N LYS C 133 -17.67 25.17 32.08
CA LYS C 133 -17.28 25.81 30.82
C LYS C 133 -18.19 25.37 29.69
N MET C 134 -18.50 24.08 29.61
CA MET C 134 -19.30 23.58 28.49
C MET C 134 -20.70 24.18 28.49
N LEU C 135 -21.32 24.30 29.66
CA LEU C 135 -22.67 24.82 29.74
C LEU C 135 -22.74 26.31 29.41
N GLY C 136 -21.61 27.01 29.46
CA GLY C 136 -21.57 28.42 29.15
C GLY C 136 -21.08 28.75 27.75
N GLY C 137 -21.03 27.77 26.85
CA GLY C 137 -20.55 28.02 25.51
C GLY C 137 -21.58 28.59 24.54
N PHE C 138 -22.85 28.63 24.93
CA PHE C 138 -23.88 29.13 24.04
C PHE C 138 -23.77 30.63 23.78
N LEU C 139 -22.99 31.36 24.59
CA LEU C 139 -22.74 32.77 24.37
C LEU C 139 -21.36 33.03 23.77
N TRP C 140 -20.73 32.01 23.20
CA TRP C 140 -19.36 32.19 22.71
C TRP C 140 -19.22 33.32 21.69
N PRO C 141 -20.15 33.53 20.73
CA PRO C 141 -19.93 34.64 19.79
C PRO C 141 -19.82 35.99 20.49
N LEU C 142 -20.61 36.22 21.54
CA LEU C 142 -20.49 37.46 22.28
C LEU C 142 -19.20 37.50 23.10
N ALA C 143 -18.87 36.39 23.75
CA ALA C 143 -17.63 36.34 24.53
C ALA C 143 -16.42 36.56 23.63
N ALA C 144 -16.42 35.95 22.44
CA ALA C 144 -15.29 36.13 21.53
C ALA C 144 -15.13 37.60 21.14
N VAL C 145 -16.24 38.28 20.84
CA VAL C 145 -16.17 39.70 20.51
C VAL C 145 -15.63 40.50 21.69
N GLY C 146 -16.11 40.20 22.90
CA GLY C 146 -15.64 40.93 24.06
C GLY C 146 -14.15 40.75 24.31
N GLU C 147 -13.66 39.51 24.18
CA GLU C 147 -12.24 39.27 24.38
C GLU C 147 -11.40 39.95 23.31
N TYR C 148 -11.88 39.94 22.06
CA TYR C 148 -11.11 40.58 20.99
C TYR C 148 -10.96 42.08 21.24
N THR C 149 -12.04 42.74 21.66
CA THR C 149 -11.97 44.18 21.92
C THR C 149 -11.13 44.48 23.16
N SER C 150 -11.12 43.58 24.14
CA SER C 150 -10.39 43.80 25.38
C SER C 150 -8.95 43.29 25.30
N GLY C 151 -8.49 42.87 24.12
CA GLY C 151 -7.13 42.38 23.98
C GLY C 151 -6.84 41.12 24.75
N LYS C 152 -7.83 40.23 24.89
CA LYS C 152 -7.65 38.96 25.56
C LYS C 152 -7.72 37.76 24.63
N LEU C 153 -8.07 37.98 23.35
CA LEU C 153 -8.15 36.90 22.39
C LEU C 153 -6.83 36.69 21.66
N VAL C 154 -6.22 37.77 21.17
CA VAL C 154 -5.00 37.70 20.37
C VAL C 154 -3.85 38.22 21.23
N MET C 155 -2.78 37.44 21.30
CA MET C 155 -1.58 37.83 22.03
C MET C 155 -0.68 38.67 21.14
N LYS C 156 -0.07 39.70 21.72
CA LYS C 156 0.87 40.52 20.98
C LYS C 156 2.08 39.69 20.56
N ASP C 157 2.57 39.96 19.35
CA ASP C 157 3.73 39.21 18.85
C ASP C 157 4.92 39.34 19.80
N SER C 158 5.08 40.52 20.41
CA SER C 158 6.16 40.70 21.38
C SER C 158 5.94 39.90 22.65
N GLU C 159 4.71 39.41 22.88
CA GLU C 159 4.40 38.64 24.07
C GLU C 159 4.74 37.16 23.91
N ILE C 160 5.12 36.72 22.72
CA ILE C 160 5.43 35.31 22.48
C ILE C 160 6.65 35.20 21.57
N MET D 1 12.28 -11.03 -38.16
CA MET D 1 12.90 -9.77 -37.66
C MET D 1 13.75 -9.11 -38.74
N ASP D 2 13.35 -9.31 -40.00
CA ASP D 2 14.01 -8.63 -41.11
C ASP D 2 13.46 -7.21 -41.21
N GLY D 3 13.80 -6.50 -42.28
CA GLY D 3 13.32 -5.15 -42.47
C GLY D 3 13.22 -4.75 -43.93
N SER D 4 12.06 -4.22 -44.32
CA SER D 4 11.87 -3.71 -45.67
C SER D 4 12.46 -2.32 -45.85
N TYR D 5 12.78 -1.62 -44.77
CA TYR D 5 13.39 -0.31 -44.87
C TYR D 5 14.80 -0.42 -45.45
N ALA D 6 15.27 0.68 -46.03
CA ALA D 6 16.56 0.70 -46.69
C ALA D 6 17.68 0.43 -45.69
N ALA D 7 18.75 -0.20 -46.18
CA ALA D 7 19.91 -0.53 -45.36
C ALA D 7 19.49 -1.31 -44.11
N SER D 8 18.69 -2.36 -44.34
CA SER D 8 18.16 -3.17 -43.25
C SER D 8 19.25 -3.97 -42.55
N TYR D 9 20.46 -4.02 -43.09
CA TYR D 9 21.57 -4.70 -42.42
C TYR D 9 22.17 -3.86 -41.30
N LEU D 10 21.88 -2.57 -41.25
CA LEU D 10 22.49 -1.71 -40.24
C LEU D 10 22.14 -2.14 -38.81
N PRO D 11 20.89 -2.46 -38.49
CA PRO D 11 20.59 -2.90 -37.12
C PRO D 11 21.40 -4.11 -36.68
N TRP D 12 21.73 -5.01 -37.61
CA TRP D 12 22.53 -6.17 -37.26
C TRP D 12 23.90 -5.78 -36.75
N ILE D 13 24.38 -4.58 -37.07
CA ILE D 13 25.70 -4.10 -36.67
C ILE D 13 25.60 -3.12 -35.51
N LEU D 14 24.72 -2.12 -35.64
CA LEU D 14 24.70 -1.03 -34.67
C LEU D 14 24.17 -1.49 -33.31
N ILE D 15 23.10 -2.27 -33.31
CA ILE D 15 22.48 -2.68 -32.03
C ILE D 15 23.45 -3.50 -31.20
N PRO D 16 24.13 -4.52 -31.74
CA PRO D 16 25.16 -5.20 -30.92
C PRO D 16 26.24 -4.26 -30.41
N MET D 17 26.66 -3.30 -31.23
CA MET D 17 27.65 -2.33 -30.78
C MET D 17 27.11 -1.46 -29.66
N VAL D 18 25.89 -0.92 -29.85
CA VAL D 18 25.28 -0.10 -28.81
C VAL D 18 24.90 -0.94 -27.61
N GLY D 19 24.60 -2.22 -27.82
CA GLY D 19 24.13 -3.08 -26.74
C GLY D 19 25.21 -3.84 -26.02
N TRP D 20 26.29 -4.20 -26.73
CA TRP D 20 27.37 -4.99 -26.15
C TRP D 20 28.68 -4.22 -26.05
N LEU D 21 29.17 -3.67 -27.15
CA LEU D 21 30.50 -3.06 -27.13
C LEU D 21 30.50 -1.76 -26.36
N PHE D 22 29.51 -0.90 -26.60
CA PHE D 22 29.48 0.39 -25.90
C PHE D 22 29.37 0.21 -24.39
N PRO D 23 28.46 -0.58 -23.84
CA PRO D 23 28.49 -0.83 -22.39
C PRO D 23 29.78 -1.46 -21.92
N ALA D 24 30.34 -2.40 -22.71
CA ALA D 24 31.55 -3.07 -22.28
C ALA D 24 32.74 -2.11 -22.22
N VAL D 25 32.94 -1.34 -23.29
CA VAL D 25 34.01 -0.35 -23.29
C VAL D 25 33.77 0.70 -22.22
N THR D 26 32.53 1.17 -22.11
CA THR D 26 32.21 2.19 -21.12
C THR D 26 32.47 1.68 -19.71
N MET D 27 31.95 0.49 -19.38
CA MET D 27 32.16 -0.06 -18.05
C MET D 27 33.64 -0.29 -17.79
N GLY D 28 34.36 -0.84 -18.77
CA GLY D 28 35.78 -1.09 -18.58
C GLY D 28 36.56 0.18 -18.34
N LEU D 29 36.33 1.19 -19.18
CA LEU D 29 37.04 2.46 -19.02
C LEU D 29 36.68 3.15 -17.72
N LEU D 30 35.39 3.19 -17.39
CA LEU D 30 34.96 3.88 -16.18
C LEU D 30 35.47 3.18 -14.93
N PHE D 31 35.33 1.86 -14.87
CA PHE D 31 35.80 1.12 -13.70
C PHE D 31 37.31 1.25 -13.53
N ILE D 32 38.05 1.16 -14.63
CA ILE D 32 39.50 1.33 -14.55
C ILE D 32 39.85 2.73 -14.08
N HIS D 33 39.21 3.74 -14.67
CA HIS D 33 39.46 5.12 -14.24
C HIS D 33 39.01 5.36 -12.82
N ILE D 34 37.83 4.84 -12.45
CA ILE D 34 37.33 5.03 -11.10
C ILE D 34 38.23 4.32 -10.09
N GLU D 35 38.78 3.16 -10.47
CA GLU D 35 39.67 2.39 -9.61
C GLU D 35 41.13 2.60 -9.96
N SER D 36 41.51 3.80 -10.38
CA SER D 36 42.89 4.13 -10.70
C SER D 36 43.50 4.99 -9.60
N GLU D 37 44.83 5.01 -9.58
CA GLU D 37 45.56 5.77 -8.57
C GLU D 37 45.17 5.31 -7.17
N MET E 1 -13.29 5.63 46.56
CA MET E 1 -14.26 6.52 45.85
C MET E 1 -13.53 7.62 45.09
N ASP E 2 -12.62 8.32 45.77
CA ASP E 2 -11.88 9.38 45.12
C ASP E 2 -11.04 8.84 43.97
N GLY E 3 -10.39 7.70 44.17
CA GLY E 3 -9.62 7.10 43.09
C GLY E 3 -10.49 6.71 41.91
N LEU E 4 -11.66 6.13 42.18
CA LEU E 4 -12.56 5.76 41.09
C LEU E 4 -13.07 7.00 40.36
N LYS E 5 -13.40 8.07 41.09
CA LYS E 5 -13.84 9.30 40.45
C LYS E 5 -12.75 9.86 39.54
N SER E 6 -11.50 9.85 40.02
CA SER E 6 -10.39 10.33 39.19
C SER E 6 -10.21 9.45 37.96
N PHE E 7 -10.36 8.13 38.11
CA PHE E 7 -10.24 7.24 36.97
C PHE E 7 -11.27 7.57 35.89
N LEU E 8 -12.53 7.80 36.30
CA LEU E 8 -13.56 8.17 35.36
C LEU E 8 -13.36 9.55 34.76
N SER E 9 -12.49 10.36 35.36
CA SER E 9 -12.16 11.69 34.83
C SER E 9 -10.96 11.68 33.91
N THR E 10 -10.32 10.52 33.70
CA THR E 10 -9.15 10.46 32.84
C THR E 10 -9.55 10.73 31.39
N ALA E 11 -8.56 11.20 30.62
CA ALA E 11 -8.81 11.59 29.23
C ALA E 11 -9.47 10.50 28.40
N PRO E 12 -9.01 9.24 28.40
CA PRO E 12 -9.65 8.26 27.52
C PRO E 12 -11.08 7.95 27.90
N VAL E 13 -11.38 7.83 29.19
CA VAL E 13 -12.76 7.59 29.61
C VAL E 13 -13.64 8.76 29.21
N MET E 14 -13.16 9.98 29.43
CA MET E 14 -13.96 11.17 29.16
C MET E 14 -14.27 11.29 27.67
N ILE E 15 -13.26 11.12 26.82
CA ILE E 15 -13.48 11.29 25.38
C ILE E 15 -14.41 10.20 24.86
N MET E 16 -14.23 8.96 25.31
CA MET E 16 -15.12 7.89 24.90
C MET E 16 -16.54 8.13 25.39
N ALA E 17 -16.69 8.66 26.61
CA ALA E 17 -18.01 9.00 27.10
C ALA E 17 -18.65 10.08 26.24
N LEU E 18 -17.89 11.12 25.90
CA LEU E 18 -18.43 12.20 25.06
C LEU E 18 -18.76 11.69 23.67
N LEU E 19 -17.87 10.89 23.07
CA LEU E 19 -18.14 10.35 21.75
C LEU E 19 -19.35 9.43 21.76
N THR E 20 -19.47 8.59 22.79
CA THR E 20 -20.64 7.73 22.90
C THR E 20 -21.91 8.56 23.03
N PHE E 21 -21.87 9.60 23.87
CA PHE E 21 -23.02 10.48 23.99
C PHE E 21 -23.33 11.19 22.68
N THR E 22 -22.30 11.69 22.00
CA THR E 22 -22.51 12.37 20.74
C THR E 22 -23.04 11.40 19.68
N ALA E 23 -22.48 10.19 19.63
CA ALA E 23 -22.96 9.21 18.67
C ALA E 23 -24.43 8.87 18.91
N GLY E 24 -24.82 8.74 20.17
CA GLY E 24 -26.21 8.43 20.47
C GLY E 24 -27.16 9.49 19.98
N ILE E 25 -26.81 10.77 20.16
CA ILE E 25 -27.68 11.85 19.70
C ILE E 25 -27.84 11.79 18.19
N LEU E 26 -26.72 11.66 17.47
CA LEU E 26 -26.79 11.63 16.01
C LEU E 26 -27.58 10.42 15.51
N ILE E 27 -27.36 9.26 16.12
CA ILE E 27 -28.07 8.05 15.69
C ILE E 27 -29.56 8.19 15.95
N GLU E 28 -29.92 8.64 17.16
CA GLU E 28 -31.33 8.73 17.50
C GLU E 28 -32.05 9.77 16.64
N PHE E 29 -31.39 10.90 16.37
CA PHE E 29 -32.01 11.89 15.50
C PHE E 29 -32.27 11.32 14.11
N ASN E 30 -31.29 10.58 13.57
CA ASN E 30 -31.48 9.97 12.26
C ASN E 30 -32.45 8.80 12.30
N ARG E 31 -32.69 8.20 13.46
CA ARG E 31 -33.68 7.15 13.56
C ARG E 31 -35.09 7.70 13.39
N PHE E 32 -35.34 8.91 13.88
CA PHE E 32 -36.66 9.53 13.80
C PHE E 32 -36.80 10.50 12.63
N TYR E 33 -35.72 11.14 12.21
CA TYR E 33 -35.74 12.10 11.11
C TYR E 33 -34.63 11.77 10.12
N PRO E 34 -34.73 10.64 9.43
CA PRO E 34 -33.67 10.24 8.51
C PRO E 34 -33.70 11.01 7.20
N ASP E 35 -32.60 10.91 6.47
CA ASP E 35 -32.52 11.33 5.07
C ASP E 35 -32.59 12.83 4.90
N LEU E 36 -32.11 13.60 5.88
CA LEU E 36 -32.09 15.05 5.77
C LEU E 36 -30.85 15.46 4.99
N LEU E 37 -31.02 15.72 3.70
CA LEU E 37 -29.92 16.17 2.85
C LEU E 37 -29.77 17.69 2.86
N PHE E 38 -30.86 18.42 3.08
CA PHE E 38 -30.84 19.87 3.15
C PHE E 38 -32.00 20.33 4.01
N HIS E 39 -31.88 21.53 4.57
CA HIS E 39 -32.97 22.10 5.35
C HIS E 39 -34.11 22.43 4.41
N PRO E 40 -35.33 21.87 4.63
CA PRO E 40 -36.44 22.16 3.72
C PRO E 40 -36.71 23.65 3.55
N ALA F 9 -12.12 -58.23 10.05
CA ALA F 9 -11.52 -56.93 9.73
C ALA F 9 -10.93 -56.29 10.99
N VAL F 10 -11.79 -56.05 11.99
CA VAL F 10 -11.31 -55.45 13.23
C VAL F 10 -10.32 -56.39 13.89
N PRO F 11 -9.23 -55.91 14.47
CA PRO F 11 -8.31 -56.82 15.16
C PRO F 11 -9.01 -57.59 16.26
N ALA F 12 -8.65 -58.87 16.38
CA ALA F 12 -9.29 -59.73 17.36
C ALA F 12 -8.87 -59.34 18.78
N THR F 13 -9.86 -59.33 19.68
CA THR F 13 -9.62 -59.16 21.11
C THR F 13 -10.23 -60.35 21.84
N LEU F 14 -9.71 -60.61 23.04
CA LEU F 14 -10.05 -61.81 23.79
C LEU F 14 -10.97 -61.47 24.94
N SER F 15 -12.05 -62.24 25.09
CA SER F 15 -12.85 -62.18 26.30
C SER F 15 -12.02 -62.67 27.48
N TRP F 16 -12.28 -62.08 28.65
CA TRP F 16 -11.41 -62.34 29.80
C TRP F 16 -11.41 -63.81 30.18
N SER F 17 -10.25 -64.30 30.59
CA SER F 17 -10.08 -65.68 31.02
C SER F 17 -8.83 -65.75 31.87
N PRO F 18 -8.60 -66.87 32.56
CA PRO F 18 -7.38 -66.98 33.37
C PRO F 18 -6.11 -66.77 32.57
N LYS F 19 -6.13 -67.10 31.28
CA LYS F 19 -4.95 -66.84 30.44
C LYS F 19 -4.62 -65.36 30.41
N VAL F 20 -5.64 -64.50 30.30
CA VAL F 20 -5.41 -63.06 30.30
C VAL F 20 -4.81 -62.63 31.63
N ALA F 21 -5.30 -63.20 32.74
CA ALA F 21 -4.77 -62.85 34.06
C ALA F 21 -3.30 -63.20 34.16
N GLY F 22 -2.91 -64.36 33.65
CA GLY F 22 -1.50 -64.76 33.73
C GLY F 22 -0.58 -63.79 33.02
N VAL F 23 -1.00 -63.32 31.83
CA VAL F 23 -0.18 -62.38 31.09
C VAL F 23 -0.05 -61.06 31.84
N MET F 24 -1.16 -60.55 32.38
CA MET F 24 -1.11 -59.29 33.11
C MET F 24 -0.21 -59.39 34.33
N ILE F 25 -0.33 -60.48 35.08
CA ILE F 25 0.50 -60.66 36.27
C ILE F 25 1.97 -60.77 35.87
N ALA F 26 2.26 -61.53 34.82
CA ALA F 26 3.65 -61.68 34.38
C ALA F 26 4.24 -60.33 33.97
N CYS F 27 3.48 -59.53 33.23
CA CYS F 27 3.98 -58.21 32.83
C CYS F 27 4.19 -57.32 34.03
N ASN F 28 3.28 -57.38 35.02
CA ASN F 28 3.47 -56.60 36.23
C ASN F 28 4.73 -57.03 36.97
N ILE F 29 4.99 -58.34 37.04
CA ILE F 29 6.21 -58.82 37.68
C ILE F 29 7.43 -58.28 36.96
N LEU F 30 7.42 -58.29 35.63
CA LEU F 30 8.54 -57.75 34.88
C LEU F 30 8.73 -56.27 35.15
N ALA F 31 7.63 -55.51 35.21
CA ALA F 31 7.74 -54.08 35.49
C ALA F 31 8.32 -53.85 36.89
N ILE F 32 7.88 -54.64 37.86
CA ILE F 32 8.41 -54.49 39.22
C ILE F 32 9.91 -54.78 39.23
N ALA F 33 10.31 -55.88 38.59
CA ALA F 33 11.73 -56.21 38.54
C ALA F 33 12.51 -55.14 37.78
N PHE F 34 11.97 -54.67 36.65
CA PHE F 34 12.64 -53.64 35.88
C PHE F 34 12.77 -52.36 36.69
N GLY F 35 11.70 -51.98 37.40
CA GLY F 35 11.76 -50.78 38.23
C GLY F 35 12.78 -50.92 39.35
N LYS F 36 12.81 -52.08 40.01
CA LYS F 36 13.75 -52.27 41.11
C LYS F 36 15.19 -52.09 40.67
N LEU F 37 15.50 -52.41 39.42
CA LEU F 37 16.87 -52.33 38.91
C LEU F 37 17.21 -51.01 38.24
N THR F 38 16.20 -50.18 37.91
CA THR F 38 16.44 -48.97 37.13
C THR F 38 16.02 -47.69 37.82
N ILE F 39 15.06 -47.74 38.75
CA ILE F 39 14.61 -46.52 39.41
C ILE F 39 15.73 -45.94 40.26
N LYS F 40 15.97 -44.64 40.12
CA LYS F 40 17.06 -44.01 40.87
C LYS F 40 16.63 -43.64 42.28
N GLN F 41 15.43 -43.09 42.44
CA GLN F 41 14.89 -42.72 43.76
C GLN F 41 13.67 -43.58 44.01
N GLN F 42 13.84 -44.63 44.83
CA GLN F 42 12.80 -45.61 45.07
C GLN F 42 12.02 -45.34 46.36
N ASN F 43 12.71 -45.14 47.48
CA ASN F 43 12.05 -44.90 48.76
C ASN F 43 12.04 -43.40 49.06
N VAL F 44 11.29 -42.66 48.24
CA VAL F 44 11.13 -41.22 48.41
C VAL F 44 9.65 -40.90 48.49
N GLY F 45 9.27 -40.09 49.46
CA GLY F 45 7.89 -39.68 49.61
C GLY F 45 7.11 -40.56 50.55
N THR F 46 5.84 -40.79 50.24
CA THR F 46 4.99 -41.60 51.11
C THR F 46 5.53 -43.03 51.18
N PRO F 47 5.77 -43.57 52.37
CA PRO F 47 6.27 -44.94 52.47
C PRO F 47 5.15 -45.97 52.42
N MET F 48 5.56 -47.24 52.37
CA MET F 48 4.61 -48.34 52.40
C MET F 48 4.45 -48.86 53.83
N PRO F 49 3.31 -49.49 54.13
CA PRO F 49 3.11 -49.99 55.51
C PRO F 49 4.19 -50.97 55.95
N SER F 50 4.72 -51.78 55.03
CA SER F 50 5.80 -52.71 55.35
C SER F 50 6.68 -52.83 54.11
N SER F 51 7.74 -52.01 54.05
CA SER F 51 8.60 -51.97 52.88
C SER F 51 9.41 -53.24 52.69
N ASN F 52 9.43 -54.13 53.68
CA ASN F 52 10.19 -55.37 53.54
C ASN F 52 9.65 -56.21 52.38
N PHE F 53 8.33 -56.30 52.25
CA PHE F 53 7.71 -57.10 51.21
C PHE F 53 7.72 -56.42 49.86
N PHE F 54 8.06 -55.14 49.78
CA PHE F 54 8.08 -54.39 48.53
C PHE F 54 9.50 -54.03 48.10
N GLY F 55 10.51 -54.68 48.66
CA GLY F 55 11.87 -54.42 48.27
C GLY F 55 12.31 -52.99 48.51
N GLY F 56 11.83 -52.38 49.59
CA GLY F 56 12.19 -51.02 49.92
C GLY F 56 11.44 -49.95 49.17
N PHE F 57 10.51 -50.33 48.29
CA PHE F 57 9.76 -49.35 47.52
C PHE F 57 8.87 -48.51 48.42
N GLY F 58 8.78 -47.22 48.13
CA GLY F 58 7.76 -46.37 48.71
C GLY F 58 6.46 -46.49 47.95
N LEU F 59 5.48 -45.69 48.38
CA LEU F 59 4.18 -45.74 47.73
C LEU F 59 4.29 -45.35 46.26
N GLY F 60 5.13 -44.36 45.95
CA GLY F 60 5.28 -43.95 44.57
C GLY F 60 5.85 -45.03 43.68
N ALA F 61 6.90 -45.71 44.16
CA ALA F 61 7.51 -46.77 43.38
C ALA F 61 6.55 -47.94 43.17
N VAL F 62 5.75 -48.26 44.20
CA VAL F 62 4.79 -49.35 44.07
C VAL F 62 3.76 -49.03 42.99
N LEU F 63 3.18 -47.83 43.02
CA LEU F 63 2.19 -47.46 42.02
C LEU F 63 2.83 -47.30 40.65
N GLY F 64 4.05 -46.76 40.59
CA GLY F 64 4.69 -46.55 39.31
C GLY F 64 4.96 -47.84 38.58
N THR F 65 5.53 -48.83 39.28
CA THR F 65 5.80 -50.11 38.65
C THR F 65 4.50 -50.82 38.28
N ALA F 66 3.50 -50.77 39.15
CA ALA F 66 2.21 -51.39 38.84
C ALA F 66 1.57 -50.70 37.64
N SER F 67 1.61 -49.37 37.60
CA SER F 67 1.06 -48.65 36.44
C SER F 67 1.80 -49.03 35.17
N PHE F 68 3.14 -49.08 35.23
CA PHE F 68 3.92 -49.52 34.08
C PHE F 68 3.60 -50.96 33.73
N GLY F 69 3.36 -51.80 34.74
CA GLY F 69 3.00 -53.18 34.47
C GLY F 69 1.68 -53.31 33.74
N HIS F 70 0.67 -52.54 34.15
CA HIS F 70 -0.62 -52.59 33.47
C HIS F 70 -0.48 -52.13 32.01
N ILE F 71 0.34 -51.11 31.76
CA ILE F 71 0.56 -50.65 30.39
C ILE F 71 1.20 -51.75 29.56
N LEU F 72 2.25 -52.38 30.10
CA LEU F 72 2.88 -53.48 29.39
C LEU F 72 1.91 -54.63 29.18
N GLY F 73 1.12 -54.95 30.20
CA GLY F 73 0.15 -56.03 30.07
C GLY F 73 -0.88 -55.74 28.98
N ALA F 74 -1.39 -54.51 28.94
CA ALA F 74 -2.37 -54.16 27.92
C ALA F 74 -1.79 -54.29 26.52
N GLY F 75 -0.56 -53.81 26.32
CA GLY F 75 0.07 -53.92 25.02
C GLY F 75 0.32 -55.36 24.62
N VAL F 76 0.81 -56.18 25.56
CA VAL F 76 1.09 -57.59 25.26
C VAL F 76 -0.20 -58.33 25.00
N ILE F 77 -1.20 -58.14 25.86
CA ILE F 77 -2.46 -58.86 25.71
C ILE F 77 -3.12 -58.51 24.39
N LEU F 78 -3.22 -57.22 24.08
CA LEU F 78 -3.81 -56.81 22.82
C LEU F 78 -2.96 -57.28 21.64
N GLY F 79 -1.64 -57.18 21.76
CA GLY F 79 -0.77 -57.61 20.67
C GLY F 79 -0.88 -59.10 20.40
N LEU F 80 -0.83 -59.91 21.46
CA LEU F 80 -0.95 -61.36 21.28
C LEU F 80 -2.35 -61.73 20.80
N ALA F 81 -3.38 -61.06 21.32
CA ALA F 81 -4.74 -61.30 20.83
C ALA F 81 -4.86 -60.93 19.37
N ASN F 82 -4.22 -59.84 18.95
CA ASN F 82 -4.27 -59.44 17.55
C ASN F 82 -3.70 -60.53 16.66
N MET F 83 -2.57 -61.12 17.05
CA MET F 83 -1.93 -62.16 16.25
C MET F 83 -2.54 -63.54 16.49
N GLY F 84 -3.48 -63.66 17.43
CA GLY F 84 -4.11 -64.94 17.70
C GLY F 84 -3.27 -65.92 18.50
N VAL F 85 -2.12 -65.49 19.01
CA VAL F 85 -1.26 -66.38 19.78
C VAL F 85 -1.84 -66.66 21.17
N LEU F 86 -2.76 -65.82 21.63
CA LEU F 86 -3.36 -65.99 22.96
C LEU F 86 -4.85 -66.28 22.85
N MET G 1 8.72 8.86 -51.85
CA MET G 1 9.41 7.55 -51.98
C MET G 1 10.23 7.25 -50.73
N ALA G 2 10.65 6.00 -50.59
CA ALA G 2 11.47 5.61 -49.45
C ALA G 2 12.90 6.11 -49.62
N LEU G 3 13.58 6.26 -48.49
CA LEU G 3 14.98 6.68 -48.51
C LEU G 3 15.84 5.58 -49.10
N SER G 4 16.92 5.98 -49.77
CA SER G 4 17.84 5.04 -50.38
C SER G 4 18.94 4.64 -49.39
N ASP G 5 19.65 3.57 -49.73
CA ASP G 5 20.73 3.10 -48.87
C ASP G 5 21.81 4.17 -48.73
N THR G 6 22.15 4.85 -49.82
CA THR G 6 23.18 5.88 -49.76
C THR G 6 22.79 7.01 -48.81
N GLN G 7 21.50 7.39 -48.81
CA GLN G 7 21.05 8.43 -47.91
C GLN G 7 21.22 8.02 -46.45
N ILE G 8 20.88 6.78 -46.12
CA ILE G 8 21.04 6.29 -44.75
C ILE G 8 22.51 6.29 -44.36
N LEU G 9 23.36 5.77 -45.25
CA LEU G 9 24.80 5.76 -44.98
C LEU G 9 25.35 7.18 -44.91
N ALA G 10 24.87 8.07 -45.78
CA ALA G 10 25.35 9.45 -45.77
C ALA G 10 25.04 10.11 -44.43
N ALA G 11 23.88 9.85 -43.86
CA ALA G 11 23.54 10.43 -42.56
C ALA G 11 24.51 9.96 -41.49
N LEU G 12 24.89 8.68 -41.52
CA LEU G 12 25.84 8.17 -40.54
C LEU G 12 27.18 8.90 -40.63
N VAL G 13 27.66 9.13 -41.86
CA VAL G 13 28.92 9.84 -42.02
C VAL G 13 28.81 11.26 -41.47
N VAL G 14 27.71 11.95 -41.77
CA VAL G 14 27.51 13.29 -41.25
C VAL G 14 27.46 13.27 -39.73
N ALA G 15 26.86 12.22 -39.16
CA ALA G 15 26.75 12.14 -37.71
C ALA G 15 28.11 12.02 -37.03
N LEU G 16 29.16 11.67 -37.76
CA LEU G 16 30.49 11.64 -37.17
C LEU G 16 30.94 13.05 -36.78
N LEU G 17 30.42 14.08 -37.44
CA LEU G 17 30.82 15.45 -37.09
C LEU G 17 30.39 15.82 -35.67
N PRO G 18 29.10 15.75 -35.33
CA PRO G 18 28.73 16.04 -33.92
C PRO G 18 29.38 15.09 -32.93
N ALA G 19 29.60 13.83 -33.31
CA ALA G 19 30.28 12.90 -32.41
C ALA G 19 31.68 13.39 -32.08
N PHE G 20 32.44 13.77 -33.09
CA PHE G 20 33.79 14.28 -32.86
C PHE G 20 33.76 15.57 -32.04
N LEU G 21 32.84 16.48 -32.37
CA LEU G 21 32.75 17.74 -31.64
C LEU G 21 32.28 17.50 -30.21
N ALA G 22 31.37 16.55 -30.01
CA ALA G 22 30.92 16.23 -28.65
C ALA G 22 32.08 15.72 -27.81
N PHE G 23 32.96 14.91 -28.40
CA PHE G 23 34.13 14.41 -27.67
C PHE G 23 35.04 15.57 -27.27
N ARG G 24 35.27 16.52 -28.18
CA ARG G 24 36.12 17.66 -27.86
C ARG G 24 35.50 18.52 -26.76
N LEU G 25 34.20 18.81 -26.86
CA LEU G 25 33.55 19.62 -25.84
C LEU G 25 33.59 18.93 -24.48
N SER G 26 33.30 17.63 -24.45
CA SER G 26 33.32 16.91 -23.18
C SER G 26 34.70 16.91 -22.57
N THR G 27 35.74 16.70 -23.38
CA THR G 27 37.10 16.73 -22.87
C THR G 27 37.45 18.12 -22.34
N GLU G 28 37.05 19.16 -23.07
CA GLU G 28 37.33 20.53 -22.61
C GLU G 28 36.61 20.83 -21.30
N LEU G 29 35.36 20.38 -21.18
CA LEU G 29 34.63 20.55 -19.93
C LEU G 29 35.29 19.79 -18.79
N TYR G 30 35.93 18.67 -19.10
CA TYR G 30 36.56 17.87 -18.06
C TYR G 30 37.77 18.59 -17.46
N LYS G 31 38.46 19.41 -18.25
CA LYS G 31 39.61 20.16 -17.75
C LYS G 31 39.23 21.00 -16.55
#